data_3DMT
#
_entry.id   3DMT
#
_cell.length_a   78.755
_cell.length_b   83.713
_cell.length_c   105.611
_cell.angle_alpha   90.00
_cell.angle_beta   96.44
_cell.angle_gamma   90.00
#
_symmetry.space_group_name_H-M   'P 1 21 1'
#
loop_
_entity.id
_entity.type
_entity.pdbx_description
1 polymer 'Glyceraldehyde-3-phosphate dehydrogenase, glycosomal'
2 polymer 'Glyceraldehyde-3-phosphate dehydrogenase, glycosomal'
3 non-polymer NICOTINAMIDE-ADENINE-DINUCLEOTIDE
4 non-polymer GLYCEROL
5 water water
#
loop_
_entity_poly.entity_id
_entity_poly.type
_entity_poly.pdbx_seq_one_letter_code
_entity_poly.pdbx_strand_id
1 'polypeptide(L)'
;MPIKVGINGFGRIGRMVFQALCEDGLLGTEIDVVAVVDMNTDAEYFAYQMRYDTVHGKFKYEVTTTKSSPSVAKDDTLVV
NGHRILCVKAQRNPADLPWGKLGVEYVIESTGLFTAKAAAEGHLRGGARKVVISAPASGGAKTLVMGVNHHEYNPSEHHV
VSNASCTTNCLAPIVHVLVKEGFGVQTGLMTTIHSYTATQKTVDGVSVKDWRGGRAAAVNIIPSTTGAAKAVGMVIPSTQ
GKLTGMSFRVPTPDVSVVDLTFTAARDTSIQEIDAALKRASKTYMKGILGYTDEELVSADFINDNRSSIYDSKATLQNNL
PKERRFFKIVSWYDNEWGYSHRVVDLVRHMASKDRSARL
;
A,B,D
2 'polypeptide(L)'
;MPIKVGINGFGRIGRMVFQALCEDGLLGTEIDVVAVVDMNTDAEYFAYQMRYDTVHGKFKYEVTTTKSSPSVAKDDTLVV
NGHRILCVKAQRNPADLPWGKLGVEYVIESTGLFTAKAAAEGHLRGGARKVVISAPASGGAKTLVMGVNHHEYNPSEHHV
VSNAS(CCS)TTNCLAPIVHVLVKEGFGVQTGLMTTIHSYTATQKTVDGVSVKDWRGGRAAAVNIIPSTTGAAKAVGMVI
PSTQGKLTGMSFRVPTPDVSVVDLTFTAARDTSIQEIDAALKRASKTYMKGILGYTDEELVSADFINDNRSSIYDSKATL
QNNLPKERRFFKIVSWYDNEWGYSHRVVDLVRHMASKDRSARL
;
C
#
loop_
_chem_comp.id
_chem_comp.type
_chem_comp.name
_chem_comp.formula
GOL non-polymer GLYCEROL 'C3 H8 O3'
NAD non-polymer NICOTINAMIDE-ADENINE-DINUCLEOTIDE 'C21 H27 N7 O14 P2'
#
# COMPACT_ATOMS: atom_id res chain seq x y z
N MET A 1 -8.82 -31.94 -34.06
CA MET A 1 -9.67 -30.76 -34.32
C MET A 1 -9.51 -29.69 -33.24
N PRO A 2 -10.27 -28.60 -33.35
CA PRO A 2 -10.19 -27.53 -32.37
C PRO A 2 -10.47 -28.03 -30.96
N ILE A 3 -9.55 -27.76 -30.04
CA ILE A 3 -9.72 -28.10 -28.62
C ILE A 3 -10.80 -27.22 -27.96
N LYS A 4 -11.93 -27.83 -27.65
CA LYS A 4 -13.12 -27.10 -27.20
C LYS A 4 -13.10 -26.90 -25.70
N VAL A 5 -12.81 -25.68 -25.28
CA VAL A 5 -12.67 -25.39 -23.85
C VAL A 5 -13.77 -24.45 -23.36
N GLY A 6 -14.09 -24.56 -22.07
CA GLY A 6 -14.99 -23.65 -21.39
C GLY A 6 -14.44 -23.32 -20.02
N ILE A 7 -14.45 -22.03 -19.69
CA ILE A 7 -13.95 -21.57 -18.40
C ILE A 7 -15.10 -21.16 -17.49
N ASN A 8 -15.29 -21.93 -16.42
CA ASN A 8 -16.32 -21.64 -15.45
C ASN A 8 -15.76 -20.81 -14.30
N GLY A 9 -16.08 -19.50 -14.32
CA GLY A 9 -15.58 -18.57 -13.32
C GLY A 9 -14.52 -17.61 -13.84
N PHE A 10 -14.98 -16.55 -14.49
CA PHE A 10 -14.08 -15.56 -15.11
C PHE A 10 -13.62 -14.50 -14.09
N GLY A 11 -12.51 -14.78 -13.40
CA GLY A 11 -11.96 -13.86 -12.42
C GLY A 11 -10.48 -13.67 -12.66
N ARG A 12 -9.73 -13.43 -11.61
CA ARG A 12 -8.28 -13.37 -11.81
C ARG A 12 -7.78 -14.58 -12.63
N ILE A 13 -8.22 -15.77 -12.23
CA ILE A 13 -7.69 -17.02 -12.81
C ILE A 13 -8.39 -17.34 -14.13
N GLY A 14 -9.72 -17.29 -14.14
CA GLY A 14 -10.48 -17.39 -15.38
C GLY A 14 -10.00 -16.50 -16.50
N ARG A 15 -9.73 -15.23 -16.19
CA ARG A 15 -9.31 -14.26 -17.18
C ARG A 15 -7.89 -14.50 -17.56
N MET A 16 -7.01 -14.65 -16.57
CA MET A 16 -5.59 -14.88 -16.87
C MET A 16 -5.39 -16.19 -17.58
N VAL A 17 -6.23 -17.18 -17.30
CA VAL A 17 -6.15 -18.45 -18.03
C VAL A 17 -6.45 -18.09 -19.46
N PHE A 18 -7.55 -17.36 -19.67
CA PHE A 18 -7.87 -16.86 -20.98
C PHE A 18 -6.75 -16.01 -21.60
N GLN A 19 -6.19 -15.10 -20.81
CA GLN A 19 -5.17 -14.15 -21.31
C GLN A 19 -3.88 -14.92 -21.66
N ALA A 20 -3.65 -16.02 -20.94
CA ALA A 20 -2.50 -16.90 -21.13
C ALA A 20 -2.57 -17.72 -22.42
N LEU A 21 -3.75 -18.26 -22.71
CA LEU A 21 -3.93 -19.08 -23.91
C LEU A 21 -3.95 -18.21 -25.17
N CYS A 22 -4.50 -17.00 -25.04
CA CYS A 22 -4.40 -15.98 -26.09
C CYS A 22 -2.98 -15.62 -26.40
N GLU A 23 -2.25 -15.29 -25.34
CA GLU A 23 -0.87 -14.86 -25.39
C GLU A 23 0.07 -15.96 -25.85
N ASP A 24 -0.25 -17.21 -25.52
CA ASP A 24 0.46 -18.37 -26.07
C ASP A 24 0.05 -18.64 -27.53
N GLY A 25 -0.76 -17.72 -28.09
CA GLY A 25 -1.17 -17.76 -29.49
C GLY A 25 -2.06 -18.92 -29.81
N LEU A 26 -2.80 -19.39 -28.81
CA LEU A 26 -3.60 -20.61 -28.94
C LEU A 26 -5.06 -20.38 -29.31
N LEU A 27 -5.59 -19.20 -29.01
CA LEU A 27 -7.01 -18.93 -29.27
C LEU A 27 -7.39 -19.10 -30.73
N GLY A 28 -8.38 -19.97 -30.97
CA GLY A 28 -8.86 -20.24 -32.32
C GLY A 28 -8.14 -21.38 -33.00
N THR A 29 -6.81 -21.36 -32.96
CA THR A 29 -5.96 -22.37 -33.60
C THR A 29 -5.92 -23.64 -32.76
N GLU A 30 -5.02 -23.68 -31.78
CA GLU A 30 -4.91 -24.84 -30.90
C GLU A 30 -6.12 -24.98 -29.98
N ILE A 31 -6.68 -23.84 -29.55
CA ILE A 31 -7.73 -23.84 -28.52
C ILE A 31 -8.94 -22.98 -28.85
N ASP A 32 -10.11 -23.59 -28.75
CA ASP A 32 -11.36 -22.92 -28.99
C ASP A 32 -12.00 -22.73 -27.63
N VAL A 33 -11.89 -21.51 -27.09
CA VAL A 33 -12.70 -21.11 -25.95
C VAL A 33 -14.10 -20.86 -26.48
N VAL A 34 -14.98 -21.82 -26.23
CA VAL A 34 -16.36 -21.78 -26.70
C VAL A 34 -17.20 -20.84 -25.84
N ALA A 35 -17.00 -20.96 -24.53
CA ALA A 35 -17.79 -20.19 -23.58
C ALA A 35 -16.97 -19.88 -22.36
N VAL A 36 -17.27 -18.73 -21.75
CA VAL A 36 -16.79 -18.37 -20.42
C VAL A 36 -18.03 -18.25 -19.55
N VAL A 37 -17.84 -18.08 -18.23
CA VAL A 37 -18.98 -17.89 -17.32
C VAL A 37 -18.66 -17.15 -16.02
N ASP A 38 -19.51 -16.18 -15.68
CA ASP A 38 -19.45 -15.50 -14.41
C ASP A 38 -20.86 -15.18 -13.94
N MET A 39 -20.96 -14.23 -13.01
CA MET A 39 -22.25 -13.79 -12.51
C MET A 39 -23.17 -13.33 -13.64
N ASN A 40 -22.82 -12.22 -14.29
CA ASN A 40 -23.61 -11.72 -15.41
C ASN A 40 -23.14 -12.23 -16.77
N THR A 41 -23.96 -11.94 -17.78
CA THR A 41 -23.72 -12.33 -19.17
C THR A 41 -23.26 -11.10 -19.94
N ASP A 42 -23.11 -10.00 -19.22
CA ASP A 42 -22.69 -8.70 -19.76
C ASP A 42 -21.32 -8.82 -20.40
N ALA A 43 -21.30 -9.09 -21.69
CA ALA A 43 -20.03 -9.27 -22.39
C ALA A 43 -19.21 -7.97 -22.36
N GLU A 44 -19.92 -6.84 -22.30
CA GLU A 44 -19.29 -5.51 -22.22
C GLU A 44 -18.50 -5.36 -20.93
N TYR A 45 -19.04 -5.87 -19.82
CA TYR A 45 -18.29 -5.87 -18.57
C TYR A 45 -17.11 -6.86 -18.60
N PHE A 46 -17.33 -8.08 -19.08
CA PHE A 46 -16.23 -9.04 -19.32
C PHE A 46 -15.13 -8.39 -20.13
N ALA A 47 -15.50 -7.78 -21.25
CA ALA A 47 -14.54 -7.13 -22.17
C ALA A 47 -13.69 -6.09 -21.45
N TYR A 48 -14.33 -5.24 -20.65
CA TYR A 48 -13.63 -4.23 -19.86
C TYR A 48 -12.65 -4.87 -18.89
N GLN A 49 -13.10 -5.95 -18.23
CA GLN A 49 -12.32 -6.72 -17.27
C GLN A 49 -11.11 -7.36 -17.92
N MET A 50 -11.29 -7.87 -19.14
CA MET A 50 -10.20 -8.46 -19.90
C MET A 50 -9.26 -7.40 -20.44
N ARG A 51 -9.82 -6.27 -20.82
CA ARG A 51 -9.06 -5.21 -21.46
C ARG A 51 -8.05 -4.62 -20.48
N TYR A 52 -8.50 -4.45 -19.23
CA TYR A 52 -7.76 -3.69 -18.26
C TYR A 52 -7.47 -4.53 -17.04
N ASP A 53 -6.21 -4.52 -16.63
CA ASP A 53 -5.78 -5.30 -15.50
C ASP A 53 -4.79 -4.46 -14.74
N THR A 54 -5.06 -4.31 -13.46
CA THR A 54 -4.27 -3.50 -12.56
C THR A 54 -2.82 -3.96 -12.52
N VAL A 55 -2.59 -5.29 -12.51
CA VAL A 55 -1.24 -5.86 -12.44
C VAL A 55 -0.70 -6.22 -13.82
N HIS A 56 -1.52 -6.84 -14.65
CA HIS A 56 -0.99 -7.39 -15.88
C HIS A 56 -1.11 -6.45 -17.08
N GLY A 57 -1.66 -5.26 -16.86
CA GLY A 57 -1.68 -4.23 -17.88
C GLY A 57 -2.79 -4.47 -18.87
N LYS A 58 -2.73 -3.78 -19.99
CA LYS A 58 -3.77 -3.90 -21.01
C LYS A 58 -3.60 -5.21 -21.76
N PHE A 59 -4.71 -5.84 -22.08
CA PHE A 59 -4.71 -7.04 -22.89
C PHE A 59 -4.18 -6.73 -24.29
N LYS A 60 -3.25 -7.54 -24.79
CA LYS A 60 -2.59 -7.27 -26.10
C LYS A 60 -3.52 -7.46 -27.29
N TYR A 61 -4.65 -8.14 -27.05
CA TYR A 61 -5.68 -8.38 -28.06
C TYR A 61 -6.91 -7.52 -27.90
N GLU A 62 -7.46 -7.07 -29.03
CA GLU A 62 -8.68 -6.29 -29.08
C GLU A 62 -9.86 -7.17 -28.70
N VAL A 63 -10.69 -6.66 -27.80
CA VAL A 63 -11.86 -7.41 -27.39
C VAL A 63 -13.07 -6.58 -27.69
N THR A 64 -13.92 -7.13 -28.55
CA THR A 64 -15.20 -6.55 -28.85
C THR A 64 -16.29 -7.48 -28.32
N THR A 65 -17.53 -7.09 -28.52
CA THR A 65 -18.67 -7.83 -28.05
C THR A 65 -19.68 -7.92 -29.20
N THR A 66 -20.58 -8.90 -29.11
CA THR A 66 -21.67 -9.05 -30.07
C THR A 66 -22.74 -9.86 -29.38
N LYS A 67 -23.92 -9.94 -29.99
CA LYS A 67 -24.97 -10.82 -29.52
C LYS A 67 -24.82 -12.12 -30.27
N SER A 68 -25.11 -13.23 -29.62
CA SER A 68 -25.06 -14.54 -30.24
C SER A 68 -26.29 -14.70 -31.12
N SER A 69 -27.41 -14.29 -30.55
CA SER A 69 -28.69 -14.24 -31.22
C SER A 69 -29.14 -12.77 -31.20
N PRO A 70 -29.66 -12.26 -32.35
CA PRO A 70 -30.11 -10.87 -32.41
C PRO A 70 -31.25 -10.64 -31.43
N SER A 71 -31.82 -11.74 -30.94
CA SER A 71 -32.91 -11.72 -29.96
C SER A 71 -32.50 -11.29 -28.55
N VAL A 72 -31.20 -11.38 -28.22
CA VAL A 72 -30.73 -11.11 -26.86
C VAL A 72 -30.57 -9.60 -26.60
N ALA A 73 -30.90 -9.17 -25.37
CA ALA A 73 -30.92 -7.75 -25.01
C ALA A 73 -29.55 -7.05 -25.06
N LYS A 74 -28.59 -7.60 -24.33
CA LYS A 74 -27.23 -7.07 -24.31
C LYS A 74 -26.28 -8.07 -24.96
N ASP A 75 -25.18 -7.55 -25.50
CA ASP A 75 -24.08 -8.37 -26.00
C ASP A 75 -23.71 -9.40 -24.96
N ASP A 76 -23.73 -10.67 -25.37
CA ASP A 76 -23.40 -11.80 -24.51
C ASP A 76 -22.24 -12.59 -25.09
N THR A 77 -21.68 -12.09 -26.18
CA THR A 77 -20.59 -12.77 -26.83
C THR A 77 -19.36 -11.86 -26.88
N LEU A 78 -18.22 -12.43 -26.50
CA LEU A 78 -16.92 -11.78 -26.60
C LEU A 78 -16.34 -12.10 -27.95
N VAL A 79 -15.64 -11.15 -28.56
CA VAL A 79 -14.88 -11.42 -29.77
C VAL A 79 -13.43 -11.06 -29.51
N VAL A 80 -12.54 -12.03 -29.59
CA VAL A 80 -11.14 -11.77 -29.31
C VAL A 80 -10.33 -12.22 -30.51
N ASN A 81 -9.68 -11.25 -31.15
CA ASN A 81 -9.01 -11.50 -32.44
C ASN A 81 -9.87 -12.38 -33.34
N GLY A 82 -11.14 -12.00 -33.47
CA GLY A 82 -12.10 -12.66 -34.35
C GLY A 82 -12.65 -13.98 -33.88
N HIS A 83 -12.36 -14.34 -32.63
CA HIS A 83 -12.86 -15.59 -32.08
C HIS A 83 -13.99 -15.29 -31.11
N ARG A 84 -15.08 -16.03 -31.23
CA ARG A 84 -16.28 -15.71 -30.49
C ARG A 84 -16.37 -16.59 -29.26
N ILE A 85 -16.71 -15.97 -28.14
CA ILE A 85 -16.78 -16.61 -26.85
C ILE A 85 -18.09 -16.14 -26.26
N LEU A 86 -19.01 -17.08 -26.09
CA LEU A 86 -20.30 -16.85 -25.44
C LEU A 86 -20.08 -16.69 -23.93
N CYS A 87 -20.77 -15.71 -23.35
CA CYS A 87 -20.78 -15.51 -21.90
C CYS A 87 -22.04 -16.12 -21.35
N VAL A 88 -21.92 -17.29 -20.73
CA VAL A 88 -23.08 -18.05 -20.24
C VAL A 88 -23.38 -17.78 -18.76
N LYS A 89 -24.62 -18.02 -18.36
CA LYS A 89 -25.07 -17.70 -17.00
C LYS A 89 -24.45 -18.61 -15.94
N ALA A 90 -24.10 -18.00 -14.81
CA ALA A 90 -23.51 -18.71 -13.68
C ALA A 90 -24.49 -19.67 -13.03
N GLN A 91 -23.98 -20.80 -12.57
CA GLN A 91 -24.78 -21.80 -11.86
C GLN A 91 -24.32 -21.91 -10.43
N ARG A 92 -25.24 -22.22 -9.52
CA ARG A 92 -24.84 -22.56 -8.16
C ARG A 92 -24.31 -23.99 -8.12
N ASN A 93 -24.63 -24.73 -9.19
CA ASN A 93 -24.29 -26.13 -9.37
C ASN A 93 -23.82 -26.37 -10.81
N PRO A 94 -22.53 -26.75 -11.00
CA PRO A 94 -21.89 -27.10 -12.28
C PRO A 94 -22.70 -28.04 -13.20
N ALA A 95 -23.53 -28.89 -12.60
CA ALA A 95 -24.39 -29.79 -13.34
C ALA A 95 -25.36 -29.05 -14.28
N ASP A 96 -25.69 -27.81 -13.94
CA ASP A 96 -26.62 -26.98 -14.73
C ASP A 96 -25.93 -26.05 -15.74
N LEU A 97 -24.70 -26.39 -16.10
CA LEU A 97 -23.96 -25.70 -17.15
C LEU A 97 -24.18 -26.42 -18.47
N PRO A 98 -24.40 -25.68 -19.55
CA PRO A 98 -24.82 -26.31 -20.79
C PRO A 98 -23.65 -26.77 -21.67
N TRP A 99 -22.63 -27.39 -21.05
CA TRP A 99 -21.43 -27.84 -21.77
C TRP A 99 -21.74 -28.81 -22.90
N GLY A 100 -22.87 -29.50 -22.76
CA GLY A 100 -23.34 -30.47 -23.74
C GLY A 100 -23.65 -29.80 -25.07
N LYS A 101 -24.69 -28.97 -25.06
CA LYS A 101 -25.10 -28.19 -26.25
C LYS A 101 -23.96 -27.33 -26.77
N LEU A 102 -23.25 -26.66 -25.84
CA LEU A 102 -22.13 -25.79 -26.19
C LEU A 102 -20.95 -26.45 -26.85
N GLY A 103 -20.82 -27.77 -26.67
CA GLY A 103 -19.74 -28.55 -27.29
C GLY A 103 -18.43 -28.49 -26.52
N VAL A 104 -18.49 -28.04 -25.28
CA VAL A 104 -17.29 -27.95 -24.45
C VAL A 104 -16.90 -29.33 -23.93
N GLU A 105 -15.71 -29.78 -24.35
CA GLU A 105 -15.07 -30.99 -23.82
C GLU A 105 -14.29 -30.71 -22.53
N TYR A 106 -13.45 -29.66 -22.56
CA TYR A 106 -12.59 -29.31 -21.41
C TYR A 106 -13.13 -28.14 -20.62
N VAL A 107 -13.35 -28.35 -19.34
CA VAL A 107 -13.77 -27.27 -18.45
C VAL A 107 -12.66 -26.90 -17.49
N ILE A 108 -12.48 -25.58 -17.32
CA ILE A 108 -11.54 -25.04 -16.36
C ILE A 108 -12.35 -24.52 -15.20
N GLU A 109 -12.13 -25.14 -14.05
CA GLU A 109 -12.93 -24.83 -12.89
C GLU A 109 -12.22 -23.83 -11.97
N SER A 110 -12.51 -22.55 -12.24
CA SER A 110 -11.81 -21.43 -11.64
C SER A 110 -12.72 -20.49 -10.87
N THR A 111 -13.85 -21.01 -10.42
CA THR A 111 -14.77 -20.23 -9.59
C THR A 111 -14.22 -20.11 -8.17
N GLY A 112 -13.54 -21.18 -7.74
CA GLY A 112 -13.01 -21.28 -6.38
C GLY A 112 -13.93 -22.07 -5.46
N LEU A 113 -15.09 -22.42 -6.03
CA LEU A 113 -16.27 -22.82 -5.28
C LEU A 113 -16.61 -24.29 -5.45
N PHE A 114 -16.11 -24.90 -6.53
CA PHE A 114 -16.34 -26.32 -6.83
C PHE A 114 -15.03 -27.12 -6.90
N THR A 115 -14.20 -26.87 -5.89
CA THR A 115 -12.90 -27.53 -5.73
C THR A 115 -13.08 -28.93 -5.12
N ALA A 116 -14.24 -29.16 -4.51
CA ALA A 116 -14.67 -30.48 -4.10
C ALA A 116 -14.84 -31.28 -5.39
N LYS A 117 -14.14 -32.41 -5.50
CA LYS A 117 -14.13 -33.18 -6.73
C LYS A 117 -15.54 -33.46 -7.19
N ALA A 118 -16.39 -33.91 -6.25
CA ALA A 118 -17.77 -34.29 -6.51
C ALA A 118 -18.57 -33.12 -7.05
N ALA A 119 -18.51 -31.99 -6.36
CA ALA A 119 -19.04 -30.74 -6.85
C ALA A 119 -18.62 -30.50 -8.30
N ALA A 120 -17.31 -30.45 -8.53
CA ALA A 120 -16.73 -30.26 -9.86
C ALA A 120 -17.09 -31.35 -10.88
N GLU A 121 -17.61 -32.47 -10.39
CA GLU A 121 -18.10 -33.54 -11.25
C GLU A 121 -19.36 -33.13 -12.00
N GLY A 122 -19.99 -32.06 -11.52
CA GLY A 122 -21.12 -31.44 -12.20
C GLY A 122 -20.91 -31.12 -13.67
N HIS A 123 -19.77 -30.51 -14.02
CA HIS A 123 -19.44 -30.18 -15.42
C HIS A 123 -19.59 -31.39 -16.33
N LEU A 124 -19.29 -32.55 -15.76
CA LEU A 124 -19.44 -33.84 -16.42
C LEU A 124 -20.93 -34.16 -16.65
N ARG A 125 -21.73 -33.93 -15.61
CA ARG A 125 -23.17 -34.17 -15.69
C ARG A 125 -23.82 -33.12 -16.63
N GLY A 126 -23.10 -32.01 -16.83
CA GLY A 126 -23.55 -30.91 -17.69
C GLY A 126 -23.23 -31.09 -19.17
N GLY A 127 -22.29 -31.98 -19.49
CA GLY A 127 -21.99 -32.30 -20.88
C GLY A 127 -20.51 -32.43 -21.19
N ALA A 128 -19.66 -31.91 -20.29
CA ALA A 128 -18.21 -31.92 -20.48
C ALA A 128 -17.59 -33.25 -20.08
N ARG A 129 -16.53 -33.64 -20.80
CA ARG A 129 -15.82 -34.89 -20.49
C ARG A 129 -14.63 -34.72 -19.51
N LYS A 130 -14.01 -33.53 -19.50
CA LYS A 130 -12.88 -33.22 -18.61
C LYS A 130 -13.08 -31.93 -17.81
N VAL A 131 -12.51 -31.91 -16.60
CA VAL A 131 -12.53 -30.72 -15.76
C VAL A 131 -11.16 -30.51 -15.10
N VAL A 132 -10.61 -29.31 -15.26
CA VAL A 132 -9.36 -28.91 -14.62
C VAL A 132 -9.71 -27.96 -13.50
N ILE A 133 -9.52 -28.39 -12.26
CA ILE A 133 -9.78 -27.52 -11.10
C ILE A 133 -8.54 -26.65 -10.82
N SER A 134 -8.74 -25.35 -11.00
CA SER A 134 -7.70 -24.34 -10.93
C SER A 134 -7.37 -24.04 -9.47
N ALA A 135 -7.48 -25.05 -8.63
CA ALA A 135 -7.12 -24.95 -7.23
C ALA A 135 -6.82 -26.35 -6.75
N PRO A 136 -6.22 -26.48 -5.55
CA PRO A 136 -6.23 -27.77 -4.89
C PRO A 136 -7.64 -28.35 -4.93
N ALA A 137 -7.73 -29.63 -5.25
CA ALA A 137 -9.01 -30.33 -5.19
C ALA A 137 -9.07 -31.25 -3.96
N SER A 138 -10.17 -31.17 -3.21
CA SER A 138 -10.54 -32.21 -2.24
C SER A 138 -11.33 -33.30 -2.98
N GLY A 139 -11.45 -34.47 -2.37
CA GLY A 139 -12.25 -35.57 -2.90
C GLY A 139 -11.57 -36.57 -3.83
N GLY A 140 -10.24 -36.58 -3.85
CA GLY A 140 -9.50 -37.59 -4.60
C GLY A 140 -9.37 -37.29 -6.08
N ALA A 141 -9.58 -36.03 -6.46
CA ALA A 141 -9.25 -35.58 -7.81
C ALA A 141 -7.74 -35.67 -7.94
N LYS A 142 -7.28 -36.15 -9.08
CA LYS A 142 -5.87 -36.28 -9.38
C LYS A 142 -5.21 -34.91 -9.57
N THR A 143 -4.30 -34.61 -8.66
CA THR A 143 -3.53 -33.38 -8.70
C THR A 143 -2.34 -33.55 -9.63
N LEU A 144 -2.23 -32.62 -10.58
CA LEU A 144 -1.15 -32.59 -11.54
C LEU A 144 -0.46 -31.25 -11.52
N VAL A 145 0.87 -31.29 -11.56
CA VAL A 145 1.68 -30.09 -11.68
C VAL A 145 2.54 -30.31 -12.90
N MET A 146 2.47 -29.37 -13.84
CA MET A 146 3.25 -29.44 -15.05
C MET A 146 4.72 -29.38 -14.72
N GLY A 147 5.49 -30.28 -15.33
CA GLY A 147 6.95 -30.30 -15.18
C GLY A 147 7.38 -31.24 -14.07
N VAL A 148 6.43 -31.60 -13.21
CA VAL A 148 6.67 -32.44 -12.05
C VAL A 148 6.08 -33.86 -12.20
N ASN A 149 4.77 -33.96 -12.41
CA ASN A 149 4.08 -35.25 -12.50
C ASN A 149 3.03 -35.28 -13.60
N HIS A 150 2.95 -34.24 -14.40
CA HIS A 150 1.82 -34.12 -15.34
C HIS A 150 1.71 -35.32 -16.28
N HIS A 151 2.80 -36.07 -16.38
CA HIS A 151 2.75 -37.34 -17.11
C HIS A 151 2.00 -38.48 -16.40
N GLU A 152 1.66 -38.30 -15.14
CA GLU A 152 0.87 -39.30 -14.41
C GLU A 152 -0.62 -39.26 -14.76
N TYR A 153 -1.00 -38.28 -15.57
CA TYR A 153 -2.37 -38.12 -16.01
C TYR A 153 -2.77 -39.32 -16.86
N ASN A 154 -3.91 -39.91 -16.53
CA ASN A 154 -4.45 -41.05 -17.26
C ASN A 154 -5.83 -40.73 -17.81
N PRO A 155 -5.95 -40.57 -19.13
CA PRO A 155 -7.21 -40.29 -19.83
C PRO A 155 -8.43 -41.11 -19.36
N SER A 156 -8.22 -42.36 -18.94
CA SER A 156 -9.32 -43.26 -18.62
C SER A 156 -9.80 -43.19 -17.17
N GLU A 157 -8.93 -42.73 -16.25
CA GLU A 157 -9.28 -42.63 -14.83
C GLU A 157 -9.37 -41.18 -14.35
N HIS A 158 -8.65 -40.30 -15.04
CA HIS A 158 -8.58 -38.89 -14.64
C HIS A 158 -9.41 -38.03 -15.58
N HIS A 159 -10.52 -37.53 -15.05
CA HIS A 159 -11.43 -36.69 -15.79
C HIS A 159 -11.71 -35.42 -15.00
N VAL A 160 -11.58 -35.51 -13.68
CA VAL A 160 -11.60 -34.33 -12.83
C VAL A 160 -10.25 -34.20 -12.12
N VAL A 161 -9.43 -33.31 -12.66
CA VAL A 161 -8.08 -33.10 -12.14
C VAL A 161 -7.95 -31.73 -11.48
N SER A 162 -7.03 -31.66 -10.53
CA SER A 162 -6.60 -30.40 -9.95
C SER A 162 -5.31 -30.00 -10.64
N ASN A 163 -5.16 -28.70 -10.89
CA ASN A 163 -3.89 -28.15 -11.31
C ASN A 163 -3.07 -27.72 -10.07
N ALA A 164 -3.55 -28.12 -8.90
CA ALA A 164 -2.91 -27.78 -7.64
C ALA A 164 -3.05 -26.29 -7.39
N SER A 165 -2.21 -25.74 -6.54
CA SER A 165 -2.25 -24.33 -6.29
C SER A 165 -1.09 -23.67 -6.99
N CYS A 166 -1.18 -22.35 -7.07
CA CYS A 166 -0.07 -21.55 -7.56
C CYS A 166 1.16 -21.77 -6.68
N THR A 167 0.97 -21.90 -5.38
CA THR A 167 2.08 -22.12 -4.45
C THR A 167 2.73 -23.49 -4.63
N THR A 168 1.91 -24.53 -4.77
CA THR A 168 2.39 -25.88 -5.07
C THR A 168 3.12 -25.89 -6.41
N ASN A 169 2.57 -25.19 -7.40
CA ASN A 169 3.23 -25.05 -8.68
C ASN A 169 4.58 -24.35 -8.58
N CYS A 170 4.76 -23.51 -7.57
CA CYS A 170 6.04 -22.89 -7.33
C CYS A 170 6.95 -23.87 -6.64
N LEU A 171 6.44 -24.47 -5.57
CA LEU A 171 7.23 -25.31 -4.69
C LEU A 171 7.59 -26.66 -5.31
N ALA A 172 6.62 -27.31 -5.93
CA ALA A 172 6.81 -28.67 -6.42
C ALA A 172 7.95 -28.78 -7.41
N PRO A 173 8.06 -27.85 -8.38
CA PRO A 173 9.21 -27.85 -9.27
C PRO A 173 10.55 -27.74 -8.57
N ILE A 174 10.65 -26.94 -7.51
CA ILE A 174 11.86 -26.89 -6.69
C ILE A 174 12.13 -28.24 -6.09
N VAL A 175 11.10 -28.79 -5.44
CA VAL A 175 11.23 -30.06 -4.73
C VAL A 175 11.53 -31.19 -5.71
N HIS A 176 10.91 -31.12 -6.88
CA HIS A 176 11.14 -32.11 -7.94
C HIS A 176 12.60 -32.13 -8.36
N VAL A 177 13.15 -30.96 -8.65
CA VAL A 177 14.58 -30.86 -8.95
C VAL A 177 15.40 -31.41 -7.79
N LEU A 178 15.09 -30.96 -6.58
CA LEU A 178 15.77 -31.44 -5.40
C LEU A 178 15.82 -32.95 -5.35
N VAL A 179 14.65 -33.59 -5.45
CA VAL A 179 14.55 -35.05 -5.45
C VAL A 179 15.27 -35.69 -6.63
N LYS A 180 14.97 -35.22 -7.83
CA LYS A 180 15.43 -35.85 -9.09
C LYS A 180 16.94 -35.64 -9.32
N GLU A 181 17.45 -34.52 -8.85
CA GLU A 181 18.89 -34.26 -8.93
C GLU A 181 19.70 -34.97 -7.84
N GLY A 182 19.01 -35.75 -7.01
CA GLY A 182 19.66 -36.61 -6.05
C GLY A 182 19.88 -36.04 -4.67
N PHE A 183 19.56 -34.77 -4.47
CA PHE A 183 19.79 -34.13 -3.16
C PHE A 183 18.83 -34.69 -2.17
N GLY A 184 17.58 -34.82 -2.61
CA GLY A 184 16.48 -35.35 -1.84
C GLY A 184 16.00 -34.35 -0.81
N VAL A 185 14.84 -34.65 -0.25
CA VAL A 185 14.29 -33.88 0.84
C VAL A 185 13.93 -34.86 1.95
N GLN A 186 14.53 -34.69 3.12
CA GLN A 186 14.14 -35.50 4.26
C GLN A 186 12.94 -34.87 4.88
N THR A 187 13.09 -33.60 5.24
CA THR A 187 11.98 -32.81 5.73
C THR A 187 12.13 -31.39 5.20
N GLY A 188 11.03 -30.66 5.21
CA GLY A 188 11.06 -29.31 4.75
C GLY A 188 9.90 -28.53 5.29
N LEU A 189 10.16 -27.27 5.59
CA LEU A 189 9.14 -26.30 5.90
C LEU A 189 9.24 -25.18 4.88
N MET A 190 8.10 -24.66 4.48
CA MET A 190 8.08 -23.68 3.44
C MET A 190 7.28 -22.54 3.96
N THR A 191 7.73 -21.35 3.66
CA THR A 191 6.94 -20.17 3.89
C THR A 191 6.79 -19.50 2.56
N THR A 192 5.56 -19.15 2.25
CA THR A 192 5.28 -18.33 1.10
C THR A 192 4.90 -16.94 1.58
N ILE A 193 5.64 -15.96 1.09
CA ILE A 193 5.28 -14.57 1.24
C ILE A 193 4.36 -14.27 0.06
N HIS A 194 3.10 -14.06 0.36
CA HIS A 194 2.08 -14.11 -0.63
C HIS A 194 1.41 -12.76 -0.81
N SER A 195 1.25 -12.37 -2.08
CA SER A 195 0.36 -11.29 -2.44
C SER A 195 -1.05 -11.63 -2.00
N TYR A 196 -1.79 -10.59 -1.60
CA TYR A 196 -3.17 -10.79 -1.22
C TYR A 196 -4.00 -11.16 -2.44
N THR A 197 -5.18 -11.70 -2.18
CA THR A 197 -5.98 -12.31 -3.22
C THR A 197 -7.43 -11.86 -3.07
N ALA A 198 -8.29 -12.33 -3.96
CA ALA A 198 -9.70 -11.92 -3.99
C ALA A 198 -10.46 -12.22 -2.73
N THR A 199 -10.10 -13.33 -2.08
CA THR A 199 -10.82 -13.81 -0.90
C THR A 199 -10.52 -12.95 0.32
N GLN A 200 -9.52 -12.10 0.19
CA GLN A 200 -9.15 -11.20 1.25
C GLN A 200 -9.99 -9.91 1.24
N LYS A 201 -9.77 -9.07 2.25
CA LYS A 201 -10.61 -7.91 2.49
C LYS A 201 -9.81 -6.62 2.45
N THR A 202 -10.37 -5.62 1.82
CA THR A 202 -9.78 -4.29 1.83
C THR A 202 -9.65 -3.75 3.26
N VAL A 203 -10.70 -3.92 4.05
CA VAL A 203 -10.67 -3.43 5.43
C VAL A 203 -11.04 -4.59 6.33
N ASP A 204 -10.74 -4.48 7.63
CA ASP A 204 -11.11 -5.54 8.57
C ASP A 204 -12.58 -5.91 8.34
N GLY A 205 -12.81 -7.14 7.90
CA GLY A 205 -14.15 -7.64 7.62
C GLY A 205 -14.35 -9.04 8.13
N VAL A 206 -15.56 -9.55 8.00
CA VAL A 206 -15.90 -10.87 8.53
C VAL A 206 -15.31 -12.00 7.68
N SER A 207 -14.54 -12.86 8.33
CA SER A 207 -13.95 -14.01 7.69
C SER A 207 -13.89 -15.13 8.72
N VAL A 208 -15.03 -15.80 8.87
CA VAL A 208 -15.29 -16.63 10.05
C VAL A 208 -14.42 -17.89 10.06
N LYS A 209 -14.05 -18.36 8.86
CA LYS A 209 -13.26 -19.57 8.71
C LYS A 209 -11.75 -19.26 8.59
N ASP A 210 -11.44 -17.96 8.63
CA ASP A 210 -10.07 -17.48 8.56
C ASP A 210 -10.03 -16.05 9.14
N TRP A 211 -10.01 -15.96 10.46
CA TRP A 211 -9.99 -14.68 11.17
C TRP A 211 -8.90 -13.71 10.72
N ARG A 212 -7.67 -14.17 10.62
CA ARG A 212 -6.60 -13.31 10.12
C ARG A 212 -6.87 -12.85 8.68
N GLY A 213 -7.31 -13.78 7.83
CA GLY A 213 -7.72 -13.49 6.44
C GLY A 213 -8.81 -12.44 6.29
N GLY A 214 -9.46 -12.10 7.41
CA GLY A 214 -10.55 -11.15 7.38
C GLY A 214 -10.03 -9.74 7.51
N ARG A 215 -8.75 -9.63 7.89
CA ARG A 215 -8.18 -8.36 8.25
C ARG A 215 -7.66 -7.60 7.03
N ALA A 216 -7.65 -6.28 7.14
CA ALA A 216 -7.33 -5.42 6.03
C ALA A 216 -6.07 -5.92 5.35
N ALA A 217 -6.19 -6.30 4.08
CA ALA A 217 -5.17 -7.09 3.37
C ALA A 217 -3.94 -6.31 2.98
N ALA A 218 -4.15 -5.03 2.63
CA ALA A 218 -3.11 -4.20 2.02
C ALA A 218 -2.34 -3.34 3.04
N VAL A 219 -2.62 -3.55 4.31
CA VAL A 219 -1.94 -2.84 5.39
C VAL A 219 -1.43 -3.81 6.44
N ASN A 220 -1.48 -5.09 6.12
CA ASN A 220 -1.17 -6.11 7.10
C ASN A 220 -0.26 -7.20 6.54
N ILE A 221 0.61 -7.71 7.40
CA ILE A 221 1.18 -9.04 7.16
C ILE A 221 0.21 -10.02 7.82
N ILE A 222 -0.30 -10.94 7.02
CA ILE A 222 -1.36 -11.83 7.45
C ILE A 222 -0.95 -13.29 7.32
N PRO A 223 -0.62 -13.92 8.47
CA PRO A 223 -0.21 -15.32 8.43
C PRO A 223 -1.39 -16.19 8.02
N SER A 224 -1.07 -17.34 7.47
CA SER A 224 -2.09 -18.27 7.04
C SER A 224 -1.45 -19.64 6.92
N THR A 225 -2.18 -20.67 7.34
CA THR A 225 -1.89 -22.04 6.95
C THR A 225 -1.94 -22.10 5.43
N THR A 226 -1.09 -22.96 4.86
CA THR A 226 -1.26 -23.35 3.47
C THR A 226 -1.17 -24.86 3.35
N GLY A 227 -1.96 -25.42 2.43
CA GLY A 227 -1.95 -26.85 2.13
C GLY A 227 -0.92 -27.19 1.08
N ALA A 228 -0.34 -26.15 0.49
CA ALA A 228 0.60 -26.20 -0.64
C ALA A 228 1.78 -27.12 -0.46
N ALA A 229 2.39 -27.07 0.72
CA ALA A 229 3.56 -27.89 0.98
C ALA A 229 3.17 -29.33 1.15
N LYS A 230 2.09 -29.57 1.90
CA LYS A 230 1.54 -30.93 2.08
C LYS A 230 1.15 -31.51 0.74
N ALA A 231 0.49 -30.67 -0.07
CA ALA A 231 0.05 -31.01 -1.42
C ALA A 231 1.16 -31.49 -2.35
N VAL A 232 2.39 -31.01 -2.16
CA VAL A 232 3.53 -31.51 -2.91
C VAL A 232 3.66 -33.02 -2.69
N GLY A 233 3.28 -33.47 -1.49
CA GLY A 233 3.32 -34.88 -1.12
C GLY A 233 2.33 -35.76 -1.87
N MET A 234 1.40 -35.13 -2.58
CA MET A 234 0.56 -35.81 -3.54
C MET A 234 1.31 -35.85 -4.87
N VAL A 235 1.79 -34.67 -5.28
CA VAL A 235 2.49 -34.51 -6.56
C VAL A 235 3.84 -35.29 -6.66
N ILE A 236 4.60 -35.28 -5.56
CA ILE A 236 5.86 -36.02 -5.44
C ILE A 236 5.69 -36.85 -4.19
N PRO A 237 5.09 -38.04 -4.33
CA PRO A 237 4.65 -38.86 -3.19
C PRO A 237 5.79 -39.29 -2.22
N SER A 238 7.00 -39.47 -2.74
CA SER A 238 8.15 -39.72 -1.87
C SER A 238 8.27 -38.65 -0.76
N THR A 239 7.66 -37.48 -0.97
CA THR A 239 7.76 -36.37 -0.01
C THR A 239 6.53 -36.26 0.89
N GLN A 240 5.59 -37.20 0.73
CA GLN A 240 4.39 -37.27 1.57
C GLN A 240 4.82 -37.25 3.02
N GLY A 241 4.20 -36.35 3.79
CA GLY A 241 4.49 -36.18 5.21
C GLY A 241 5.78 -35.44 5.56
N LYS A 242 6.59 -35.16 4.55
CA LYS A 242 7.92 -34.61 4.76
C LYS A 242 7.93 -33.09 4.73
N LEU A 243 6.85 -32.52 4.20
CA LEU A 243 6.79 -31.09 3.88
C LEU A 243 5.53 -30.47 4.44
N THR A 244 5.68 -29.32 5.05
CA THR A 244 4.54 -28.45 5.21
C THR A 244 5.01 -27.01 5.21
N GLY A 245 4.10 -26.09 5.41
CA GLY A 245 4.50 -24.72 5.49
C GLY A 245 3.32 -23.84 5.70
N MET A 246 3.57 -22.55 5.57
CA MET A 246 2.58 -21.54 5.85
C MET A 246 2.71 -20.40 4.87
N SER A 247 1.77 -19.48 4.98
CA SER A 247 1.72 -18.31 4.14
C SER A 247 1.76 -17.09 5.04
N PHE A 248 2.43 -16.06 4.56
CA PHE A 248 2.24 -14.71 5.04
C PHE A 248 1.72 -13.91 3.88
N ARG A 249 0.48 -13.46 4.00
CA ARG A 249 -0.12 -12.57 3.00
C ARG A 249 0.27 -11.13 3.33
N VAL A 250 0.87 -10.48 2.33
CA VAL A 250 1.45 -9.17 2.46
C VAL A 250 0.81 -8.27 1.41
N PRO A 251 0.91 -6.94 1.63
CA PRO A 251 0.36 -5.88 0.80
C PRO A 251 0.97 -5.73 -0.58
N THR A 252 0.83 -6.78 -1.39
CA THR A 252 1.03 -6.72 -2.85
C THR A 252 -0.12 -7.46 -3.48
N PRO A 253 -0.60 -6.99 -4.66
CA PRO A 253 -1.74 -7.58 -5.35
C PRO A 253 -1.43 -8.78 -6.21
N ASP A 254 -0.14 -9.02 -6.45
CA ASP A 254 0.30 -10.15 -7.21
C ASP A 254 1.79 -10.36 -7.07
N VAL A 255 2.19 -11.63 -7.19
CA VAL A 255 3.55 -12.14 -7.10
C VAL A 255 3.86 -12.62 -5.69
N SER A 256 4.36 -13.84 -5.60
CA SER A 256 4.64 -14.43 -4.32
C SER A 256 5.98 -15.09 -4.37
N VAL A 257 6.46 -15.54 -3.22
CA VAL A 257 7.74 -16.19 -3.20
C VAL A 257 7.66 -17.35 -2.25
N VAL A 258 8.27 -18.46 -2.64
CA VAL A 258 8.45 -19.59 -1.77
C VAL A 258 9.81 -19.42 -1.15
N ASP A 259 9.82 -19.62 0.16
CA ASP A 259 10.99 -19.59 0.96
C ASP A 259 10.97 -20.97 1.59
N LEU A 260 11.66 -21.89 0.94
CA LEU A 260 11.62 -23.26 1.39
C LEU A 260 12.84 -23.54 2.20
N THR A 261 12.64 -24.11 3.38
CA THR A 261 13.74 -24.59 4.15
C THR A 261 13.65 -26.09 4.30
N PHE A 262 14.73 -26.78 3.98
CA PHE A 262 14.67 -28.22 3.96
C PHE A 262 16.00 -28.79 4.36
N THR A 263 15.99 -30.09 4.61
CA THR A 263 17.16 -30.86 4.94
C THR A 263 17.27 -31.87 3.82
N ALA A 264 18.41 -31.86 3.14
CA ALA A 264 18.66 -32.76 2.02
C ALA A 264 18.73 -34.20 2.49
N ALA A 265 18.62 -35.13 1.56
CA ALA A 265 18.70 -36.54 1.93
C ALA A 265 20.14 -37.05 1.83
N ARG A 266 21.02 -36.23 1.28
CA ARG A 266 22.46 -36.49 1.30
C ARG A 266 23.21 -35.19 1.52
N ASP A 267 24.48 -35.32 1.89
CA ASP A 267 25.38 -34.19 2.01
C ASP A 267 25.54 -33.52 0.67
N THR A 268 25.34 -32.21 0.69
CA THR A 268 25.42 -31.44 -0.51
C THR A 268 25.94 -30.05 -0.19
N SER A 269 25.67 -29.09 -1.06
CA SER A 269 25.93 -27.70 -0.74
C SER A 269 24.92 -26.85 -1.48
N ILE A 270 24.81 -25.59 -1.08
CA ILE A 270 23.87 -24.70 -1.72
C ILE A 270 24.26 -24.43 -3.16
N GLN A 271 25.56 -24.45 -3.41
CA GLN A 271 26.13 -24.27 -4.73
C GLN A 271 25.75 -25.43 -5.61
N GLU A 272 25.70 -26.64 -5.03
CA GLU A 272 25.24 -27.81 -5.77
C GLU A 272 23.78 -27.70 -6.13
N ILE A 273 22.95 -27.46 -5.15
CA ILE A 273 21.53 -27.19 -5.37
C ILE A 273 21.35 -26.07 -6.42
N ASP A 274 22.05 -24.94 -6.21
CA ASP A 274 22.00 -23.80 -7.15
C ASP A 274 22.22 -24.22 -8.61
N ALA A 275 23.36 -24.88 -8.86
CA ALA A 275 23.74 -25.37 -10.17
C ALA A 275 22.73 -26.36 -10.72
N ALA A 276 22.19 -27.21 -9.84
CA ALA A 276 21.20 -28.19 -10.26
C ALA A 276 19.97 -27.45 -10.72
N LEU A 277 19.52 -26.52 -9.90
CA LEU A 277 18.32 -25.73 -10.19
C LEU A 277 18.45 -24.98 -11.49
N LYS A 278 19.61 -24.36 -11.71
CA LYS A 278 19.89 -23.71 -12.99
C LYS A 278 19.93 -24.69 -14.15
N ARG A 279 20.58 -25.84 -13.96
CA ARG A 279 20.57 -26.92 -14.95
C ARG A 279 19.17 -27.34 -15.33
N ALA A 280 18.41 -27.77 -14.33
CA ALA A 280 17.03 -28.22 -14.53
C ALA A 280 16.16 -27.21 -15.27
N SER A 281 16.33 -25.94 -14.92
CA SER A 281 15.58 -24.85 -15.52
C SER A 281 15.92 -24.66 -17.00
N LYS A 282 17.14 -25.03 -17.36
CA LYS A 282 17.58 -24.92 -18.75
C LYS A 282 17.09 -26.12 -19.53
N THR A 283 16.95 -27.25 -18.84
CA THR A 283 16.68 -28.52 -19.49
C THR A 283 15.26 -29.02 -19.19
N TYR A 284 15.14 -30.05 -18.37
CA TYR A 284 13.85 -30.70 -18.21
C TYR A 284 12.76 -29.87 -17.52
N MET A 285 13.12 -28.73 -16.93
CA MET A 285 12.18 -27.87 -16.20
C MET A 285 11.90 -26.55 -16.92
N LYS A 286 12.49 -26.42 -18.10
CA LYS A 286 12.29 -25.35 -19.05
C LYS A 286 10.82 -24.95 -19.12
N GLY A 287 10.54 -23.66 -18.98
CA GLY A 287 9.17 -23.15 -19.03
C GLY A 287 8.44 -23.25 -17.71
N ILE A 288 8.88 -24.15 -16.83
CA ILE A 288 8.23 -24.34 -15.54
C ILE A 288 9.08 -23.78 -14.42
N LEU A 289 10.31 -24.26 -14.34
CA LEU A 289 11.24 -23.69 -13.41
C LEU A 289 12.16 -22.77 -14.18
N GLY A 290 12.18 -21.53 -13.71
CA GLY A 290 13.10 -20.56 -14.22
C GLY A 290 14.02 -20.19 -13.10
N TYR A 291 14.99 -19.35 -13.41
CA TYR A 291 15.82 -18.83 -12.36
C TYR A 291 16.34 -17.46 -12.71
N THR A 292 16.71 -16.75 -11.66
CA THR A 292 17.31 -15.47 -11.84
C THR A 292 18.56 -15.48 -10.99
N ASP A 293 19.57 -14.73 -11.43
CA ASP A 293 20.66 -14.34 -10.54
C ASP A 293 20.79 -12.82 -10.47
N GLU A 294 19.70 -12.14 -10.78
CA GLU A 294 19.67 -10.70 -10.65
C GLU A 294 18.96 -10.24 -9.39
N GLU A 295 19.13 -8.97 -9.06
CA GLU A 295 18.61 -8.34 -7.86
C GLU A 295 17.13 -7.99 -8.03
N LEU A 296 16.35 -9.04 -8.17
CA LEU A 296 14.94 -8.88 -8.47
C LEU A 296 14.06 -8.75 -7.24
N VAL A 297 12.94 -8.07 -7.44
CA VAL A 297 11.93 -7.86 -6.41
C VAL A 297 10.59 -8.34 -6.98
N SER A 298 9.53 -8.35 -6.18
CA SER A 298 8.27 -8.94 -6.63
C SER A 298 7.75 -8.44 -7.99
N ALA A 299 7.87 -7.14 -8.25
CA ALA A 299 7.35 -6.53 -9.52
C ALA A 299 7.98 -7.11 -10.77
N ASP A 300 9.23 -7.54 -10.62
CA ASP A 300 10.01 -8.06 -11.74
C ASP A 300 9.56 -9.44 -12.17
N PHE A 301 8.70 -10.08 -11.38
CA PHE A 301 8.13 -11.37 -11.77
C PHE A 301 6.71 -11.27 -12.29
N ILE A 302 6.22 -10.05 -12.43
CA ILE A 302 4.92 -9.83 -12.99
C ILE A 302 4.95 -10.23 -14.47
N ASN A 303 3.99 -11.06 -14.86
CA ASN A 303 3.87 -11.60 -16.23
C ASN A 303 4.96 -12.63 -16.56
N ASP A 304 5.69 -13.10 -15.56
CA ASP A 304 6.55 -14.24 -15.74
C ASP A 304 5.67 -15.49 -15.81
N ASN A 305 5.80 -16.26 -16.89
CA ASN A 305 4.88 -17.38 -17.05
C ASN A 305 5.35 -18.70 -16.47
N ARG A 306 6.54 -18.70 -15.89
CA ARG A 306 7.05 -19.91 -15.23
C ARG A 306 6.30 -20.09 -13.93
N SER A 307 6.33 -21.32 -13.44
CA SER A 307 5.68 -21.73 -12.22
C SER A 307 6.51 -21.28 -11.04
N SER A 308 7.82 -21.37 -11.21
CA SER A 308 8.78 -21.16 -10.17
C SER A 308 9.96 -20.46 -10.84
N ILE A 309 10.38 -19.34 -10.27
CA ILE A 309 11.57 -18.64 -10.71
C ILE A 309 12.49 -18.59 -9.50
N TYR A 310 13.43 -19.51 -9.50
CA TYR A 310 14.40 -19.66 -8.45
C TYR A 310 15.28 -18.42 -8.35
N ASP A 311 15.39 -17.88 -7.14
CA ASP A 311 16.20 -16.70 -6.88
C ASP A 311 17.60 -17.13 -6.43
N SER A 312 18.52 -17.11 -7.38
CA SER A 312 19.86 -17.61 -7.14
C SER A 312 20.63 -16.77 -6.09
N LYS A 313 20.65 -15.45 -6.27
CA LYS A 313 21.32 -14.54 -5.34
C LYS A 313 20.71 -14.59 -3.94
N ALA A 314 19.38 -14.68 -3.83
CA ALA A 314 18.75 -14.71 -2.50
C ALA A 314 19.05 -16.00 -1.78
N THR A 315 19.04 -17.10 -2.52
CA THR A 315 19.39 -18.41 -1.99
C THR A 315 20.86 -18.46 -1.57
N LEU A 316 21.74 -18.20 -2.52
CA LEU A 316 23.17 -18.28 -2.27
C LEU A 316 23.67 -17.33 -1.17
N GLN A 317 23.10 -16.14 -1.07
CA GLN A 317 23.55 -15.19 -0.04
C GLN A 317 23.00 -15.47 1.35
N ASN A 318 21.96 -16.29 1.46
CA ASN A 318 21.25 -16.45 2.72
C ASN A 318 21.21 -17.88 3.31
N ASN A 319 22.14 -18.69 2.85
CA ASN A 319 22.36 -20.01 3.39
C ASN A 319 23.57 -20.03 4.30
N LEU A 320 23.60 -21.02 5.19
CA LEU A 320 24.67 -21.22 6.12
C LEU A 320 25.93 -21.64 5.37
N PRO A 321 27.06 -20.97 5.65
CA PRO A 321 28.28 -21.33 4.95
C PRO A 321 28.68 -22.76 5.30
N LYS A 322 29.10 -23.52 4.29
CA LYS A 322 29.68 -24.85 4.48
C LYS A 322 28.66 -25.87 4.91
N GLU A 323 27.39 -25.46 4.92
CA GLU A 323 26.31 -26.33 5.35
C GLU A 323 26.14 -27.48 4.34
N ARG A 324 25.79 -28.65 4.86
CA ARG A 324 25.69 -29.88 4.07
C ARG A 324 24.28 -30.37 3.85
N ARG A 325 23.36 -30.00 4.75
CA ARG A 325 22.04 -30.60 4.82
C ARG A 325 20.85 -29.63 4.86
N PHE A 326 21.06 -28.48 5.48
CA PHE A 326 19.97 -27.61 5.94
C PHE A 326 19.99 -26.30 5.14
N PHE A 327 19.07 -26.22 4.19
CA PHE A 327 19.10 -25.22 3.17
C PHE A 327 17.79 -24.46 3.08
N LYS A 328 17.89 -23.22 2.63
CA LYS A 328 16.74 -22.43 2.21
C LYS A 328 16.89 -22.19 0.69
N ILE A 329 15.83 -22.52 -0.05
CA ILE A 329 15.70 -22.12 -1.44
C ILE A 329 14.63 -21.03 -1.59
N VAL A 330 15.00 -19.94 -2.25
CA VAL A 330 14.05 -18.87 -2.53
C VAL A 330 13.60 -18.91 -4.00
N SER A 331 12.30 -19.06 -4.20
CA SER A 331 11.72 -19.12 -5.53
C SER A 331 10.49 -18.26 -5.69
N TRP A 332 10.47 -17.48 -6.74
CA TRP A 332 9.36 -16.59 -7.00
C TRP A 332 8.25 -17.20 -7.85
N TYR A 333 7.08 -16.59 -7.74
CA TYR A 333 5.99 -16.88 -8.67
C TYR A 333 5.01 -15.75 -8.75
N ASP A 334 4.62 -15.45 -9.98
CA ASP A 334 3.47 -14.62 -10.22
C ASP A 334 2.33 -15.60 -10.06
N ASN A 335 1.75 -15.59 -8.88
CA ASN A 335 0.73 -16.56 -8.50
C ASN A 335 -0.51 -16.58 -9.40
N GLU A 336 -0.80 -15.46 -10.04
CA GLU A 336 -1.86 -15.40 -11.04
C GLU A 336 -1.43 -15.87 -12.41
N TRP A 337 -0.26 -15.44 -12.85
CA TRP A 337 0.17 -15.59 -14.24
C TRP A 337 0.78 -16.95 -14.58
N GLY A 338 1.71 -17.39 -13.75
CA GLY A 338 2.39 -18.66 -14.00
C GLY A 338 1.36 -19.77 -13.98
N TYR A 339 0.60 -19.80 -12.90
CA TYR A 339 -0.43 -20.79 -12.67
C TYR A 339 -1.41 -20.90 -13.82
N SER A 340 -1.85 -19.73 -14.31
CA SER A 340 -2.79 -19.63 -15.42
C SER A 340 -2.27 -20.27 -16.68
N HIS A 341 -1.00 -20.02 -16.94
CA HIS A 341 -0.32 -20.65 -18.05
C HIS A 341 -0.20 -22.14 -17.87
N ARG A 342 -0.10 -22.58 -16.62
CA ARG A 342 0.05 -24.01 -16.30
C ARG A 342 -1.27 -24.70 -16.52
N VAL A 343 -2.36 -24.03 -16.15
CA VAL A 343 -3.71 -24.50 -16.42
C VAL A 343 -3.84 -24.77 -17.91
N VAL A 344 -3.48 -23.78 -18.72
CA VAL A 344 -3.50 -23.94 -20.17
C VAL A 344 -2.58 -25.07 -20.58
N ASP A 345 -1.41 -25.13 -19.97
CA ASP A 345 -0.45 -26.20 -20.26
C ASP A 345 -1.08 -27.55 -19.97
N LEU A 346 -1.74 -27.67 -18.82
CA LEU A 346 -2.38 -28.90 -18.41
C LEU A 346 -3.45 -29.34 -19.40
N VAL A 347 -4.29 -28.41 -19.82
CA VAL A 347 -5.35 -28.71 -20.78
C VAL A 347 -4.75 -29.16 -22.11
N ARG A 348 -3.67 -28.51 -22.51
CA ARG A 348 -2.95 -28.84 -23.73
C ARG A 348 -2.35 -30.23 -23.61
N HIS A 349 -1.85 -30.57 -22.42
CA HIS A 349 -1.33 -31.89 -22.17
C HIS A 349 -2.44 -32.94 -22.01
N MET A 350 -3.54 -32.58 -21.37
CA MET A 350 -4.67 -33.48 -21.29
C MET A 350 -5.19 -33.81 -22.69
N ALA A 351 -5.43 -32.79 -23.50
CA ALA A 351 -5.94 -32.99 -24.85
C ALA A 351 -5.08 -33.94 -25.67
N SER A 352 -3.75 -33.78 -25.58
CA SER A 352 -2.81 -34.62 -26.30
C SER A 352 -2.87 -36.08 -25.84
N LYS A 353 -3.04 -36.29 -24.54
CA LYS A 353 -3.09 -37.63 -23.96
C LYS A 353 -4.50 -38.23 -23.95
N ASP A 354 -5.52 -37.37 -23.97
CA ASP A 354 -6.88 -37.80 -24.25
C ASP A 354 -6.97 -38.30 -25.68
N ARG A 355 -6.42 -37.52 -26.61
CA ARG A 355 -6.27 -37.97 -28.00
C ARG A 355 -5.07 -38.91 -28.13
N SER A 356 -4.46 -38.97 -29.31
CA SER A 356 -3.40 -39.94 -29.52
C SER A 356 -3.72 -41.10 -28.57
N ALA A 357 -4.74 -40.86 -27.73
CA ALA A 357 -5.26 -41.87 -26.81
C ALA A 357 -4.18 -42.62 -26.04
N ARG A 358 -4.36 -43.93 -25.95
CA ARG A 358 -5.50 -44.54 -26.61
C ARG A 358 -5.35 -44.25 -28.09
N LEU A 359 -4.37 -43.39 -28.39
CA LEU A 359 -4.21 -42.89 -29.74
C LEU A 359 -5.57 -42.45 -30.26
N MET B 1 19.75 9.09 41.38
CA MET B 1 20.47 10.10 40.55
C MET B 1 20.18 9.88 39.04
N PRO B 2 19.31 10.74 38.45
CA PRO B 2 18.88 10.71 37.03
C PRO B 2 20.00 10.50 36.02
N ILE B 3 19.73 9.61 35.06
CA ILE B 3 20.67 9.22 34.00
C ILE B 3 20.72 10.34 32.95
N LYS B 4 21.92 10.83 32.68
CA LYS B 4 22.11 11.91 31.71
C LYS B 4 22.32 11.36 30.29
N VAL B 5 21.33 11.60 29.44
CA VAL B 5 21.26 10.97 28.14
C VAL B 5 21.16 12.01 27.03
N GLY B 6 21.80 11.71 25.91
CA GLY B 6 21.63 12.44 24.68
C GLY B 6 21.33 11.44 23.59
N ILE B 7 20.46 11.81 22.67
CA ILE B 7 20.11 10.95 21.56
C ILE B 7 20.68 11.60 20.30
N ASN B 8 21.55 10.87 19.63
CA ASN B 8 22.16 11.32 18.39
C ASN B 8 21.40 10.66 17.27
N GLY B 9 20.55 11.43 16.58
CA GLY B 9 19.73 10.93 15.47
C GLY B 9 18.29 10.68 15.87
N PHE B 10 17.43 11.67 15.61
CA PHE B 10 16.06 11.69 16.12
C PHE B 10 14.99 11.24 15.08
N GLY B 11 15.26 10.13 14.39
CA GLY B 11 14.32 9.60 13.42
C GLY B 11 13.44 8.56 14.04
N ARG B 12 13.06 7.57 13.26
CA ARG B 12 12.18 6.52 13.78
C ARG B 12 12.60 6.07 15.18
N ILE B 13 13.86 5.61 15.31
CA ILE B 13 14.34 5.01 16.56
C ILE B 13 14.74 6.07 17.59
N GLY B 14 15.37 7.14 17.16
CA GLY B 14 15.63 8.28 18.04
C GLY B 14 14.38 8.74 18.77
N ARG B 15 13.31 9.02 18.01
CA ARG B 15 12.03 9.45 18.60
C ARG B 15 11.30 8.36 19.35
N MET B 16 11.32 7.13 18.82
CA MET B 16 10.57 6.06 19.45
C MET B 16 11.24 5.68 20.77
N VAL B 17 12.56 5.83 20.82
CA VAL B 17 13.32 5.62 22.04
C VAL B 17 12.91 6.68 23.06
N PHE B 18 12.93 7.95 22.63
CA PHE B 18 12.43 9.03 23.45
C PHE B 18 10.98 8.81 23.90
N GLN B 19 10.12 8.39 22.99
CA GLN B 19 8.73 8.11 23.34
C GLN B 19 8.61 6.93 24.29
N ALA B 20 9.44 5.91 24.07
CA ALA B 20 9.55 4.75 24.96
C ALA B 20 9.92 5.13 26.38
N LEU B 21 10.94 5.96 26.54
CA LEU B 21 11.34 6.39 27.86
C LEU B 21 10.33 7.35 28.52
N CYS B 22 9.60 8.11 27.70
CA CYS B 22 8.54 8.97 28.22
C CYS B 22 7.39 8.09 28.68
N GLU B 23 6.97 7.18 27.80
CA GLU B 23 5.92 6.23 28.10
C GLU B 23 6.18 5.53 29.43
N ASP B 24 7.43 5.12 29.66
CA ASP B 24 7.76 4.44 30.90
C ASP B 24 7.88 5.40 32.09
N GLY B 25 7.55 6.66 31.90
CA GLY B 25 7.56 7.65 32.98
C GLY B 25 8.95 7.97 33.48
N LEU B 26 9.93 7.88 32.60
CA LEU B 26 11.32 8.00 32.99
C LEU B 26 11.87 9.38 32.77
N LEU B 27 11.19 10.19 31.99
CA LEU B 27 11.73 11.50 31.64
C LEU B 27 11.70 12.49 32.81
N GLY B 28 12.89 12.88 33.26
CA GLY B 28 13.05 13.79 34.39
C GLY B 28 12.88 13.11 35.73
N THR B 29 12.61 11.81 35.70
CA THR B 29 12.40 11.02 36.91
C THR B 29 13.59 10.08 37.08
N GLU B 30 13.88 9.30 36.03
CA GLU B 30 14.95 8.31 36.03
C GLU B 30 16.01 8.67 34.99
N ILE B 31 15.58 9.30 33.90
CA ILE B 31 16.45 9.69 32.81
C ILE B 31 16.31 11.19 32.48
N ASP B 32 17.44 11.88 32.51
CA ASP B 32 17.52 13.22 31.99
C ASP B 32 17.99 13.17 30.55
N VAL B 33 17.06 13.23 29.59
CA VAL B 33 17.45 13.47 28.20
C VAL B 33 17.85 14.94 28.11
N VAL B 34 19.14 15.20 27.97
CA VAL B 34 19.63 16.57 27.96
C VAL B 34 19.48 17.18 26.58
N ALA B 35 19.72 16.36 25.56
CA ALA B 35 19.80 16.85 24.19
C ALA B 35 19.40 15.77 23.22
N VAL B 36 18.69 16.16 22.18
CA VAL B 36 18.46 15.32 21.03
C VAL B 36 19.08 16.03 19.83
N VAL B 37 19.46 15.26 18.82
CA VAL B 37 20.09 15.83 17.64
C VAL B 37 19.58 15.19 16.35
N ASP B 38 19.32 16.06 15.36
CA ASP B 38 19.00 15.64 14.01
C ASP B 38 19.54 16.67 13.01
N MET B 39 18.98 16.69 11.80
CA MET B 39 19.52 17.55 10.73
C MET B 39 19.22 19.01 11.01
N ASN B 40 18.31 19.23 11.96
CA ASN B 40 17.96 20.57 12.36
C ASN B 40 17.88 20.69 13.87
N THR B 41 17.60 21.91 14.32
CA THR B 41 17.43 22.23 15.74
C THR B 41 16.14 23.01 15.89
N ASP B 42 15.28 22.86 14.90
CA ASP B 42 13.96 23.48 14.93
C ASP B 42 13.05 22.64 15.83
N ALA B 43 13.00 23.02 17.11
CA ALA B 43 12.26 22.27 18.13
C ALA B 43 10.79 22.07 17.77
N GLU B 44 10.20 23.09 17.12
CA GLU B 44 8.84 23.06 16.58
C GLU B 44 8.67 21.88 15.61
N TYR B 45 9.68 21.65 14.78
CA TYR B 45 9.66 20.52 13.87
C TYR B 45 9.79 19.20 14.62
N PHE B 46 10.74 19.15 15.56
CA PHE B 46 10.91 17.97 16.43
C PHE B 46 9.57 17.65 17.10
N ALA B 47 8.95 18.66 17.70
CA ALA B 47 7.68 18.56 18.41
C ALA B 47 6.58 17.98 17.54
N TYR B 48 6.45 18.50 16.33
CA TYR B 48 5.50 17.99 15.32
C TYR B 48 5.74 16.50 15.05
N GLN B 49 7.00 16.12 14.94
CA GLN B 49 7.38 14.75 14.62
C GLN B 49 7.06 13.80 15.76
N MET B 50 7.30 14.29 16.97
CA MET B 50 7.00 13.53 18.16
C MET B 50 5.53 13.44 18.31
N ARG B 51 4.84 14.55 18.06
CA ARG B 51 3.42 14.65 18.29
C ARG B 51 2.60 13.74 17.40
N TYR B 52 2.92 13.73 16.11
CA TYR B 52 2.18 12.93 15.18
C TYR B 52 3.01 11.80 14.59
N ASP B 53 2.56 10.57 14.80
CA ASP B 53 3.22 9.41 14.20
C ASP B 53 2.26 8.62 13.33
N THR B 54 2.64 8.40 12.08
CA THR B 54 1.77 7.69 11.17
C THR B 54 1.39 6.35 11.74
N VAL B 55 2.40 5.64 12.22
CA VAL B 55 2.20 4.33 12.76
C VAL B 55 1.74 4.39 14.21
N HIS B 56 2.39 5.19 15.05
CA HIS B 56 2.17 5.04 16.51
C HIS B 56 1.22 6.06 17.11
N GLY B 57 0.55 6.81 16.26
CA GLY B 57 -0.57 7.64 16.68
C GLY B 57 -0.04 8.90 17.33
N LYS B 58 -0.77 9.39 18.32
CA LYS B 58 -0.41 10.62 18.99
C LYS B 58 0.37 10.30 20.25
N PHE B 59 1.50 10.97 20.39
CA PHE B 59 2.31 10.92 21.60
C PHE B 59 1.47 11.22 22.85
N LYS B 60 1.65 10.41 23.89
CA LYS B 60 0.83 10.49 25.10
C LYS B 60 1.13 11.69 26.00
N TYR B 61 2.23 12.39 25.72
CA TYR B 61 2.60 13.55 26.48
C TYR B 61 2.61 14.74 25.58
N GLU B 62 2.22 15.90 26.10
CA GLU B 62 2.33 17.12 25.34
C GLU B 62 3.81 17.49 25.16
N VAL B 63 4.14 17.96 23.96
CA VAL B 63 5.45 18.50 23.70
C VAL B 63 5.23 20.00 23.49
N THR B 64 6.02 20.83 24.17
CA THR B 64 6.12 22.23 23.81
C THR B 64 7.54 22.57 23.41
N THR B 65 7.72 23.76 22.88
CA THR B 65 9.05 24.23 22.57
C THR B 65 9.27 25.53 23.28
N THR B 66 10.54 25.86 23.44
CA THR B 66 10.96 27.08 24.04
C THR B 66 12.38 27.34 23.55
N LYS B 67 12.99 28.43 24.01
CA LYS B 67 14.28 28.86 23.50
C LYS B 67 15.28 28.70 24.62
N SER B 68 16.44 28.09 24.33
CA SER B 68 17.53 28.00 25.30
C SER B 68 17.94 29.37 25.81
N SER B 69 17.97 30.35 24.90
CA SER B 69 18.24 31.76 25.18
C SER B 69 17.22 32.55 24.38
N PRO B 70 16.61 33.60 24.99
CA PRO B 70 15.55 34.43 24.40
C PRO B 70 15.89 35.07 23.05
N SER B 71 17.17 35.07 22.71
CA SER B 71 17.67 35.65 21.47
C SER B 71 17.64 34.67 20.31
N VAL B 72 17.59 33.38 20.63
CA VAL B 72 18.09 32.31 19.74
C VAL B 72 17.25 32.01 18.47
N ALA B 73 16.42 32.97 18.03
CA ALA B 73 15.58 32.87 16.82
C ALA B 73 14.53 31.78 16.99
N LYS B 74 14.54 30.77 16.11
CA LYS B 74 13.60 29.64 16.21
C LYS B 74 13.85 28.79 17.48
N ASP B 75 12.77 28.40 18.14
CA ASP B 75 12.81 27.50 19.30
C ASP B 75 13.72 26.29 19.09
N ASP B 76 14.58 26.03 20.07
CA ASP B 76 15.60 25.00 19.95
C ASP B 76 15.51 23.98 21.07
N THR B 77 14.49 24.14 21.92
CA THR B 77 14.36 23.34 23.11
C THR B 77 12.98 22.69 23.15
N LEU B 78 12.97 21.37 23.35
CA LEU B 78 11.75 20.63 23.57
C LEU B 78 11.39 20.65 25.05
N VAL B 79 10.10 20.76 25.33
CA VAL B 79 9.64 20.62 26.70
C VAL B 79 8.59 19.52 26.75
N VAL B 80 8.89 18.46 27.50
CA VAL B 80 7.92 17.40 27.78
C VAL B 80 7.86 17.19 29.27
N ASN B 81 6.67 17.35 29.84
CA ASN B 81 6.47 17.14 31.28
C ASN B 81 7.46 17.95 32.10
N GLY B 82 7.57 19.24 31.76
CA GLY B 82 8.52 20.16 32.41
C GLY B 82 9.97 19.96 31.99
N HIS B 83 10.25 18.91 31.24
CA HIS B 83 11.63 18.56 30.98
C HIS B 83 12.13 19.17 29.70
N ARG B 84 13.26 19.87 29.83
CA ARG B 84 13.88 20.62 28.75
C ARG B 84 14.92 19.78 28.02
N ILE B 85 14.65 19.55 26.75
CA ILE B 85 15.54 18.81 25.89
C ILE B 85 16.01 19.78 24.81
N LEU B 86 17.31 20.01 24.79
CA LEU B 86 17.91 20.87 23.79
C LEU B 86 18.02 20.09 22.49
N CYS B 87 17.66 20.72 21.40
CA CYS B 87 17.96 20.17 20.07
C CYS B 87 19.30 20.74 19.66
N VAL B 88 20.34 19.92 19.81
CA VAL B 88 21.68 20.36 19.47
C VAL B 88 21.96 20.11 17.98
N LYS B 89 22.80 20.96 17.41
CA LYS B 89 23.19 20.84 16.01
C LYS B 89 23.92 19.50 15.76
N ALA B 90 23.40 18.74 14.79
CA ALA B 90 24.06 17.53 14.29
C ALA B 90 25.49 17.81 13.87
N GLN B 91 26.36 16.84 14.12
CA GLN B 91 27.76 16.91 13.68
C GLN B 91 28.02 15.77 12.70
N ARG B 92 28.81 16.02 11.66
CA ARG B 92 29.20 14.96 10.74
C ARG B 92 30.04 13.92 11.49
N ASN B 93 30.66 14.36 12.60
CA ASN B 93 31.53 13.54 13.43
C ASN B 93 31.24 13.66 14.95
N PRO B 94 30.73 12.55 15.58
CA PRO B 94 30.31 12.45 16.99
C PRO B 94 31.24 13.07 18.05
N ALA B 95 32.55 13.01 17.83
CA ALA B 95 33.52 13.59 18.78
C ALA B 95 33.36 15.11 18.93
N ASP B 96 32.68 15.73 17.94
CA ASP B 96 32.34 17.15 17.95
C ASP B 96 31.06 17.51 18.70
N LEU B 97 30.37 16.51 19.23
CA LEU B 97 29.15 16.75 20.01
C LEU B 97 29.54 17.18 21.42
N PRO B 98 28.91 18.26 21.93
CA PRO B 98 29.31 18.82 23.22
C PRO B 98 28.79 18.02 24.42
N TRP B 99 29.02 16.70 24.42
CA TRP B 99 28.43 15.83 25.45
C TRP B 99 28.95 16.15 26.84
N GLY B 100 30.25 16.38 26.94
CA GLY B 100 30.91 16.74 28.22
C GLY B 100 30.40 18.07 28.73
N LYS B 101 30.19 19.02 27.82
CA LYS B 101 29.59 20.32 28.14
C LYS B 101 28.11 20.21 28.55
N LEU B 102 27.41 19.26 27.95
CA LEU B 102 26.00 19.03 28.29
C LEU B 102 25.82 18.16 29.52
N GLY B 103 26.86 17.42 29.91
CA GLY B 103 26.78 16.49 31.03
C GLY B 103 26.12 15.18 30.63
N VAL B 104 26.00 14.96 29.33
CA VAL B 104 25.50 13.70 28.80
C VAL B 104 26.53 12.60 29.06
N GLU B 105 26.13 11.57 29.81
CA GLU B 105 27.04 10.45 30.01
C GLU B 105 26.67 9.23 29.18
N TYR B 106 25.42 9.16 28.74
CA TYR B 106 24.97 8.07 27.90
C TYR B 106 24.47 8.65 26.63
N VAL B 107 25.09 8.23 25.53
CA VAL B 107 24.61 8.60 24.21
C VAL B 107 23.90 7.42 23.58
N ILE B 108 22.67 7.63 23.12
CA ILE B 108 22.03 6.67 22.24
C ILE B 108 22.38 7.10 20.84
N GLU B 109 23.08 6.21 20.16
CA GLU B 109 23.60 6.54 18.86
C GLU B 109 22.66 5.92 17.86
N SER B 110 21.81 6.77 17.29
CA SER B 110 20.69 6.29 16.50
C SER B 110 20.64 6.89 15.10
N THR B 111 21.77 7.44 14.65
CA THR B 111 21.85 8.06 13.33
C THR B 111 21.87 7.03 12.19
N GLY B 112 22.41 5.85 12.48
CA GLY B 112 22.63 4.83 11.47
C GLY B 112 24.01 4.98 10.85
N LEU B 113 24.74 6.00 11.27
CA LEU B 113 25.97 6.42 10.62
C LEU B 113 27.19 6.18 11.48
N PHE B 114 27.00 5.96 12.78
CA PHE B 114 28.11 5.75 13.68
C PHE B 114 28.03 4.37 14.36
N THR B 115 27.70 3.39 13.51
CA THR B 115 27.54 1.99 13.84
C THR B 115 28.90 1.27 13.97
N ALA B 116 29.95 1.85 13.39
CA ALA B 116 31.29 1.28 13.55
C ALA B 116 31.75 1.71 14.93
N LYS B 117 32.32 0.77 15.68
CA LYS B 117 32.69 1.01 17.07
C LYS B 117 33.52 2.28 17.21
N ALA B 118 34.56 2.40 16.38
CA ALA B 118 35.48 3.54 16.40
C ALA B 118 34.78 4.86 16.13
N ALA B 119 33.74 4.84 15.29
CA ALA B 119 32.98 6.05 14.98
C ALA B 119 32.12 6.47 16.16
N ALA B 120 31.37 5.52 16.73
CA ALA B 120 30.58 5.73 17.95
C ALA B 120 31.44 6.12 19.13
N GLU B 121 32.68 5.64 19.18
CA GLU B 121 33.63 6.03 20.22
C GLU B 121 33.93 7.53 20.20
N GLY B 122 33.78 8.16 19.05
CA GLY B 122 33.84 9.61 18.97
C GLY B 122 32.99 10.27 20.06
N HIS B 123 31.79 9.74 20.31
CA HIS B 123 30.94 10.27 21.37
C HIS B 123 31.66 10.38 22.71
N LEU B 124 32.40 9.33 23.05
CA LEU B 124 33.19 9.29 24.26
C LEU B 124 34.18 10.45 24.29
N ARG B 125 34.82 10.71 23.14
CA ARG B 125 35.79 11.79 23.00
C ARG B 125 35.11 13.17 23.06
N GLY B 126 33.85 13.21 22.63
CA GLY B 126 32.98 14.35 22.81
C GLY B 126 32.58 14.50 24.26
N GLY B 127 32.99 13.55 25.11
CA GLY B 127 32.83 13.68 26.55
C GLY B 127 31.83 12.76 27.21
N ALA B 128 31.16 11.93 26.40
CA ALA B 128 30.21 10.91 26.90
C ALA B 128 30.97 9.73 27.51
N ARG B 129 30.29 8.92 28.31
CA ARG B 129 30.93 7.78 28.94
C ARG B 129 30.50 6.46 28.33
N LYS B 130 29.23 6.39 27.93
CA LYS B 130 28.66 5.20 27.34
C LYS B 130 27.88 5.50 26.07
N VAL B 131 27.93 4.57 25.13
CA VAL B 131 27.19 4.72 23.88
C VAL B 131 26.42 3.42 23.66
N VAL B 132 25.12 3.54 23.47
CA VAL B 132 24.33 2.46 22.97
C VAL B 132 24.05 2.73 21.49
N ILE B 133 24.60 1.85 20.67
CA ILE B 133 24.36 1.91 19.25
C ILE B 133 23.04 1.19 19.01
N SER B 134 22.10 1.93 18.46
CA SER B 134 20.76 1.45 18.22
C SER B 134 20.69 0.64 16.92
N ALA B 135 21.73 -0.17 16.67
CA ALA B 135 21.84 -1.05 15.50
C ALA B 135 23.01 -2.00 15.72
N PRO B 136 23.15 -3.05 14.87
CA PRO B 136 24.35 -3.84 14.99
C PRO B 136 25.57 -2.94 14.79
N ALA B 137 26.64 -3.24 15.49
CA ALA B 137 27.84 -2.45 15.40
C ALA B 137 28.98 -3.28 14.81
N SER B 138 29.86 -2.63 14.08
CA SER B 138 31.04 -3.30 13.56
C SER B 138 32.19 -2.85 14.42
N GLY B 139 33.34 -3.51 14.26
CA GLY B 139 34.56 -3.15 14.98
C GLY B 139 34.61 -3.70 16.38
N GLY B 140 33.71 -4.63 16.68
CA GLY B 140 33.80 -5.34 17.94
C GLY B 140 33.14 -4.64 19.11
N ALA B 141 32.05 -3.92 18.85
CA ALA B 141 31.18 -3.46 19.94
C ALA B 141 30.53 -4.68 20.59
N LYS B 142 30.49 -4.68 21.91
CA LYS B 142 29.76 -5.68 22.65
C LYS B 142 28.28 -5.61 22.29
N THR B 143 27.73 -6.74 21.85
CA THR B 143 26.32 -6.76 21.54
C THR B 143 25.51 -7.29 22.71
N LEU B 144 24.54 -6.50 23.13
CA LEU B 144 23.70 -6.86 24.29
C LEU B 144 22.24 -6.90 23.88
N VAL B 145 21.60 -8.04 24.16
CA VAL B 145 20.19 -8.20 23.92
C VAL B 145 19.54 -8.39 25.26
N MET B 146 18.67 -7.45 25.62
CA MET B 146 17.94 -7.49 26.87
C MET B 146 17.12 -8.76 27.00
N GLY B 147 17.25 -9.42 28.16
CA GLY B 147 16.57 -10.69 28.39
C GLY B 147 17.33 -11.92 27.90
N VAL B 148 18.43 -11.69 27.18
CA VAL B 148 19.25 -12.79 26.67
C VAL B 148 20.66 -12.75 27.30
N ASN B 149 21.37 -11.64 27.12
CA ASN B 149 22.74 -11.55 27.57
C ASN B 149 23.13 -10.19 28.11
N HIS B 150 22.15 -9.35 28.43
CA HIS B 150 22.47 -7.98 28.83
C HIS B 150 23.31 -7.95 30.12
N HIS B 151 23.21 -9.04 30.89
CA HIS B 151 23.94 -9.20 32.15
C HIS B 151 25.41 -9.46 31.95
N GLU B 152 25.79 -9.68 30.69
CA GLU B 152 27.18 -9.71 30.29
C GLU B 152 27.79 -8.32 30.27
N TYR B 153 26.95 -7.28 30.36
CA TYR B 153 27.49 -5.92 30.33
C TYR B 153 28.53 -5.69 31.43
N ASN B 154 29.66 -5.13 31.03
CA ASN B 154 30.79 -4.93 31.94
C ASN B 154 31.18 -3.47 32.01
N PRO B 155 30.71 -2.75 33.04
CA PRO B 155 30.88 -1.31 33.06
C PRO B 155 32.31 -0.84 32.76
N SER B 156 33.30 -1.55 33.30
CA SER B 156 34.71 -1.19 33.13
C SER B 156 35.21 -1.42 31.71
N GLU B 157 34.60 -2.37 31.01
CA GLU B 157 35.09 -2.82 29.70
C GLU B 157 34.19 -2.44 28.52
N HIS B 158 32.90 -2.26 28.78
CA HIS B 158 31.95 -2.00 27.70
C HIS B 158 31.46 -0.56 27.71
N HIS B 159 32.01 0.27 26.82
CA HIS B 159 31.68 1.67 26.79
C HIS B 159 30.91 2.05 25.55
N VAL B 160 31.24 1.39 24.45
CA VAL B 160 30.45 1.45 23.24
C VAL B 160 29.89 0.05 22.98
N VAL B 161 28.55 0.00 22.95
CA VAL B 161 27.82 -1.25 22.91
C VAL B 161 26.68 -1.14 21.90
N SER B 162 26.23 -2.30 21.41
CA SER B 162 25.15 -2.34 20.45
C SER B 162 24.00 -3.05 21.11
N ASN B 163 22.78 -2.60 20.76
CA ASN B 163 21.54 -3.22 21.21
C ASN B 163 21.09 -4.22 20.14
N ALA B 164 22.02 -4.55 19.23
CA ALA B 164 21.75 -5.39 18.04
C ALA B 164 20.67 -4.74 17.17
N SER B 165 20.04 -5.55 16.32
CA SER B 165 18.97 -5.08 15.49
C SER B 165 17.63 -5.50 16.09
N CYS B 166 16.57 -4.85 15.63
CA CYS B 166 15.22 -5.25 15.95
C CYS B 166 15.00 -6.75 15.68
N THR B 167 15.40 -7.21 14.50
CA THR B 167 15.33 -8.60 14.10
C THR B 167 16.07 -9.54 15.06
N THR B 168 17.29 -9.17 15.49
CA THR B 168 18.05 -9.98 16.46
C THR B 168 17.40 -9.93 17.83
N ASN B 169 16.80 -8.79 18.19
CA ASN B 169 16.06 -8.71 19.44
C ASN B 169 14.77 -9.54 19.39
N CYS B 170 14.31 -9.83 18.17
CA CYS B 170 13.16 -10.70 17.99
C CYS B 170 13.53 -12.19 18.01
N LEU B 171 14.65 -12.52 17.39
CA LEU B 171 15.11 -13.90 17.24
C LEU B 171 15.84 -14.41 18.47
N ALA B 172 16.74 -13.60 19.02
CA ALA B 172 17.52 -14.01 20.18
C ALA B 172 16.65 -14.56 21.29
N PRO B 173 15.57 -13.84 21.69
CA PRO B 173 14.71 -14.41 22.74
C PRO B 173 14.21 -15.83 22.47
N ILE B 174 13.81 -16.12 21.23
CA ILE B 174 13.35 -17.45 20.82
C ILE B 174 14.50 -18.45 20.92
N VAL B 175 15.61 -18.14 20.25
CA VAL B 175 16.79 -18.98 20.25
C VAL B 175 17.28 -19.18 21.69
N HIS B 176 17.22 -18.09 22.47
CA HIS B 176 17.61 -18.14 23.87
C HIS B 176 16.83 -19.19 24.67
N VAL B 177 15.51 -19.21 24.49
CA VAL B 177 14.66 -20.16 25.19
C VAL B 177 14.92 -21.57 24.67
N LEU B 178 15.08 -21.71 23.36
CA LEU B 178 15.46 -22.97 22.77
C LEU B 178 16.74 -23.56 23.40
N VAL B 179 17.76 -22.74 23.59
CA VAL B 179 19.03 -23.18 24.15
C VAL B 179 18.94 -23.34 25.66
N LYS B 180 18.35 -22.34 26.32
CA LYS B 180 18.22 -22.37 27.76
C LYS B 180 17.35 -23.53 28.22
N GLU B 181 16.27 -23.81 27.48
CA GLU B 181 15.30 -24.82 27.92
C GLU B 181 15.68 -26.22 27.53
N GLY B 182 16.82 -26.36 26.87
CA GLY B 182 17.34 -27.70 26.56
C GLY B 182 16.81 -28.32 25.28
N PHE B 183 16.30 -27.50 24.36
CA PHE B 183 15.95 -27.93 23.00
C PHE B 183 17.20 -27.93 22.15
N GLY B 184 17.95 -26.83 22.22
CA GLY B 184 19.19 -26.68 21.50
C GLY B 184 18.92 -26.34 20.06
N VAL B 185 19.89 -25.69 19.43
CA VAL B 185 19.79 -25.39 18.05
C VAL B 185 21.02 -25.97 17.40
N GLN B 186 20.82 -27.00 16.61
CA GLN B 186 21.84 -27.57 15.76
C GLN B 186 22.09 -26.61 14.58
N THR B 187 21.04 -26.36 13.79
CA THR B 187 21.08 -25.46 12.67
C THR B 187 19.81 -24.59 12.68
N GLY B 188 19.92 -23.37 12.19
CA GLY B 188 18.79 -22.45 12.13
C GLY B 188 18.88 -21.57 10.90
N LEU B 189 17.78 -21.49 10.17
CA LEU B 189 17.69 -20.51 9.11
C LEU B 189 16.51 -19.63 9.41
N MET B 190 16.73 -18.32 9.41
CA MET B 190 15.60 -17.44 9.58
C MET B 190 15.26 -16.53 8.40
N THR B 191 13.96 -16.31 8.26
CA THR B 191 13.46 -15.31 7.38
C THR B 191 12.68 -14.36 8.28
N THR B 192 12.90 -13.08 8.10
CA THR B 192 12.03 -12.09 8.71
C THR B 192 11.25 -11.42 7.59
N ILE B 193 9.93 -11.40 7.73
CA ILE B 193 9.09 -10.62 6.86
C ILE B 193 9.08 -9.26 7.55
N HIS B 194 9.75 -8.33 6.88
CA HIS B 194 10.13 -7.10 7.49
C HIS B 194 9.31 -5.97 6.87
N SER B 195 8.89 -5.03 7.71
CA SER B 195 8.32 -3.81 7.23
C SER B 195 9.39 -3.00 6.52
N TYR B 196 8.99 -2.17 5.56
CA TYR B 196 9.96 -1.30 4.92
C TYR B 196 10.42 -0.26 5.94
N THR B 197 11.54 0.41 5.63
CA THR B 197 12.14 1.31 6.61
C THR B 197 12.64 2.56 5.94
N ALA B 198 13.21 3.46 6.73
CA ALA B 198 13.75 4.73 6.27
C ALA B 198 14.80 4.61 5.17
N THR B 199 15.56 3.52 5.19
CA THR B 199 16.59 3.33 4.20
C THR B 199 16.01 2.95 2.83
N GLN B 200 14.78 2.43 2.83
CA GLN B 200 14.16 2.11 1.57
C GLN B 200 13.65 3.35 0.83
N LYS B 201 13.19 3.11 -0.40
CA LYS B 201 12.83 4.13 -1.38
C LYS B 201 11.36 4.03 -1.75
N THR B 202 10.69 5.17 -1.87
CA THR B 202 9.28 5.17 -2.28
C THR B 202 9.12 4.69 -3.71
N VAL B 203 10.04 5.12 -4.56
CA VAL B 203 10.03 4.76 -5.97
C VAL B 203 11.41 4.20 -6.32
N ASP B 204 11.51 3.41 -7.40
CA ASP B 204 12.76 2.77 -7.77
C ASP B 204 13.80 3.87 -7.78
N GLY B 205 14.82 3.71 -6.95
CA GLY B 205 15.85 4.73 -6.80
C GLY B 205 17.21 4.14 -6.56
N VAL B 206 18.23 4.99 -6.59
CA VAL B 206 19.61 4.56 -6.48
C VAL B 206 19.94 4.07 -5.07
N SER B 207 20.52 2.86 -5.00
CA SER B 207 20.82 2.18 -3.76
C SER B 207 22.02 1.28 -4.00
N VAL B 208 23.19 1.87 -4.12
CA VAL B 208 24.38 1.14 -4.59
C VAL B 208 24.74 -0.06 -3.72
N LYS B 209 24.45 0.05 -2.43
CA LYS B 209 24.83 -0.97 -1.48
C LYS B 209 23.78 -2.07 -1.44
N ASP B 210 22.64 -1.83 -2.08
CA ASP B 210 21.46 -2.70 -1.91
C ASP B 210 20.50 -2.43 -3.07
N TRP B 211 20.77 -3.08 -4.20
CA TRP B 211 20.00 -2.84 -5.43
C TRP B 211 18.53 -3.09 -5.22
N ARG B 212 18.21 -4.24 -4.65
CA ARG B 212 16.82 -4.55 -4.32
C ARG B 212 16.19 -3.46 -3.48
N GLY B 213 16.93 -2.98 -2.50
CA GLY B 213 16.44 -2.01 -1.53
C GLY B 213 16.16 -0.64 -2.10
N GLY B 214 16.57 -0.43 -3.34
CA GLY B 214 16.27 0.80 -4.06
C GLY B 214 14.93 0.75 -4.76
N ARG B 215 14.38 -0.45 -4.87
CA ARG B 215 13.13 -0.65 -5.57
C ARG B 215 11.96 -0.14 -4.73
N ALA B 216 10.91 0.33 -5.41
CA ALA B 216 9.76 0.94 -4.73
C ALA B 216 9.31 0.06 -3.57
N ALA B 217 9.40 0.60 -2.36
CA ALA B 217 9.27 -0.19 -1.15
C ALA B 217 7.86 -0.65 -0.81
N ALA B 218 6.87 0.13 -1.24
CA ALA B 218 5.50 -0.13 -0.80
C ALA B 218 4.68 -0.90 -1.80
N VAL B 219 5.32 -1.38 -2.85
CA VAL B 219 4.59 -2.08 -3.89
C VAL B 219 5.31 -3.37 -4.24
N ASN B 220 6.39 -3.64 -3.50
CA ASN B 220 7.27 -4.78 -3.78
C ASN B 220 7.51 -5.62 -2.54
N ILE B 221 7.73 -6.92 -2.73
CA ILE B 221 8.42 -7.77 -1.76
C ILE B 221 9.89 -7.73 -2.16
N ILE B 222 10.74 -7.34 -1.22
CA ILE B 222 12.13 -7.02 -1.52
C ILE B 222 13.02 -7.90 -0.63
N PRO B 223 13.64 -8.94 -1.20
CA PRO B 223 14.60 -9.78 -0.45
C PRO B 223 15.76 -8.95 0.07
N SER B 224 16.26 -9.33 1.24
CA SER B 224 17.48 -8.76 1.78
C SER B 224 18.26 -9.84 2.51
N THR B 225 19.59 -9.75 2.47
CA THR B 225 20.40 -10.40 3.48
C THR B 225 20.12 -9.73 4.83
N THR B 226 20.43 -10.44 5.89
CA THR B 226 20.51 -9.80 7.19
C THR B 226 21.57 -10.49 8.00
N GLY B 227 22.27 -9.72 8.85
CA GLY B 227 23.20 -10.28 9.80
C GLY B 227 22.53 -10.67 11.10
N ALA B 228 21.20 -10.64 11.13
CA ALA B 228 20.42 -10.78 12.37
C ALA B 228 20.53 -12.14 13.02
N ALA B 229 20.38 -13.20 12.24
CA ALA B 229 20.49 -14.54 12.78
C ALA B 229 21.96 -14.90 13.06
N LYS B 230 22.83 -14.54 12.13
CA LYS B 230 24.28 -14.69 12.34
C LYS B 230 24.74 -13.99 13.64
N ALA B 231 24.18 -12.81 13.90
CA ALA B 231 24.49 -12.01 15.09
C ALA B 231 23.96 -12.59 16.41
N VAL B 232 22.94 -13.43 16.36
CA VAL B 232 22.53 -14.16 17.58
C VAL B 232 23.73 -14.96 18.10
N GLY B 233 24.67 -15.25 17.21
CA GLY B 233 25.86 -16.03 17.54
C GLY B 233 26.80 -15.35 18.52
N MET B 234 26.91 -14.03 18.46
CA MET B 234 27.74 -13.32 19.42
C MET B 234 27.00 -13.10 20.74
N VAL B 235 25.69 -13.07 20.68
CA VAL B 235 24.83 -12.90 21.85
C VAL B 235 24.56 -14.25 22.55
N ILE B 236 24.40 -15.30 21.76
CA ILE B 236 24.26 -16.65 22.26
C ILE B 236 25.39 -17.46 21.61
N PRO B 237 26.58 -17.49 22.26
CA PRO B 237 27.84 -18.00 21.68
C PRO B 237 27.73 -19.41 21.08
N SER B 238 26.87 -20.24 21.67
CA SER B 238 26.61 -21.61 21.22
C SER B 238 25.94 -21.71 19.87
N THR B 239 25.36 -20.61 19.41
CA THR B 239 24.67 -20.57 18.14
C THR B 239 25.53 -19.95 17.04
N GLN B 240 26.80 -19.66 17.32
CA GLN B 240 27.67 -19.06 16.33
C GLN B 240 27.96 -20.03 15.19
N GLY B 241 27.71 -19.59 13.97
CA GLY B 241 27.95 -20.42 12.79
C GLY B 241 26.80 -21.34 12.45
N LYS B 242 25.81 -21.39 13.33
CA LYS B 242 24.67 -22.29 13.25
C LYS B 242 23.42 -21.64 12.62
N LEU B 243 23.41 -20.32 12.55
CA LEU B 243 22.23 -19.56 12.21
C LEU B 243 22.54 -18.48 11.20
N THR B 244 21.71 -18.37 10.19
CA THR B 244 21.73 -17.20 9.34
C THR B 244 20.32 -16.99 8.84
N GLY B 245 20.12 -16.01 7.99
CA GLY B 245 18.79 -15.74 7.53
C GLY B 245 18.75 -14.61 6.56
N MET B 246 17.52 -14.26 6.19
CA MET B 246 17.26 -13.20 5.24
C MET B 246 16.03 -12.41 5.64
N SER B 247 15.77 -11.37 4.89
CA SER B 247 14.57 -10.60 5.07
C SER B 247 13.83 -10.51 3.77
N PHE B 248 12.52 -10.40 3.85
CA PHE B 248 11.72 -9.90 2.75
C PHE B 248 11.04 -8.69 3.28
N ARG B 249 11.41 -7.55 2.70
CA ARG B 249 10.85 -6.27 3.03
C ARG B 249 9.60 -6.12 2.21
N VAL B 250 8.49 -6.02 2.93
CA VAL B 250 7.13 -5.99 2.38
C VAL B 250 6.41 -4.68 2.74
N PRO B 251 5.41 -4.27 1.94
CA PRO B 251 4.71 -3.00 2.06
C PRO B 251 3.81 -2.83 3.28
N THR B 252 4.47 -2.77 4.43
CA THR B 252 3.88 -2.28 5.65
C THR B 252 4.91 -1.30 6.21
N PRO B 253 4.45 -0.19 6.81
CA PRO B 253 5.36 0.84 7.37
C PRO B 253 5.99 0.46 8.73
N ASP B 254 5.41 -0.53 9.39
CA ASP B 254 5.95 -0.99 10.67
C ASP B 254 5.39 -2.35 11.05
N VAL B 255 6.20 -3.09 11.80
CA VAL B 255 5.90 -4.42 12.33
C VAL B 255 6.40 -5.50 11.36
N SER B 256 7.15 -6.44 11.92
CA SER B 256 7.75 -7.49 11.16
C SER B 256 7.57 -8.78 11.95
N VAL B 257 8.02 -9.88 11.38
CA VAL B 257 7.79 -11.15 12.00
C VAL B 257 8.97 -12.05 11.70
N VAL B 258 9.47 -12.70 12.73
CA VAL B 258 10.54 -13.69 12.54
C VAL B 258 9.95 -15.06 12.18
N ASP B 259 10.41 -15.59 11.06
CA ASP B 259 10.07 -16.93 10.64
C ASP B 259 11.34 -17.78 10.79
N LEU B 260 11.45 -18.48 11.92
CA LEU B 260 12.61 -19.33 12.19
C LEU B 260 12.35 -20.83 12.00
N THR B 261 13.17 -21.41 11.12
CA THR B 261 13.19 -22.83 10.88
C THR B 261 14.50 -23.35 11.44
N PHE B 262 14.40 -24.26 12.39
CA PHE B 262 15.58 -24.77 13.04
C PHE B 262 15.45 -26.29 13.26
N THR B 263 16.60 -26.91 13.51
CA THR B 263 16.65 -28.27 13.97
C THR B 263 17.16 -28.29 15.41
N ALA B 264 16.34 -28.89 16.28
CA ALA B 264 16.62 -29.01 17.70
C ALA B 264 17.79 -29.97 17.89
N ALA B 265 18.54 -29.76 18.98
CA ALA B 265 19.68 -30.62 19.31
C ALA B 265 19.27 -31.84 20.09
N ARG B 266 17.96 -32.09 20.19
CA ARG B 266 17.39 -33.31 20.76
C ARG B 266 15.94 -33.48 20.26
N ASP B 267 15.44 -34.71 20.28
CA ASP B 267 14.05 -34.97 19.94
C ASP B 267 13.18 -34.14 20.84
N THR B 268 12.18 -33.51 20.24
CA THR B 268 11.25 -32.69 20.99
C THR B 268 9.97 -32.64 20.18
N SER B 269 9.16 -31.63 20.40
CA SER B 269 7.94 -31.46 19.63
C SER B 269 7.56 -29.98 19.70
N ILE B 270 6.78 -29.54 18.72
CA ILE B 270 6.39 -28.17 18.66
C ILE B 270 5.56 -27.77 19.87
N GLN B 271 4.86 -28.75 20.45
CA GLN B 271 4.09 -28.56 21.69
C GLN B 271 5.01 -28.26 22.88
N GLU B 272 6.14 -28.94 22.92
CA GLU B 272 7.14 -28.74 23.96
C GLU B 272 7.68 -27.34 23.79
N ILE B 273 8.08 -27.03 22.56
CA ILE B 273 8.65 -25.74 22.21
C ILE B 273 7.65 -24.61 22.51
N ASP B 274 6.41 -24.80 22.05
CA ASP B 274 5.31 -23.86 22.31
C ASP B 274 5.21 -23.56 23.80
N ALA B 275 5.06 -24.62 24.59
CA ALA B 275 4.94 -24.52 26.05
C ALA B 275 6.16 -23.85 26.72
N ALA B 276 7.34 -24.11 26.18
CA ALA B 276 8.60 -23.57 26.73
C ALA B 276 8.69 -22.07 26.54
N LEU B 277 8.24 -21.60 25.38
CA LEU B 277 8.27 -20.19 25.03
C LEU B 277 7.23 -19.43 25.81
N LYS B 278 6.06 -20.05 26.00
CA LYS B 278 5.03 -19.51 26.88
C LYS B 278 5.51 -19.38 28.31
N ARG B 279 6.13 -20.44 28.84
CA ARG B 279 6.75 -20.41 30.18
C ARG B 279 7.82 -19.32 30.29
N ALA B 280 8.82 -19.34 29.40
CA ALA B 280 9.84 -18.29 29.38
C ALA B 280 9.17 -16.92 29.38
N SER B 281 8.27 -16.72 28.42
CA SER B 281 7.47 -15.52 28.30
C SER B 281 6.91 -15.03 29.65
N LYS B 282 6.22 -15.92 30.35
CA LYS B 282 5.60 -15.66 31.66
C LYS B 282 6.63 -15.49 32.78
N THR B 283 7.88 -15.81 32.50
CA THR B 283 8.83 -15.85 33.57
C THR B 283 10.04 -14.98 33.30
N TYR B 284 11.10 -15.62 32.87
CA TYR B 284 12.38 -14.94 32.82
C TYR B 284 12.58 -14.08 31.55
N MET B 285 11.66 -14.23 30.61
CA MET B 285 11.63 -13.42 29.41
C MET B 285 10.50 -12.42 29.50
N LYS B 286 9.89 -12.32 30.67
CA LYS B 286 8.75 -11.43 30.84
C LYS B 286 9.16 -10.05 30.37
N GLY B 287 8.33 -9.44 29.53
CA GLY B 287 8.60 -8.12 29.00
C GLY B 287 9.46 -8.12 27.75
N ILE B 288 10.17 -9.22 27.51
CA ILE B 288 11.08 -9.35 26.38
C ILE B 288 10.43 -10.26 25.35
N LEU B 289 10.22 -11.52 25.75
CA LEU B 289 9.43 -12.44 24.95
C LEU B 289 7.99 -12.43 25.43
N GLY B 290 7.11 -12.16 24.48
CA GLY B 290 5.69 -12.25 24.72
C GLY B 290 5.15 -13.35 23.85
N TYR B 291 3.87 -13.62 23.99
CA TYR B 291 3.27 -14.50 23.03
C TYR B 291 1.82 -14.18 22.84
N THR B 292 1.33 -14.66 21.71
CA THR B 292 -0.08 -14.64 21.46
C THR B 292 -0.54 -16.03 21.07
N ASP B 293 -1.81 -16.28 21.33
CA ASP B 293 -2.48 -17.46 20.80
C ASP B 293 -3.74 -16.99 20.07
N GLU B 294 -3.77 -15.69 19.75
CA GLU B 294 -4.84 -15.11 18.93
C GLU B 294 -4.51 -14.95 17.44
N GLU B 295 -5.55 -14.63 16.69
CA GLU B 295 -5.47 -14.59 15.25
C GLU B 295 -4.98 -13.23 14.80
N LEU B 296 -3.77 -12.91 15.19
CA LEU B 296 -3.27 -11.55 15.03
C LEU B 296 -2.54 -11.33 13.72
N VAL B 297 -2.72 -10.14 13.19
CA VAL B 297 -2.03 -9.74 11.98
C VAL B 297 -1.11 -8.65 12.45
N SER B 298 -0.27 -8.14 11.58
CA SER B 298 0.81 -7.27 12.03
C SER B 298 0.36 -5.99 12.73
N ALA B 299 -0.80 -5.45 12.33
CA ALA B 299 -1.25 -4.20 12.93
C ALA B 299 -1.50 -4.35 14.45
N ASP B 300 -1.75 -5.57 14.86
CA ASP B 300 -2.10 -5.86 16.24
C ASP B 300 -0.89 -5.76 17.13
N PHE B 301 0.30 -5.75 16.53
CA PHE B 301 1.57 -5.71 17.24
C PHE B 301 2.16 -4.33 17.28
N ILE B 302 1.49 -3.39 16.61
CA ILE B 302 1.87 -1.99 16.69
C ILE B 302 1.79 -1.59 18.15
N ASN B 303 2.91 -1.03 18.64
CA ASN B 303 3.09 -0.55 20.01
C ASN B 303 3.26 -1.66 21.02
N ASP B 304 3.49 -2.87 20.53
CA ASP B 304 3.94 -3.92 21.40
C ASP B 304 5.36 -3.60 21.80
N ASN B 305 5.62 -3.56 23.10
CA ASN B 305 6.95 -3.19 23.56
C ASN B 305 7.85 -4.36 23.88
N ARG B 306 7.36 -5.57 23.63
CA ARG B 306 8.21 -6.74 23.70
C ARG B 306 9.15 -6.83 22.48
N SER B 307 10.19 -7.64 22.65
CA SER B 307 11.19 -7.86 21.64
C SER B 307 10.64 -8.83 20.62
N SER B 308 9.86 -9.79 21.13
CA SER B 308 9.47 -10.95 20.37
C SER B 308 8.11 -11.34 20.91
N ILE B 309 7.14 -11.45 20.03
CA ILE B 309 5.82 -11.89 20.44
C ILE B 309 5.59 -13.14 19.68
N TYR B 310 5.88 -14.25 20.34
CA TYR B 310 5.70 -15.58 19.78
C TYR B 310 4.27 -15.85 19.33
N ASP B 311 4.13 -16.32 18.10
CA ASP B 311 2.82 -16.56 17.54
C ASP B 311 2.44 -18.03 17.69
N SER B 312 1.72 -18.34 18.77
CA SER B 312 1.45 -19.72 19.09
C SER B 312 0.66 -20.43 18.01
N LYS B 313 -0.48 -19.87 17.60
CA LYS B 313 -1.31 -20.49 16.55
C LYS B 313 -0.56 -20.74 15.24
N ALA B 314 0.11 -19.72 14.71
CA ALA B 314 0.84 -19.83 13.46
C ALA B 314 1.97 -20.87 13.56
N THR B 315 2.58 -20.97 14.74
CA THR B 315 3.63 -21.93 14.97
C THR B 315 2.99 -23.32 15.09
N LEU B 316 2.09 -23.47 16.05
CA LEU B 316 1.38 -24.74 16.24
C LEU B 316 0.73 -25.30 14.98
N GLN B 317 0.15 -24.42 14.16
CA GLN B 317 -0.59 -24.86 12.96
C GLN B 317 0.25 -25.20 11.74
N ASN B 318 1.52 -24.81 11.76
CA ASN B 318 2.36 -24.81 10.55
C ASN B 318 3.66 -25.59 10.69
N ASN B 319 3.63 -26.56 11.60
CA ASN B 319 4.74 -27.48 11.83
C ASN B 319 4.36 -28.91 11.43
N LEU B 320 5.34 -29.73 11.07
CA LEU B 320 5.03 -31.09 10.62
C LEU B 320 4.37 -31.92 11.73
N PRO B 321 3.26 -32.61 11.43
CA PRO B 321 2.67 -33.45 12.49
C PRO B 321 3.70 -34.43 13.02
N LYS B 322 3.74 -34.58 14.34
CA LYS B 322 4.61 -35.56 15.06
C LYS B 322 6.12 -35.36 14.89
N GLU B 323 6.50 -34.22 14.33
CA GLU B 323 7.91 -33.95 14.01
C GLU B 323 8.71 -33.71 15.29
N ARG B 324 9.96 -34.13 15.29
CA ARG B 324 10.74 -34.20 16.50
C ARG B 324 11.97 -33.31 16.49
N ARG B 325 12.45 -32.96 15.29
CA ARG B 325 13.70 -32.20 15.17
C ARG B 325 13.57 -30.89 14.40
N PHE B 326 12.75 -30.90 13.35
CA PHE B 326 12.71 -29.86 12.34
C PHE B 326 11.49 -28.96 12.56
N PHE B 327 11.75 -27.73 12.98
CA PHE B 327 10.68 -26.87 13.49
C PHE B 327 10.70 -25.46 12.96
N LYS B 328 9.52 -24.90 12.80
CA LYS B 328 9.34 -23.48 12.49
C LYS B 328 8.73 -22.75 13.68
N ILE B 329 9.33 -21.63 14.04
CA ILE B 329 8.77 -20.75 15.06
C ILE B 329 8.55 -19.38 14.45
N VAL B 330 7.36 -18.84 14.75
CA VAL B 330 6.91 -17.54 14.23
C VAL B 330 6.83 -16.54 15.38
N SER B 331 7.57 -15.44 15.26
CA SER B 331 7.56 -14.44 16.28
C SER B 331 7.52 -13.03 15.74
N TRP B 332 6.50 -12.30 16.12
CA TRP B 332 6.38 -10.93 15.66
C TRP B 332 7.25 -9.95 16.42
N TYR B 333 7.45 -8.79 15.81
CA TYR B 333 8.01 -7.66 16.53
C TYR B 333 7.63 -6.38 15.83
N ASP B 334 7.26 -5.40 16.63
CA ASP B 334 7.20 -4.04 16.17
C ASP B 334 8.66 -3.64 16.16
N ASN B 335 9.25 -3.64 14.96
CA ASN B 335 10.66 -3.32 14.78
C ASN B 335 11.03 -1.95 15.33
N GLU B 336 10.04 -1.04 15.38
CA GLU B 336 10.29 0.31 15.88
C GLU B 336 10.16 0.42 17.39
N TRP B 337 9.04 -0.08 17.89
CA TRP B 337 8.61 0.10 19.26
C TRP B 337 9.30 -0.82 20.26
N GLY B 338 9.24 -2.12 20.03
CA GLY B 338 9.94 -3.06 20.89
C GLY B 338 11.41 -2.73 21.04
N TYR B 339 12.09 -2.55 19.92
CA TYR B 339 13.50 -2.23 19.94
C TYR B 339 13.80 -0.94 20.70
N SER B 340 12.91 0.04 20.58
CA SER B 340 13.12 1.34 21.18
C SER B 340 13.07 1.19 22.67
N HIS B 341 12.09 0.42 23.14
CA HIS B 341 12.02 0.04 24.55
C HIS B 341 13.23 -0.69 25.03
N ARG B 342 13.83 -1.53 24.18
CA ARG B 342 15.03 -2.26 24.58
C ARG B 342 16.18 -1.30 24.74
N VAL B 343 16.21 -0.26 23.90
CA VAL B 343 17.33 0.67 23.92
C VAL B 343 17.35 1.32 25.29
N VAL B 344 16.19 1.82 25.68
CA VAL B 344 15.96 2.41 26.98
C VAL B 344 16.28 1.44 28.12
N ASP B 345 15.72 0.24 28.05
CA ASP B 345 16.07 -0.87 28.94
C ASP B 345 17.56 -1.06 29.11
N LEU B 346 18.31 -1.01 28.00
CA LEU B 346 19.72 -1.27 28.02
C LEU B 346 20.46 -0.17 28.75
N VAL B 347 20.21 1.09 28.35
CA VAL B 347 20.77 2.27 28.97
C VAL B 347 20.55 2.21 30.48
N ARG B 348 19.33 1.84 30.87
CA ARG B 348 18.91 1.73 32.27
C ARG B 348 19.69 0.65 32.99
N HIS B 349 19.82 -0.53 32.36
CA HIS B 349 20.67 -1.59 32.88
C HIS B 349 22.12 -1.13 33.04
N MET B 350 22.68 -0.65 31.93
CA MET B 350 24.03 -0.12 31.93
C MET B 350 24.26 0.90 33.02
N ALA B 351 23.34 1.85 33.15
CA ALA B 351 23.37 2.89 34.17
C ALA B 351 23.32 2.34 35.59
N SER B 352 22.55 1.28 35.77
CA SER B 352 22.47 0.56 37.02
C SER B 352 23.76 -0.20 37.35
N LYS B 353 24.41 -0.76 36.34
CA LYS B 353 25.66 -1.47 36.53
C LYS B 353 26.82 -0.48 36.58
N ASP B 354 26.68 0.67 35.94
CA ASP B 354 27.72 1.67 36.00
C ASP B 354 27.79 2.23 37.41
N ARG B 355 26.60 2.46 37.97
CA ARG B 355 26.45 2.99 39.33
C ARG B 355 27.09 2.03 40.31
N SER B 356 26.64 0.77 40.28
CA SER B 356 27.16 -0.33 41.11
C SER B 356 28.67 -0.51 41.05
N ALA B 357 29.21 -0.52 39.83
CA ALA B 357 30.63 -0.80 39.58
C ALA B 357 31.63 -0.08 40.51
N ARG B 358 31.47 1.24 40.63
CA ARG B 358 32.34 2.05 41.47
C ARG B 358 31.54 2.76 42.57
N LEU B 359 31.96 2.59 43.81
CA LEU B 359 31.28 3.19 44.95
C LEU B 359 32.19 3.28 46.17
N MET C 1 22.49 13.84 -38.71
CA MET C 1 22.93 14.35 -37.41
C MET C 1 21.84 14.20 -36.36
N PRO C 2 21.95 13.15 -35.56
CA PRO C 2 21.20 13.07 -34.29
C PRO C 2 21.70 14.10 -33.28
N ILE C 3 20.77 14.69 -32.53
CA ILE C 3 21.13 15.64 -31.47
C ILE C 3 21.85 14.92 -30.34
N LYS C 4 22.94 15.52 -29.86
CA LYS C 4 23.71 14.95 -28.78
C LYS C 4 23.08 15.38 -27.47
N VAL C 5 22.58 14.40 -26.72
CA VAL C 5 21.84 14.64 -25.51
C VAL C 5 22.58 14.02 -24.35
N GLY C 6 22.60 14.74 -23.23
CA GLY C 6 23.03 14.16 -21.96
C GLY C 6 21.86 14.19 -21.01
N ILE C 7 21.74 13.14 -20.20
CA ILE C 7 20.71 13.11 -19.18
C ILE C 7 21.38 13.23 -17.83
N ASN C 8 21.19 14.37 -17.20
CA ASN C 8 21.77 14.61 -15.89
C ASN C 8 20.73 14.27 -14.85
N GLY C 9 20.92 13.12 -14.19
CA GLY C 9 19.93 12.61 -13.22
C GLY C 9 19.16 11.50 -13.87
N PHE C 10 19.58 10.28 -13.62
CA PHE C 10 19.02 9.12 -14.29
C PHE C 10 18.03 8.43 -13.35
N GLY C 11 17.07 9.19 -12.87
CA GLY C 11 16.09 8.69 -11.95
C GLY C 11 14.87 8.30 -12.73
N ARG C 12 13.72 8.44 -12.08
CA ARG C 12 12.46 8.10 -12.72
C ARG C 12 12.30 8.75 -14.11
N ILE C 13 12.60 10.04 -14.20
CA ILE C 13 12.42 10.81 -15.43
C ILE C 13 13.62 10.64 -16.35
N GLY C 14 14.82 10.80 -15.81
CA GLY C 14 16.00 10.37 -16.53
C GLY C 14 15.80 9.06 -17.26
N ARG C 15 15.25 8.05 -16.58
CA ARG C 15 15.19 6.71 -17.18
C ARG C 15 14.02 6.53 -18.12
N MET C 16 12.87 7.10 -17.77
CA MET C 16 11.69 7.00 -18.64
C MET C 16 11.84 7.85 -19.90
N VAL C 17 12.62 8.93 -19.81
CA VAL C 17 13.04 9.73 -20.98
C VAL C 17 13.83 8.81 -21.91
N PHE C 18 14.78 8.06 -21.33
CA PHE C 18 15.56 7.12 -22.10
C PHE C 18 14.67 6.03 -22.74
N GLN C 19 13.72 5.48 -21.99
CA GLN C 19 12.77 4.53 -22.53
C GLN C 19 11.94 5.13 -23.65
N ALA C 20 11.53 6.39 -23.51
CA ALA C 20 10.75 7.09 -24.54
C ALA C 20 11.55 7.14 -25.81
N LEU C 21 12.80 7.56 -25.69
CA LEU C 21 13.78 7.56 -26.77
C LEU C 21 13.85 6.26 -27.57
N CYS C 22 14.13 5.14 -26.88
CA CYS C 22 14.30 3.83 -27.53
C CYS C 22 13.03 3.30 -28.06
N GLU C 23 11.98 3.41 -27.25
CA GLU C 23 10.67 2.95 -27.64
C GLU C 23 10.22 3.63 -28.91
N ASP C 24 10.49 4.93 -29.00
CA ASP C 24 10.06 5.66 -30.18
C ASP C 24 11.00 5.52 -31.36
N GLY C 25 12.14 4.86 -31.15
CA GLY C 25 13.05 4.55 -32.23
C GLY C 25 13.90 5.74 -32.61
N LEU C 26 14.11 6.62 -31.62
CA LEU C 26 14.77 7.90 -31.76
C LEU C 26 16.25 7.82 -31.49
N LEU C 27 16.68 6.78 -30.77
CA LEU C 27 18.10 6.59 -30.45
C LEU C 27 18.92 6.28 -31.67
N GLY C 28 19.98 7.07 -31.85
CA GLY C 28 20.91 6.85 -32.93
C GLY C 28 20.46 7.47 -34.23
N THR C 29 19.24 7.98 -34.25
CA THR C 29 18.69 8.64 -35.43
C THR C 29 18.46 10.10 -35.08
N GLU C 30 17.40 10.40 -34.35
CA GLU C 30 17.16 11.79 -33.94
C GLU C 30 18.08 12.20 -32.81
N ILE C 31 18.22 11.32 -31.84
CA ILE C 31 18.87 11.67 -30.57
C ILE C 31 19.96 10.68 -30.28
N ASP C 32 21.15 11.19 -29.98
CA ASP C 32 22.22 10.37 -29.41
C ASP C 32 22.22 10.65 -27.93
N VAL C 33 22.00 9.62 -27.12
CA VAL C 33 22.17 9.79 -25.67
C VAL C 33 23.63 9.52 -25.45
N VAL C 34 24.41 10.60 -25.33
CA VAL C 34 25.88 10.47 -25.29
C VAL C 34 26.30 9.98 -23.89
N ALA C 35 25.65 10.53 -22.88
CA ALA C 35 25.93 10.18 -21.51
C ALA C 35 24.66 10.31 -20.69
N VAL C 36 24.57 9.45 -19.69
CA VAL C 36 23.62 9.65 -18.59
C VAL C 36 24.49 9.79 -17.34
N VAL C 37 24.07 10.66 -16.44
CA VAL C 37 24.81 10.83 -15.21
C VAL C 37 23.93 10.63 -13.98
N ASP C 38 24.48 9.88 -13.04
CA ASP C 38 23.91 9.68 -11.74
C ASP C 38 25.04 9.48 -10.73
N MET C 39 24.78 8.84 -9.59
CA MET C 39 25.73 8.84 -8.47
C MET C 39 27.04 8.12 -8.71
N ASN C 40 27.08 7.24 -9.72
CA ASN C 40 28.33 6.68 -10.18
C ASN C 40 28.41 6.46 -11.69
N THR C 41 29.38 5.64 -12.08
CA THR C 41 29.64 5.30 -13.45
C THR C 41 29.42 3.79 -13.65
N ASP C 42 28.88 3.12 -12.62
CA ASP C 42 28.66 1.67 -12.68
C ASP C 42 27.54 1.32 -13.65
N ALA C 43 27.92 1.12 -14.91
CA ALA C 43 26.97 0.80 -15.99
C ALA C 43 26.12 -0.45 -15.67
N GLU C 44 26.74 -1.45 -15.07
CA GLU C 44 26.00 -2.64 -14.64
C GLU C 44 24.78 -2.27 -13.80
N TYR C 45 24.96 -1.37 -12.84
CA TYR C 45 23.89 -0.92 -11.98
C TYR C 45 22.90 -0.02 -12.74
N PHE C 46 23.42 0.90 -13.56
CA PHE C 46 22.58 1.65 -14.49
C PHE C 46 21.67 0.75 -15.30
N ALA C 47 22.23 -0.33 -15.84
CA ALA C 47 21.51 -1.30 -16.65
C ALA C 47 20.46 -2.09 -15.87
N TYR C 48 20.77 -2.45 -14.63
CA TYR C 48 19.79 -3.11 -13.75
C TYR C 48 18.60 -2.19 -13.56
N GLN C 49 18.87 -0.90 -13.38
CA GLN C 49 17.84 0.07 -13.09
C GLN C 49 16.94 0.32 -14.28
N MET C 50 17.55 0.34 -15.46
CA MET C 50 16.84 0.53 -16.71
C MET C 50 16.08 -0.74 -17.03
N ARG C 51 16.66 -1.87 -16.67
CA ARG C 51 16.16 -3.15 -17.08
C ARG C 51 14.86 -3.52 -16.39
N TYR C 52 14.79 -3.23 -15.10
CA TYR C 52 13.68 -3.58 -14.28
C TYR C 52 13.06 -2.33 -13.74
N ASP C 53 11.75 -2.26 -13.85
CA ASP C 53 11.05 -1.07 -13.42
C ASP C 53 9.79 -1.52 -12.73
N THR C 54 9.68 -1.16 -11.46
CA THR C 54 8.54 -1.57 -10.67
C THR C 54 7.26 -1.22 -11.37
N VAL C 55 7.15 0.00 -11.89
CA VAL C 55 5.87 0.43 -12.44
C VAL C 55 5.73 0.16 -13.92
N HIS C 56 6.83 0.31 -14.65
CA HIS C 56 6.74 0.22 -16.09
C HIS C 56 7.14 -1.13 -16.68
N GLY C 57 7.48 -2.09 -15.83
CA GLY C 57 7.76 -3.44 -16.26
C GLY C 57 9.18 -3.56 -16.72
N LYS C 58 9.53 -4.73 -17.24
CA LYS C 58 10.84 -5.02 -17.77
C LYS C 58 11.09 -4.19 -19.02
N PHE C 59 12.23 -3.51 -19.09
CA PHE C 59 12.66 -2.84 -20.31
C PHE C 59 12.62 -3.86 -21.46
N LYS C 60 11.92 -3.50 -22.53
CA LYS C 60 11.74 -4.39 -23.69
C LYS C 60 13.02 -4.55 -24.45
N TYR C 61 13.88 -3.54 -24.36
CA TYR C 61 15.11 -3.48 -25.12
C TYR C 61 16.23 -3.98 -24.26
N GLU C 62 17.14 -4.74 -24.86
CA GLU C 62 18.27 -5.27 -24.13
C GLU C 62 19.27 -4.18 -23.80
N VAL C 63 19.72 -4.16 -22.55
CA VAL C 63 20.78 -3.25 -22.13
C VAL C 63 21.97 -4.09 -21.77
N THR C 64 23.11 -3.76 -22.36
CA THR C 64 24.38 -4.42 -22.13
C THR C 64 25.35 -3.34 -21.68
N THR C 65 26.53 -3.75 -21.21
CA THR C 65 27.55 -2.84 -20.75
C THR C 65 28.93 -3.24 -21.31
N THR C 66 29.77 -2.24 -21.55
CA THR C 66 31.16 -2.42 -21.87
C THR C 66 31.92 -1.31 -21.18
N LYS C 67 33.23 -1.29 -21.37
CA LYS C 67 34.04 -0.17 -20.93
C LYS C 67 34.30 0.75 -22.11
N SER C 68 34.23 2.06 -21.85
CA SER C 68 34.64 3.10 -22.80
C SER C 68 36.09 2.86 -23.25
N SER C 69 36.96 2.51 -22.30
CA SER C 69 38.33 2.11 -22.62
C SER C 69 38.81 1.03 -21.64
N PRO C 70 39.82 0.22 -22.06
CA PRO C 70 40.34 -0.88 -21.22
C PRO C 70 40.96 -0.40 -19.91
N SER C 71 41.32 0.89 -19.84
CA SER C 71 41.80 1.50 -18.59
C SER C 71 40.73 1.51 -17.47
N VAL C 72 39.47 1.57 -17.86
CA VAL C 72 38.36 1.69 -16.90
C VAL C 72 38.19 0.39 -16.11
N ALA C 73 37.96 0.54 -14.80
CA ALA C 73 37.95 -0.59 -13.87
C ALA C 73 36.75 -1.48 -14.08
N LYS C 74 35.60 -0.84 -14.25
CA LYS C 74 34.32 -1.51 -14.43
C LYS C 74 33.65 -0.94 -15.67
N ASP C 75 32.62 -1.62 -16.14
CA ASP C 75 31.80 -1.10 -17.22
C ASP C 75 31.22 0.25 -16.87
N ASP C 76 31.35 1.17 -17.80
CA ASP C 76 30.88 2.54 -17.59
C ASP C 76 29.98 2.96 -18.74
N THR C 77 29.65 2.02 -19.62
CA THR C 77 28.96 2.34 -20.86
C THR C 77 27.79 1.39 -20.97
N LEU C 78 26.59 1.95 -21.18
CA LEU C 78 25.41 1.17 -21.53
C LEU C 78 25.38 0.96 -23.01
N VAL C 79 24.94 -0.23 -23.42
CA VAL C 79 24.72 -0.58 -24.81
C VAL C 79 23.27 -1.05 -24.95
N VAL C 80 22.49 -0.22 -25.63
CA VAL C 80 21.09 -0.48 -25.91
C VAL C 80 20.94 -0.55 -27.42
N ASN C 81 20.64 -1.73 -27.93
CA ASN C 81 20.67 -2.01 -29.36
C ASN C 81 21.71 -1.21 -30.17
N GLY C 82 22.97 -1.44 -29.84
CA GLY C 82 24.05 -0.84 -30.59
C GLY C 82 24.43 0.53 -30.10
N HIS C 83 23.48 1.24 -29.52
CA HIS C 83 23.68 2.61 -29.06
C HIS C 83 24.46 2.62 -27.75
N ARG C 84 25.59 3.32 -27.76
CA ARG C 84 26.53 3.42 -26.64
C ARG C 84 26.29 4.68 -25.83
N ILE C 85 26.12 4.53 -24.52
CA ILE C 85 25.86 5.65 -23.63
C ILE C 85 26.82 5.58 -22.46
N LEU C 86 27.67 6.61 -22.34
CA LEU C 86 28.66 6.67 -21.26
C LEU C 86 27.96 7.04 -19.97
N CYS C 87 28.23 6.30 -18.91
CA CYS C 87 27.81 6.68 -17.57
C CYS C 87 28.87 7.60 -17.01
N VAL C 88 28.51 8.85 -16.78
CA VAL C 88 29.47 9.80 -16.22
C VAL C 88 29.14 10.07 -14.76
N LYS C 89 30.14 10.44 -13.97
CA LYS C 89 29.93 10.60 -12.52
C LYS C 89 29.19 11.92 -12.22
N ALA C 90 28.27 11.86 -11.26
CA ALA C 90 27.53 13.02 -10.82
C ALA C 90 28.48 14.14 -10.40
N GLN C 91 28.20 15.35 -10.87
CA GLN C 91 28.88 16.54 -10.38
C GLN C 91 27.90 17.31 -9.52
N ARG C 92 28.35 17.74 -8.34
CA ARG C 92 27.60 18.69 -7.53
C ARG C 92 27.32 19.99 -8.31
N ASN C 93 28.16 20.27 -9.30
CA ASN C 93 28.02 21.47 -10.10
C ASN C 93 28.01 21.13 -11.58
N PRO C 94 26.88 21.39 -12.28
CA PRO C 94 26.72 21.11 -13.69
C PRO C 94 27.84 21.69 -14.56
N ALA C 95 28.44 22.78 -14.07
CA ALA C 95 29.51 23.48 -14.78
C ALA C 95 30.75 22.60 -14.92
N ASP C 96 30.81 21.55 -14.08
CA ASP C 96 31.89 20.57 -14.15
C ASP C 96 31.56 19.34 -14.96
N LEU C 97 30.34 19.25 -15.48
CA LEU C 97 30.02 18.14 -16.40
C LEU C 97 30.88 18.28 -17.66
N PRO C 98 31.42 17.15 -18.15
CA PRO C 98 32.21 17.24 -19.37
C PRO C 98 31.39 17.34 -20.64
N TRP C 99 30.32 18.13 -20.64
CA TRP C 99 29.49 18.25 -21.84
C TRP C 99 30.26 18.62 -23.10
N GLY C 100 31.06 19.67 -23.00
CA GLY C 100 31.85 20.17 -24.13
C GLY C 100 32.73 19.10 -24.76
N LYS C 101 33.48 18.40 -23.91
CA LYS C 101 34.33 17.29 -24.34
C LYS C 101 33.48 16.24 -25.05
N LEU C 102 32.35 15.88 -24.44
CA LEU C 102 31.45 14.82 -24.91
C LEU C 102 30.73 15.14 -26.20
N GLY C 103 30.60 16.43 -26.50
CA GLY C 103 29.83 16.87 -27.67
C GLY C 103 28.34 16.93 -27.39
N VAL C 104 27.98 16.81 -26.10
CA VAL C 104 26.59 16.90 -25.66
C VAL C 104 26.11 18.33 -25.86
N GLU C 105 25.04 18.48 -26.63
CA GLU C 105 24.52 19.77 -26.97
C GLU C 105 23.29 20.10 -26.11
N TYR C 106 22.44 19.10 -25.91
CA TYR C 106 21.25 19.23 -25.10
C TYR C 106 21.39 18.45 -23.81
N VAL C 107 21.16 19.13 -22.69
CA VAL C 107 21.14 18.40 -21.42
C VAL C 107 19.71 18.36 -20.91
N ILE C 108 19.22 17.14 -20.70
CA ILE C 108 18.02 16.96 -19.93
C ILE C 108 18.47 17.03 -18.48
N GLU C 109 17.99 18.06 -17.79
CA GLU C 109 18.34 18.27 -16.41
C GLU C 109 17.25 17.65 -15.53
N SER C 110 17.52 16.45 -15.04
CA SER C 110 16.50 15.69 -14.34
C SER C 110 16.99 15.20 -12.98
N THR C 111 17.86 15.97 -12.33
CA THR C 111 18.31 15.63 -10.97
C THR C 111 17.30 16.09 -9.94
N GLY C 112 16.56 17.14 -10.26
CA GLY C 112 15.73 17.81 -9.28
C GLY C 112 16.52 18.84 -8.49
N LEU C 113 17.79 19.04 -8.84
CA LEU C 113 18.70 19.86 -8.01
C LEU C 113 19.20 21.15 -8.70
N PHE C 114 19.05 21.22 -10.02
CA PHE C 114 19.51 22.36 -10.80
C PHE C 114 18.33 22.93 -11.60
N THR C 115 17.35 23.30 -10.81
CA THR C 115 16.03 23.69 -11.24
C THR C 115 16.07 25.22 -11.22
N ALA C 116 17.04 25.78 -10.49
CA ALA C 116 17.30 27.22 -10.59
C ALA C 116 17.96 27.50 -11.93
N LYS C 117 17.40 28.40 -12.73
CA LYS C 117 17.99 28.68 -14.04
C LYS C 117 19.50 28.88 -13.96
N ALA C 118 19.97 29.68 -13.01
CA ALA C 118 21.42 29.98 -12.90
C ALA C 118 22.27 28.73 -12.65
N ALA C 119 21.67 27.74 -12.02
CA ALA C 119 22.36 26.53 -11.64
C ALA C 119 22.38 25.59 -12.83
N ALA C 120 21.28 25.60 -13.58
CA ALA C 120 21.12 24.78 -14.77
C ALA C 120 22.02 25.29 -15.91
N GLU C 121 22.16 26.61 -15.98
CA GLU C 121 23.14 27.26 -16.85
C GLU C 121 24.56 26.72 -16.63
N GLY C 122 24.78 26.05 -15.50
CA GLY C 122 26.01 25.31 -15.25
C GLY C 122 26.33 24.38 -16.38
N HIS C 123 25.32 23.69 -16.89
CA HIS C 123 25.48 22.81 -18.05
C HIS C 123 25.99 23.54 -19.26
N LEU C 124 25.66 24.82 -19.38
CA LEU C 124 26.09 25.65 -20.48
C LEU C 124 27.57 25.99 -20.33
N ARG C 125 27.98 26.34 -19.11
CA ARG C 125 29.38 26.45 -18.74
C ARG C 125 30.11 25.14 -19.01
N GLY C 126 29.41 24.03 -18.76
CA GLY C 126 29.96 22.71 -18.98
C GLY C 126 30.12 22.36 -20.44
N GLY C 127 29.62 23.21 -21.33
CA GLY C 127 29.78 23.01 -22.77
C GLY C 127 28.49 22.69 -23.53
N ALA C 128 27.41 22.47 -22.80
CA ALA C 128 26.13 22.27 -23.45
C ALA C 128 25.64 23.57 -24.08
N ARG C 129 24.74 23.44 -25.04
CA ARG C 129 24.14 24.60 -25.68
C ARG C 129 22.79 24.85 -25.10
N LYS C 130 22.09 23.77 -24.76
CA LYS C 130 20.71 23.83 -24.32
C LYS C 130 20.45 22.96 -23.11
N VAL C 131 19.62 23.47 -22.19
CA VAL C 131 19.17 22.69 -21.03
C VAL C 131 17.67 22.64 -21.00
N VAL C 132 17.12 21.43 -20.90
CA VAL C 132 15.71 21.24 -20.62
C VAL C 132 15.67 20.81 -19.16
N ILE C 133 15.20 21.70 -18.29
CA ILE C 133 14.96 21.33 -16.89
C ILE C 133 13.65 20.55 -16.86
N SER C 134 13.72 19.37 -16.25
CA SER C 134 12.61 18.43 -16.29
C SER C 134 11.68 18.67 -15.10
N ALA C 135 11.44 19.93 -14.79
CA ALA C 135 10.68 20.35 -13.62
C ALA C 135 10.39 21.83 -13.82
N PRO C 136 9.52 22.41 -12.97
CA PRO C 136 9.47 23.86 -12.97
C PRO C 136 10.85 24.40 -12.62
N ALA C 137 11.20 25.50 -13.27
CA ALA C 137 12.46 26.18 -13.02
C ALA C 137 12.18 27.51 -12.33
N SER C 138 13.13 27.94 -11.51
CA SER C 138 13.09 29.26 -10.93
C SER C 138 14.15 30.12 -11.63
N GLY C 139 14.07 31.45 -11.45
CA GLY C 139 15.06 32.33 -12.03
C GLY C 139 14.84 32.67 -13.49
N GLY C 140 13.63 32.49 -13.99
CA GLY C 140 13.26 33.03 -15.31
C GLY C 140 13.43 32.12 -16.52
N ALA C 141 13.59 30.82 -16.30
CA ALA C 141 13.64 29.86 -17.41
C ALA C 141 12.30 29.84 -18.12
N LYS C 142 12.33 30.01 -19.45
CA LYS C 142 11.13 29.87 -20.25
C LYS C 142 10.51 28.50 -19.99
N THR C 143 9.24 28.50 -19.62
CA THR C 143 8.49 27.27 -19.44
C THR C 143 7.71 26.98 -20.72
N LEU C 144 7.81 25.73 -21.13
CA LEU C 144 7.25 25.27 -22.38
C LEU C 144 6.49 24.00 -22.09
N VAL C 145 5.27 23.94 -22.60
CA VAL C 145 4.46 22.75 -22.47
C VAL C 145 4.11 22.36 -23.90
N MET C 146 4.46 21.13 -24.25
CA MET C 146 4.21 20.64 -25.58
C MET C 146 2.72 20.66 -25.85
N GLY C 147 2.37 21.25 -26.97
CA GLY C 147 0.99 21.26 -27.41
C GLY C 147 0.24 22.47 -26.91
N VAL C 148 0.91 23.31 -26.13
CA VAL C 148 0.29 24.47 -25.50
C VAL C 148 0.98 25.78 -25.87
N ASN C 149 2.27 25.90 -25.53
CA ASN C 149 3.04 27.12 -25.78
C ASN C 149 4.43 26.82 -26.29
N HIS C 150 4.71 25.57 -26.70
CA HIS C 150 6.08 25.20 -27.07
C HIS C 150 6.62 25.91 -28.31
N HIS C 151 5.72 26.41 -29.18
CA HIS C 151 6.16 27.20 -30.33
C HIS C 151 6.72 28.57 -29.94
N GLU C 152 6.53 28.95 -28.68
CA GLU C 152 7.11 30.17 -28.13
C GLU C 152 8.61 30.05 -27.89
N TYR C 153 9.14 28.84 -28.07
CA TYR C 153 10.56 28.62 -27.93
C TYR C 153 11.36 29.42 -28.96
N ASN C 154 12.31 30.16 -28.41
CA ASN C 154 13.16 31.04 -29.17
C ASN C 154 14.62 30.60 -29.03
N PRO C 155 15.17 29.96 -30.09
CA PRO C 155 16.55 29.51 -30.12
C PRO C 155 17.58 30.55 -29.63
N SER C 156 17.49 31.78 -30.12
CA SER C 156 18.47 32.81 -29.75
C SER C 156 18.35 33.25 -28.29
N GLU C 157 17.22 32.92 -27.66
CA GLU C 157 16.81 33.52 -26.39
C GLU C 157 16.72 32.50 -25.25
N HIS C 158 16.18 31.32 -25.56
CA HIS C 158 15.90 30.32 -24.53
C HIS C 158 16.91 29.19 -24.57
N HIS C 159 17.85 29.18 -23.63
CA HIS C 159 18.90 28.16 -23.65
C HIS C 159 18.71 27.18 -22.53
N VAL C 160 18.18 27.67 -21.43
CA VAL C 160 17.78 26.84 -20.31
C VAL C 160 16.27 27.06 -20.20
N VAL C 161 15.54 25.97 -20.41
CA VAL C 161 14.10 26.00 -20.36
C VAL C 161 13.60 24.97 -19.38
N SER C 162 12.34 25.16 -19.01
CA SER C 162 11.64 24.22 -18.19
C SER C 162 10.58 23.58 -19.06
N ASN C 163 10.48 22.27 -18.92
CA ASN C 163 9.37 21.55 -19.51
C ASN C 163 8.19 21.47 -18.54
N ALA C 164 8.28 22.24 -17.46
CA ALA C 164 7.23 22.38 -16.47
C ALA C 164 7.19 21.15 -15.56
N SER C 165 6.08 20.99 -14.85
CA SER C 165 5.87 19.85 -14.00
C SER C 165 4.97 18.86 -14.71
N CCS C 166 4.93 17.64 -14.20
CA CCS C 166 4.05 16.62 -14.73
CB CCS C 166 4.21 15.34 -13.90
SG CCS C 166 3.86 15.49 -12.16
CD CCS C 166 5.35 15.07 -11.34
CE CCS C 166 6.31 16.22 -11.10
OZ1 CCS C 166 6.41 17.13 -11.95
OZ2 CCS C 166 6.97 16.20 -10.02
C CCS C 166 2.65 17.14 -14.65
O CCS C 166 1.84 16.91 -15.55
N THR C 167 2.37 17.84 -13.57
CA THR C 167 1.04 18.36 -13.31
C THR C 167 0.60 19.47 -14.24
N THR C 168 1.48 20.46 -14.47
CA THR C 168 1.17 21.51 -15.42
C THR C 168 0.96 20.94 -16.81
N ASN C 169 1.77 19.96 -17.16
CA ASN C 169 1.56 19.21 -18.39
C ASN C 169 0.23 18.50 -18.50
N CYS C 170 -0.34 18.09 -17.37
CA CYS C 170 -1.71 17.59 -17.36
C CYS C 170 -2.72 18.73 -17.51
N LEU C 171 -2.52 19.79 -16.73
CA LEU C 171 -3.50 20.86 -16.62
C LEU C 171 -3.53 21.70 -17.87
N ALA C 172 -2.37 22.25 -18.23
CA ALA C 172 -2.22 23.23 -19.30
C ALA C 172 -2.93 22.89 -20.61
N PRO C 173 -2.87 21.61 -21.07
CA PRO C 173 -3.60 21.24 -22.28
C PRO C 173 -5.10 21.37 -22.19
N ILE C 174 -5.67 21.04 -21.03
CA ILE C 174 -7.09 21.24 -20.77
C ILE C 174 -7.43 22.74 -20.79
N VAL C 175 -6.66 23.52 -20.05
CA VAL C 175 -6.88 24.95 -19.92
C VAL C 175 -6.67 25.58 -21.27
N HIS C 176 -5.67 25.07 -21.99
CA HIS C 176 -5.38 25.56 -23.32
C HIS C 176 -6.55 25.42 -24.28
N VAL C 177 -7.17 24.24 -24.25
CA VAL C 177 -8.35 23.93 -25.05
C VAL C 177 -9.48 24.84 -24.65
N LEU C 178 -9.62 25.06 -23.36
CA LEU C 178 -10.69 25.90 -22.83
C LEU C 178 -10.52 27.32 -23.26
N VAL C 179 -9.28 27.78 -23.33
CA VAL C 179 -8.98 29.16 -23.73
C VAL C 179 -9.05 29.31 -25.26
N LYS C 180 -8.32 28.47 -25.98
CA LYS C 180 -8.32 28.43 -27.45
C LYS C 180 -9.74 28.39 -28.03
N GLU C 181 -10.60 27.57 -27.44
CA GLU C 181 -11.94 27.37 -27.98
C GLU C 181 -12.91 28.46 -27.55
N GLY C 182 -12.49 29.31 -26.64
CA GLY C 182 -13.33 30.41 -26.16
C GLY C 182 -14.29 30.08 -25.05
N PHE C 183 -14.10 28.93 -24.38
CA PHE C 183 -14.84 28.65 -23.16
C PHE C 183 -14.36 29.64 -22.12
N GLY C 184 -13.04 29.87 -22.14
CA GLY C 184 -12.37 30.81 -21.24
C GLY C 184 -12.23 30.22 -19.85
N VAL C 185 -11.35 30.81 -19.05
CA VAL C 185 -11.23 30.48 -17.65
C VAL C 185 -11.22 31.78 -16.88
N GLN C 186 -12.28 31.99 -16.11
CA GLN C 186 -12.41 33.16 -15.29
C GLN C 186 -11.55 32.94 -14.02
N THR C 187 -11.88 31.87 -13.29
CA THR C 187 -11.14 31.44 -12.12
C THR C 187 -11.01 29.93 -12.23
N GLY C 188 -9.93 29.39 -11.69
CA GLY C 188 -9.75 27.95 -11.63
C GLY C 188 -8.99 27.49 -10.41
N LEU C 189 -9.48 26.44 -9.76
CA LEU C 189 -8.69 25.78 -8.72
C LEU C 189 -8.61 24.32 -9.08
N MET C 190 -7.41 23.77 -9.04
CA MET C 190 -7.28 22.38 -9.37
C MET C 190 -6.81 21.68 -8.13
N THR C 191 -7.09 20.40 -8.05
CA THR C 191 -6.42 19.54 -7.13
C THR C 191 -5.82 18.44 -7.95
N THR C 192 -4.57 18.09 -7.67
CA THR C 192 -4.05 16.85 -8.22
C THR C 192 -3.95 15.76 -7.15
N ILE C 193 -4.52 14.60 -7.47
CA ILE C 193 -4.34 13.39 -6.70
C ILE C 193 -3.12 12.74 -7.32
N HIS C 194 -2.06 12.68 -6.53
CA HIS C 194 -0.74 12.55 -7.07
C HIS C 194 -0.06 11.36 -6.47
N SER C 195 0.52 10.53 -7.32
CA SER C 195 1.35 9.42 -6.87
C SER C 195 2.51 9.94 -6.08
N TYR C 196 2.98 9.15 -5.13
CA TYR C 196 4.15 9.57 -4.39
C TYR C 196 5.33 9.54 -5.35
N THR C 197 6.38 10.25 -4.96
CA THR C 197 7.54 10.40 -5.83
C THR C 197 8.78 10.17 -4.99
N ALA C 198 9.95 10.33 -5.62
CA ALA C 198 11.24 10.06 -4.99
C ALA C 198 11.57 10.97 -3.84
N THR C 199 10.97 12.15 -3.78
CA THR C 199 11.27 13.09 -2.71
C THR C 199 10.55 12.69 -1.44
N GLN C 200 9.60 11.78 -1.57
CA GLN C 200 8.83 11.37 -0.42
C GLN C 200 9.53 10.28 0.36
N LYS C 201 9.01 10.02 1.54
CA LYS C 201 9.63 9.11 2.46
C LYS C 201 8.77 7.88 2.68
N THR C 202 9.43 6.74 2.87
CA THR C 202 8.75 5.47 3.09
C THR C 202 8.12 5.47 4.49
N VAL C 203 8.87 5.97 5.46
CA VAL C 203 8.43 6.10 6.85
C VAL C 203 8.57 7.57 7.27
N ASP C 204 7.85 8.01 8.31
CA ASP C 204 7.93 9.40 8.76
C ASP C 204 9.38 9.74 8.90
N GLY C 205 9.83 10.70 8.11
CA GLY C 205 11.22 11.07 8.07
C GLY C 205 11.29 12.57 8.17
N VAL C 206 12.50 13.08 8.01
CA VAL C 206 12.78 14.49 8.10
C VAL C 206 12.55 15.15 6.75
N SER C 207 11.82 16.26 6.79
CA SER C 207 11.52 17.03 5.61
C SER C 207 11.18 18.43 6.09
N VAL C 208 12.18 19.05 6.70
CA VAL C 208 12.11 20.43 7.22
C VAL C 208 11.38 21.41 6.29
N LYS C 209 11.58 21.31 4.98
CA LYS C 209 10.94 22.24 4.03
C LYS C 209 9.52 21.83 3.57
N ASP C 210 9.10 20.63 3.98
CA ASP C 210 7.79 20.12 3.64
C ASP C 210 7.40 19.08 4.68
N TRP C 211 6.89 19.56 5.82
CA TRP C 211 6.62 18.69 6.97
C TRP C 211 5.76 17.47 6.63
N ARG C 212 4.71 17.71 5.87
CA ARG C 212 3.77 16.68 5.45
C ARG C 212 4.41 15.68 4.50
N GLY C 213 5.30 16.21 3.65
CA GLY C 213 6.03 15.41 2.67
C GLY C 213 7.07 14.52 3.34
N GLY C 214 7.36 14.80 4.61
CA GLY C 214 8.21 13.91 5.40
C GLY C 214 7.44 12.66 5.80
N ARG C 215 6.13 12.76 5.87
CA ARG C 215 5.35 11.65 6.39
C ARG C 215 5.30 10.41 5.47
N ALA C 216 5.07 9.25 6.06
CA ALA C 216 5.13 8.00 5.31
C ALA C 216 4.23 8.07 4.06
N ALA C 217 4.86 7.99 2.90
CA ALA C 217 4.20 8.27 1.61
C ALA C 217 3.12 7.27 1.23
N ALA C 218 3.39 5.98 1.46
CA ALA C 218 2.52 4.95 0.97
C ALA C 218 1.42 4.51 1.96
N VAL C 219 1.27 5.25 3.06
CA VAL C 219 0.19 4.98 4.02
C VAL C 219 -0.63 6.21 4.38
N ASN C 220 -0.44 7.28 3.62
CA ASN C 220 -1.08 8.54 3.93
C ASN C 220 -1.56 9.21 2.67
N ILE C 221 -2.63 10.00 2.82
CA ILE C 221 -2.96 11.08 1.91
C ILE C 221 -2.22 12.30 2.45
N ILE C 222 -1.40 12.90 1.62
CA ILE C 222 -0.48 13.94 2.12
C ILE C 222 -0.73 15.19 1.30
N PRO C 223 -1.45 16.17 1.88
CA PRO C 223 -1.64 17.42 1.14
C PRO C 223 -0.31 18.13 0.84
N SER C 224 -0.33 18.90 -0.24
CA SER C 224 0.78 19.68 -0.66
C SER C 224 0.31 20.85 -1.51
N THR C 225 1.03 21.95 -1.38
CA THR C 225 0.91 23.06 -2.29
C THR C 225 1.48 22.54 -3.59
N THR C 226 1.11 23.17 -4.68
CA THR C 226 1.78 22.98 -5.95
C THR C 226 1.75 24.28 -6.73
N GLY C 227 2.78 24.52 -7.54
CA GLY C 227 2.83 25.69 -8.40
C GLY C 227 2.21 25.41 -9.75
N ALA C 228 1.77 24.16 -9.92
CA ALA C 228 1.27 23.62 -11.18
C ALA C 228 0.15 24.42 -11.86
N ALA C 229 -0.90 24.76 -11.12
CA ALA C 229 -2.01 25.49 -11.69
C ALA C 229 -1.65 26.97 -11.92
N LYS C 230 -1.00 27.56 -10.92
CA LYS C 230 -0.38 28.87 -11.07
C LYS C 230 0.56 28.93 -12.27
N ALA C 231 1.36 27.89 -12.49
CA ALA C 231 2.37 27.87 -13.56
C ALA C 231 1.74 27.95 -14.96
N VAL C 232 0.48 27.53 -15.07
CA VAL C 232 -0.27 27.63 -16.30
C VAL C 232 -0.30 29.08 -16.76
N GLY C 233 -0.26 30.01 -15.80
CA GLY C 233 -0.27 31.45 -16.06
C GLY C 233 0.99 32.00 -16.71
N MET C 234 2.07 31.22 -16.73
CA MET C 234 3.27 31.57 -17.50
C MET C 234 3.11 31.00 -18.90
N VAL C 235 2.51 29.81 -18.95
CA VAL C 235 2.33 29.04 -20.18
C VAL C 235 1.14 29.54 -21.00
N ILE C 236 0.07 29.92 -20.32
CA ILE C 236 -1.09 30.54 -20.95
C ILE C 236 -1.32 31.86 -20.23
N PRO C 237 -0.55 32.90 -20.61
CA PRO C 237 -0.53 34.14 -19.84
C PRO C 237 -1.90 34.80 -19.55
N SER C 238 -2.92 34.48 -20.35
CA SER C 238 -4.27 35.00 -20.10
C SER C 238 -4.86 34.47 -18.80
N THR C 239 -4.25 33.41 -18.25
CA THR C 239 -4.75 32.74 -17.04
C THR C 239 -3.89 33.07 -15.80
N GLN C 240 -2.96 34.01 -15.99
CA GLN C 240 -2.14 34.54 -14.92
C GLN C 240 -3.01 35.09 -13.79
N GLY C 241 -2.73 34.64 -12.57
CA GLY C 241 -3.50 35.02 -11.39
C GLY C 241 -4.86 34.36 -11.24
N LYS C 242 -5.27 33.55 -12.21
CA LYS C 242 -6.62 33.00 -12.23
C LYS C 242 -6.70 31.52 -11.84
N LEU C 243 -5.58 30.83 -11.76
CA LEU C 243 -5.57 29.41 -11.40
C LEU C 243 -4.54 29.20 -10.32
N THR C 244 -4.92 28.53 -9.24
CA THR C 244 -3.96 27.86 -8.39
C THR C 244 -4.50 26.46 -8.06
N GLY C 245 -3.79 25.73 -7.20
CA GLY C 245 -4.30 24.45 -6.78
C GLY C 245 -3.37 23.80 -5.79
N MET C 246 -3.67 22.54 -5.48
CA MET C 246 -2.90 21.81 -4.51
C MET C 246 -2.79 20.36 -4.93
N SER C 247 -2.02 19.61 -4.14
CA SER C 247 -1.76 18.23 -4.40
C SER C 247 -2.19 17.45 -3.19
N PHE C 248 -2.75 16.27 -3.43
CA PHE C 248 -2.83 15.24 -2.41
C PHE C 248 -1.96 14.12 -2.92
N ARG C 249 -0.86 13.87 -2.21
CA ARG C 249 0.04 12.77 -2.54
C ARG C 249 -0.54 11.56 -1.85
N VAL C 250 -0.85 10.55 -2.64
CA VAL C 250 -1.52 9.35 -2.16
C VAL C 250 -0.65 8.13 -2.48
N PRO C 251 -0.94 7.00 -1.81
CA PRO C 251 -0.12 5.82 -1.92
C PRO C 251 -0.27 5.05 -3.23
N THR C 252 0.19 5.66 -4.31
CA THR C 252 0.47 4.93 -5.56
C THR C 252 1.84 5.37 -6.05
N PRO C 253 2.65 4.44 -6.61
CA PRO C 253 4.01 4.82 -7.07
C PRO C 253 4.02 5.55 -8.42
N ASP C 254 2.93 5.52 -9.16
CA ASP C 254 2.84 6.23 -10.42
C ASP C 254 1.41 6.44 -10.88
N VAL C 255 1.23 7.49 -11.69
CA VAL C 255 -0.02 7.91 -12.29
C VAL C 255 -0.70 8.89 -11.35
N SER C 256 -1.17 10.00 -11.92
CA SER C 256 -1.84 11.00 -11.13
C SER C 256 -3.07 11.53 -11.85
N VAL C 257 -3.84 12.35 -11.16
CA VAL C 257 -5.05 12.88 -11.76
C VAL C 257 -5.28 14.31 -11.32
N VAL C 258 -5.62 15.14 -12.30
CA VAL C 258 -5.94 16.53 -12.10
C VAL C 258 -7.44 16.62 -11.96
N ASP C 259 -7.85 17.35 -10.95
CA ASP C 259 -9.23 17.57 -10.70
C ASP C 259 -9.40 19.08 -10.80
N LEU C 260 -9.75 19.55 -11.99
CA LEU C 260 -9.86 20.98 -12.25
C LEU C 260 -11.26 21.48 -12.02
N THR C 261 -11.40 22.47 -11.15
CA THR C 261 -12.68 23.15 -10.98
C THR C 261 -12.49 24.61 -11.39
N PHE C 262 -13.32 25.07 -12.30
CA PHE C 262 -13.17 26.39 -12.87
C PHE C 262 -14.52 26.98 -13.23
N THR C 263 -14.52 28.29 -13.36
CA THR C 263 -15.60 29.03 -13.97
C THR C 263 -15.17 29.42 -15.39
N ALA C 264 -16.00 29.02 -16.35
CA ALA C 264 -15.85 29.43 -17.74
C ALA C 264 -16.14 30.92 -17.85
N ALA C 265 -15.58 31.55 -18.88
CA ALA C 265 -15.76 32.99 -19.17
C ALA C 265 -17.05 33.26 -19.97
N ARG C 266 -17.79 32.21 -20.29
CA ARG C 266 -19.08 32.35 -20.93
C ARG C 266 -19.90 31.12 -20.56
N ASP C 267 -21.21 31.22 -20.73
CA ASP C 267 -22.11 30.11 -20.54
C ASP C 267 -21.73 28.93 -21.42
N THR C 268 -21.63 27.77 -20.79
CA THR C 268 -21.33 26.52 -21.48
C THR C 268 -22.15 25.42 -20.85
N SER C 269 -21.63 24.20 -21.00
CA SER C 269 -22.16 23.01 -20.38
C SER C 269 -20.99 22.04 -20.40
N ILE C 270 -20.97 21.10 -19.46
CA ILE C 270 -19.91 20.12 -19.44
C ILE C 270 -19.89 19.19 -20.68
N GLN C 271 -21.05 19.00 -21.31
CA GLN C 271 -21.16 18.26 -22.57
C GLN C 271 -20.41 18.99 -23.68
N GLU C 272 -20.43 20.32 -23.61
CA GLU C 272 -19.77 21.14 -24.62
C GLU C 272 -18.27 21.17 -24.39
N ILE C 273 -17.87 21.36 -23.14
CA ILE C 273 -16.49 21.16 -22.70
C ILE C 273 -16.02 19.74 -23.11
N ASP C 274 -16.78 18.73 -22.70
CA ASP C 274 -16.44 17.36 -22.99
C ASP C 274 -16.22 17.17 -24.48
N ALA C 275 -17.18 17.64 -25.28
CA ALA C 275 -17.12 17.57 -26.74
C ALA C 275 -15.87 18.18 -27.29
N ALA C 276 -15.51 19.35 -26.74
CA ALA C 276 -14.37 20.15 -27.18
C ALA C 276 -13.04 19.53 -26.82
N LEU C 277 -12.94 18.93 -25.65
CA LEU C 277 -11.73 18.20 -25.22
C LEU C 277 -11.43 16.98 -26.07
N LYS C 278 -12.48 16.29 -26.48
CA LYS C 278 -12.34 15.09 -27.30
C LYS C 278 -11.90 15.46 -28.71
N ARG C 279 -12.50 16.52 -29.23
CA ARG C 279 -12.26 17.03 -30.56
C ARG C 279 -10.82 17.56 -30.68
N ALA C 280 -10.40 18.31 -29.67
CA ALA C 280 -9.03 18.76 -29.58
C ALA C 280 -8.07 17.57 -29.51
N SER C 281 -8.46 16.49 -28.84
CA SER C 281 -7.54 15.38 -28.56
C SER C 281 -7.24 14.61 -29.81
N LYS C 282 -8.17 14.66 -30.76
CA LYS C 282 -8.09 13.99 -32.04
C LYS C 282 -7.43 14.85 -33.08
N THR C 283 -7.26 16.14 -32.75
CA THR C 283 -6.85 17.13 -33.70
C THR C 283 -5.63 17.88 -33.16
N TYR C 284 -5.77 19.14 -32.80
CA TYR C 284 -4.57 19.96 -32.54
C TYR C 284 -3.84 19.61 -31.25
N MET C 285 -4.49 18.82 -30.39
CA MET C 285 -3.89 18.40 -29.11
C MET C 285 -3.52 16.93 -29.09
N LYS C 286 -3.60 16.29 -30.27
CA LYS C 286 -3.32 14.86 -30.47
C LYS C 286 -1.94 14.48 -29.97
N GLY C 287 -1.85 13.40 -29.20
CA GLY C 287 -0.59 13.00 -28.57
C GLY C 287 -0.30 13.73 -27.26
N ILE C 288 -0.92 14.88 -27.05
CA ILE C 288 -0.73 15.64 -25.83
C ILE C 288 -1.90 15.46 -24.89
N LEU C 289 -3.08 15.78 -25.40
CA LEU C 289 -4.29 15.54 -24.68
C LEU C 289 -4.92 14.29 -25.27
N GLY C 290 -5.34 13.39 -24.39
CA GLY C 290 -6.10 12.24 -24.81
C GLY C 290 -7.39 12.18 -24.04
N TYR C 291 -8.22 11.19 -24.34
CA TYR C 291 -9.38 11.04 -23.49
C TYR C 291 -9.73 9.60 -23.32
N THR C 292 -10.42 9.34 -22.24
CA THR C 292 -11.04 8.06 -22.07
C THR C 292 -12.50 8.30 -21.81
N ASP C 293 -13.33 7.36 -22.27
CA ASP C 293 -14.72 7.24 -21.84
C ASP C 293 -14.94 5.86 -21.28
N GLU C 294 -13.86 5.21 -20.92
CA GLU C 294 -13.93 3.94 -20.23
C GLU C 294 -13.79 4.12 -18.71
N GLU C 295 -14.07 3.03 -18.00
CA GLU C 295 -14.13 3.03 -16.54
C GLU C 295 -12.73 2.73 -15.99
N LEU C 296 -11.84 3.68 -16.27
CA LEU C 296 -10.45 3.53 -15.96
C LEU C 296 -10.08 3.95 -14.53
N VAL C 297 -9.08 3.26 -14.01
CA VAL C 297 -8.47 3.56 -12.72
C VAL C 297 -7.03 3.86 -13.05
N SER C 298 -6.27 4.32 -12.07
CA SER C 298 -4.93 4.84 -12.35
C SER C 298 -3.99 3.85 -13.06
N ALA C 299 -4.06 2.57 -12.66
CA ALA C 299 -3.25 1.50 -13.26
C ALA C 299 -3.34 1.53 -14.79
N ASP C 300 -4.49 1.98 -15.28
CA ASP C 300 -4.81 1.92 -16.70
C ASP C 300 -4.12 2.99 -17.50
N PHE C 301 -3.63 4.01 -16.82
CA PHE C 301 -2.91 5.11 -17.47
C PHE C 301 -1.39 4.91 -17.42
N ILE C 302 -0.95 3.86 -16.71
CA ILE C 302 0.48 3.49 -16.67
C ILE C 302 0.93 3.24 -18.08
N ASN C 303 1.93 4.02 -18.52
CA ASN C 303 2.52 3.91 -19.86
C ASN C 303 1.77 4.65 -20.95
N ASP C 304 0.81 5.49 -20.56
CA ASP C 304 0.12 6.34 -21.50
C ASP C 304 1.03 7.54 -21.82
N ASN C 305 1.34 7.70 -23.11
CA ASN C 305 2.30 8.72 -23.59
C ASN C 305 1.76 10.16 -23.55
N ARG C 306 0.46 10.31 -23.28
CA ARG C 306 -0.15 11.65 -23.27
C ARG C 306 0.15 12.46 -22.00
N SER C 307 0.08 13.78 -22.11
CA SER C 307 0.26 14.66 -20.98
C SER C 307 -0.98 14.71 -20.08
N SER C 308 -2.12 14.37 -20.66
CA SER C 308 -3.40 14.65 -20.07
C SER C 308 -4.34 13.70 -20.76
N ILE C 309 -4.96 12.82 -19.99
CA ILE C 309 -5.94 11.93 -20.57
C ILE C 309 -7.21 12.24 -19.89
N TYR C 310 -8.02 13.01 -20.59
CA TYR C 310 -9.28 13.49 -20.08
C TYR C 310 -10.24 12.33 -19.82
N ASP C 311 -10.72 12.29 -18.59
CA ASP C 311 -11.67 11.29 -18.14
C ASP C 311 -13.07 11.79 -18.40
N SER C 312 -13.59 11.44 -19.58
CA SER C 312 -14.89 11.88 -19.99
C SER C 312 -16.01 11.41 -19.09
N LYS C 313 -15.97 10.15 -18.65
CA LYS C 313 -17.03 9.62 -17.77
C LYS C 313 -17.00 10.24 -16.37
N ALA C 314 -15.81 10.31 -15.74
CA ALA C 314 -15.69 10.96 -14.42
C ALA C 314 -16.12 12.44 -14.46
N THR C 315 -15.77 13.12 -15.54
CA THR C 315 -16.20 14.49 -15.76
C THR C 315 -17.70 14.64 -15.97
N LEU C 316 -18.21 13.92 -16.96
CA LEU C 316 -19.59 14.04 -17.37
C LEU C 316 -20.54 13.63 -16.27
N GLN C 317 -20.12 12.69 -15.42
CA GLN C 317 -20.97 12.17 -14.36
C GLN C 317 -20.95 12.99 -13.10
N ASN C 318 -19.94 13.84 -12.94
CA ASN C 318 -19.76 14.49 -11.66
C ASN C 318 -19.79 16.01 -11.73
N ASN C 319 -20.69 16.50 -12.57
CA ASN C 319 -20.88 17.94 -12.72
C ASN C 319 -22.30 18.33 -12.39
N LEU C 320 -22.53 19.62 -12.19
CA LEU C 320 -23.86 20.13 -11.92
C LEU C 320 -24.71 20.05 -13.18
N PRO C 321 -25.89 19.36 -13.10
CA PRO C 321 -26.81 19.35 -14.22
C PRO C 321 -27.33 20.77 -14.54
N LYS C 322 -27.25 21.14 -15.83
CA LYS C 322 -27.67 22.46 -16.33
C LYS C 322 -26.72 23.60 -15.97
N GLU C 323 -25.56 23.25 -15.41
CA GLU C 323 -24.55 24.25 -15.03
C GLU C 323 -23.97 24.91 -16.26
N ARG C 324 -23.79 26.22 -16.17
CA ARG C 324 -23.35 27.04 -17.29
C ARG C 324 -21.90 27.55 -17.15
N ARG C 325 -21.44 27.67 -15.91
CA ARG C 325 -20.16 28.32 -15.66
C ARG C 325 -19.16 27.50 -14.87
N PHE C 326 -19.69 26.74 -13.93
CA PHE C 326 -18.88 26.17 -12.86
C PHE C 326 -18.74 24.65 -13.04
N PHE C 327 -17.54 24.21 -13.44
CA PHE C 327 -17.31 22.84 -13.89
C PHE C 327 -16.08 22.20 -13.29
N LYS C 328 -16.10 20.87 -13.32
CA LYS C 328 -14.97 20.05 -12.92
C LYS C 328 -14.51 19.19 -14.11
N ILE C 329 -13.21 19.22 -14.39
CA ILE C 329 -12.63 18.36 -15.40
C ILE C 329 -11.61 17.45 -14.74
N VAL C 330 -11.83 16.17 -14.94
CA VAL C 330 -10.97 15.13 -14.44
C VAL C 330 -10.05 14.71 -15.59
N SER C 331 -8.75 14.87 -15.40
CA SER C 331 -7.80 14.37 -16.37
C SER C 331 -6.68 13.65 -15.69
N TRP C 332 -6.34 12.50 -16.26
CA TRP C 332 -5.29 11.64 -15.73
C TRP C 332 -3.97 11.92 -16.39
N TYR C 333 -2.92 11.39 -15.79
CA TYR C 333 -1.62 11.44 -16.38
C TYR C 333 -0.74 10.49 -15.65
N ASP C 334 0.06 9.79 -16.43
CA ASP C 334 1.18 9.06 -15.89
C ASP C 334 2.25 10.14 -15.72
N ASN C 335 2.41 10.59 -14.48
CA ASN C 335 3.34 11.68 -14.18
C ASN C 335 4.77 11.41 -14.63
N GLU C 336 5.13 10.13 -14.70
CA GLU C 336 6.49 9.77 -15.12
C GLU C 336 6.58 9.65 -16.62
N TRP C 337 5.68 8.86 -17.17
CA TRP C 337 5.71 8.44 -18.57
C TRP C 337 5.27 9.49 -19.59
N GLY C 338 4.08 10.03 -19.42
CA GLY C 338 3.64 11.15 -20.24
C GLY C 338 4.68 12.26 -20.30
N TYR C 339 5.01 12.80 -19.13
CA TYR C 339 6.01 13.84 -18.95
C TYR C 339 7.35 13.56 -19.59
N SER C 340 7.86 12.35 -19.41
CA SER C 340 9.14 11.99 -20.02
C SER C 340 9.07 12.04 -21.52
N HIS C 341 7.94 11.65 -22.09
CA HIS C 341 7.74 11.75 -23.53
C HIS C 341 7.73 13.21 -23.93
N ARG C 342 7.12 14.02 -23.07
CA ARG C 342 7.04 15.45 -23.30
C ARG C 342 8.40 16.06 -23.33
N VAL C 343 9.27 15.63 -22.41
CA VAL C 343 10.68 16.06 -22.36
C VAL C 343 11.35 15.80 -23.71
N VAL C 344 11.16 14.58 -24.21
CA VAL C 344 11.75 14.18 -25.46
C VAL C 344 11.28 15.05 -26.61
N ASP C 345 9.96 15.26 -26.68
CA ASP C 345 9.33 16.09 -27.70
C ASP C 345 9.87 17.50 -27.64
N LEU C 346 10.09 18.00 -26.43
CA LEU C 346 10.60 19.35 -26.24
C LEU C 346 11.97 19.51 -26.83
N VAL C 347 12.88 18.62 -26.46
CA VAL C 347 14.23 18.60 -26.99
C VAL C 347 14.19 18.53 -28.51
N ARG C 348 13.33 17.67 -29.05
CA ARG C 348 13.18 17.52 -30.48
C ARG C 348 12.66 18.78 -31.16
N HIS C 349 11.74 19.45 -30.49
CA HIS C 349 11.24 20.74 -30.97
C HIS C 349 12.32 21.81 -30.93
N MET C 350 12.98 21.94 -29.79
CA MET C 350 14.09 22.85 -29.62
C MET C 350 15.17 22.61 -30.67
N ALA C 351 15.54 21.34 -30.87
CA ALA C 351 16.46 20.93 -31.92
C ALA C 351 16.02 21.40 -33.30
N SER C 352 14.77 21.12 -33.63
CA SER C 352 14.14 21.55 -34.88
C SER C 352 14.37 23.04 -35.10
N LYS C 353 13.96 23.85 -34.13
CA LYS C 353 14.03 25.30 -34.19
C LYS C 353 15.46 25.86 -34.11
N ASP C 354 16.35 25.15 -33.44
CA ASP C 354 17.77 25.51 -33.43
C ASP C 354 18.43 25.31 -34.80
N ARG C 355 18.11 24.21 -35.48
CA ARG C 355 18.61 23.96 -36.84
C ARG C 355 18.13 25.04 -37.81
N SER C 356 16.88 25.47 -37.63
CA SER C 356 16.24 26.43 -38.50
C SER C 356 16.71 27.86 -38.25
N ALA C 357 17.15 28.15 -37.03
CA ALA C 357 17.76 29.43 -36.69
C ALA C 357 19.22 29.46 -37.13
N ARG C 358 20.01 28.53 -36.60
CA ARG C 358 21.45 28.49 -36.84
C ARG C 358 21.78 27.80 -38.16
N LEU C 359 21.51 28.50 -39.27
CA LEU C 359 21.69 27.97 -40.62
C LEU C 359 22.55 28.87 -41.52
N MET D 1 -31.74 7.07 33.09
CA MET D 1 -32.32 5.90 32.38
C MET D 1 -31.51 5.53 31.13
N PRO D 2 -31.14 4.23 31.00
CA PRO D 2 -30.41 3.66 29.88
C PRO D 2 -31.28 3.39 28.67
N ILE D 3 -30.80 3.79 27.49
CA ILE D 3 -31.55 3.61 26.26
C ILE D 3 -31.16 2.27 25.65
N LYS D 4 -32.14 1.52 25.18
CA LYS D 4 -31.88 0.17 24.69
C LYS D 4 -31.60 0.20 23.20
N VAL D 5 -30.36 -0.13 22.85
CA VAL D 5 -29.88 -0.05 21.47
C VAL D 5 -29.60 -1.43 20.90
N GLY D 6 -29.77 -1.55 19.59
CA GLY D 6 -29.39 -2.74 18.85
C GLY D 6 -28.65 -2.32 17.61
N ILE D 7 -27.54 -3.01 17.34
CA ILE D 7 -26.73 -2.73 16.16
C ILE D 7 -26.87 -3.87 15.17
N ASN D 8 -27.56 -3.60 14.06
CA ASN D 8 -27.72 -4.52 12.93
C ASN D 8 -26.61 -4.29 11.89
N GLY D 9 -25.60 -5.17 11.88
CA GLY D 9 -24.48 -5.05 10.94
C GLY D 9 -23.17 -4.65 11.57
N PHE D 10 -22.47 -5.63 12.16
CA PHE D 10 -21.34 -5.38 13.05
C PHE D 10 -19.98 -5.21 12.35
N GLY D 11 -19.90 -4.29 11.39
CA GLY D 11 -18.71 -4.15 10.58
C GLY D 11 -17.91 -2.94 10.99
N ARG D 12 -17.14 -2.40 10.07
CA ARG D 12 -16.40 -1.18 10.38
C ARG D 12 -17.22 -0.19 11.24
N ILE D 13 -18.38 0.25 10.74
CA ILE D 13 -19.24 1.21 11.44
C ILE D 13 -20.09 0.56 12.55
N GLY D 14 -20.74 -0.56 12.25
CA GLY D 14 -21.49 -1.25 13.28
C GLY D 14 -20.66 -1.49 14.54
N ARG D 15 -19.36 -1.59 14.37
CA ARG D 15 -18.46 -1.93 15.44
C ARG D 15 -17.78 -0.67 15.97
N MET D 16 -17.44 0.28 15.09
CA MET D 16 -16.93 1.57 15.56
C MET D 16 -17.98 2.36 16.29
N VAL D 17 -19.24 2.22 15.88
CA VAL D 17 -20.38 2.81 16.59
C VAL D 17 -20.36 2.26 18.01
N PHE D 18 -20.22 0.94 18.13
CA PHE D 18 -20.06 0.31 19.44
C PHE D 18 -18.86 0.84 20.22
N GLN D 19 -17.68 0.90 19.59
CA GLN D 19 -16.47 1.41 20.26
C GLN D 19 -16.69 2.87 20.65
N ALA D 20 -17.25 3.66 19.73
CA ALA D 20 -17.69 5.04 20.00
C ALA D 20 -18.67 5.14 21.16
N LEU D 21 -19.60 4.19 21.20
CA LEU D 21 -20.62 4.04 22.23
C LEU D 21 -20.00 3.62 23.56
N CYS D 22 -18.77 3.14 23.52
CA CYS D 22 -18.03 2.75 24.72
C CYS D 22 -17.04 3.83 25.12
N GLU D 23 -16.31 4.35 24.12
CA GLU D 23 -15.27 5.37 24.31
C GLU D 23 -15.79 6.57 25.08
N ASP D 24 -17.07 6.87 24.88
CA ASP D 24 -17.71 8.00 25.54
C ASP D 24 -18.17 7.65 26.95
N GLY D 25 -17.87 6.42 27.37
CA GLY D 25 -18.27 5.89 28.68
C GLY D 25 -19.76 5.60 28.81
N LEU D 26 -20.42 5.39 27.67
CA LEU D 26 -21.88 5.32 27.63
C LEU D 26 -22.47 3.93 27.83
N LEU D 27 -21.63 2.89 27.71
CA LEU D 27 -22.10 1.51 27.74
C LEU D 27 -22.56 1.08 29.14
N GLY D 28 -23.83 0.69 29.23
CA GLY D 28 -24.38 0.20 30.49
C GLY D 28 -25.09 1.23 31.35
N THR D 29 -24.71 2.50 31.24
CA THR D 29 -25.33 3.57 32.02
C THR D 29 -26.31 4.38 31.17
N GLU D 30 -25.79 5.18 30.26
CA GLU D 30 -26.61 5.98 29.37
C GLU D 30 -27.17 5.12 28.24
N ILE D 31 -26.40 4.13 27.80
CA ILE D 31 -26.81 3.24 26.71
C ILE D 31 -26.56 1.76 27.03
N ASP D 32 -27.62 0.97 26.98
CA ASP D 32 -27.52 -0.46 27.03
C ASP D 32 -27.59 -0.97 25.60
N VAL D 33 -26.46 -1.48 25.10
CA VAL D 33 -26.45 -2.18 23.83
C VAL D 33 -26.87 -3.60 24.11
N VAL D 34 -28.11 -3.90 23.74
CA VAL D 34 -28.78 -5.14 24.10
C VAL D 34 -28.33 -6.32 23.22
N ALA D 35 -28.04 -6.02 21.96
CA ALA D 35 -27.69 -7.05 20.99
C ALA D 35 -27.02 -6.46 19.76
N VAL D 36 -25.89 -7.03 19.37
CA VAL D 36 -25.30 -6.76 18.07
C VAL D 36 -25.43 -7.97 17.14
N VAL D 37 -25.56 -7.70 15.85
CA VAL D 37 -25.82 -8.74 14.87
C VAL D 37 -24.90 -8.62 13.66
N ASP D 38 -24.12 -9.65 13.40
CA ASP D 38 -23.53 -9.86 12.08
C ASP D 38 -23.97 -11.19 11.48
N MET D 39 -23.14 -11.75 10.61
CA MET D 39 -23.45 -13.02 9.97
C MET D 39 -23.64 -14.12 11.00
N ASN D 40 -22.62 -14.31 11.82
CA ASN D 40 -22.57 -15.37 12.82
C ASN D 40 -23.18 -14.97 14.15
N THR D 41 -23.13 -15.91 15.10
CA THR D 41 -23.56 -15.71 16.48
C THR D 41 -22.34 -15.92 17.36
N ASP D 42 -21.16 -15.92 16.74
CA ASP D 42 -19.92 -16.31 17.37
C ASP D 42 -19.35 -15.16 18.18
N ALA D 43 -19.72 -15.10 19.45
CA ALA D 43 -19.21 -14.06 20.36
C ALA D 43 -17.68 -14.00 20.41
N GLU D 44 -17.03 -15.16 20.32
CA GLU D 44 -15.56 -15.22 20.28
C GLU D 44 -15.01 -14.49 19.06
N TYR D 45 -15.60 -14.73 17.89
CA TYR D 45 -15.26 -14.02 16.68
C TYR D 45 -15.62 -12.54 16.77
N PHE D 46 -16.86 -12.26 17.18
CA PHE D 46 -17.25 -10.87 17.40
C PHE D 46 -16.22 -10.17 18.25
N ALA D 47 -15.90 -10.76 19.40
CA ALA D 47 -14.95 -10.21 20.36
C ALA D 47 -13.57 -9.96 19.77
N TYR D 48 -13.06 -10.93 19.01
CA TYR D 48 -11.79 -10.84 18.30
C TYR D 48 -11.78 -9.58 17.41
N GLN D 49 -12.83 -9.45 16.59
CA GLN D 49 -13.08 -8.29 15.74
C GLN D 49 -13.10 -7.00 16.52
N MET D 50 -13.66 -7.02 17.72
CA MET D 50 -13.67 -5.84 18.59
C MET D 50 -12.30 -5.50 19.16
N ARG D 51 -11.63 -6.53 19.67
CA ARG D 51 -10.35 -6.40 20.34
C ARG D 51 -9.35 -5.74 19.42
N TYR D 52 -9.31 -6.21 18.18
CA TYR D 52 -8.26 -5.82 17.26
C TYR D 52 -8.80 -5.13 16.05
N ASP D 53 -8.22 -3.98 15.78
CA ASP D 53 -8.62 -3.18 14.67
C ASP D 53 -7.35 -2.72 14.00
N THR D 54 -7.27 -2.97 12.70
CA THR D 54 -6.10 -2.65 11.94
C THR D 54 -5.82 -1.15 12.03
N VAL D 55 -6.85 -0.32 11.91
CA VAL D 55 -6.66 1.13 11.88
C VAL D 55 -6.78 1.77 13.25
N HIS D 56 -7.74 1.30 14.04
CA HIS D 56 -8.08 1.98 15.27
C HIS D 56 -7.40 1.34 16.45
N GLY D 57 -6.66 0.26 16.18
CA GLY D 57 -5.83 -0.35 17.20
C GLY D 57 -6.64 -1.21 18.14
N LYS D 58 -6.14 -1.34 19.35
CA LYS D 58 -6.73 -2.25 20.31
C LYS D 58 -7.87 -1.57 21.05
N PHE D 59 -8.99 -2.27 21.15
CA PHE D 59 -10.17 -1.76 21.86
C PHE D 59 -9.83 -1.58 23.34
N LYS D 60 -9.98 -0.34 23.80
CA LYS D 60 -9.71 0.06 25.18
C LYS D 60 -10.42 -0.82 26.23
N TYR D 61 -11.60 -1.35 25.90
CA TYR D 61 -12.35 -2.18 26.84
C TYR D 61 -12.11 -3.65 26.66
N GLU D 62 -11.96 -4.34 27.80
CA GLU D 62 -11.88 -5.80 27.87
C GLU D 62 -13.17 -6.36 27.32
N VAL D 63 -13.05 -7.33 26.42
CA VAL D 63 -14.21 -8.00 25.88
C VAL D 63 -14.11 -9.45 26.29
N THR D 64 -15.16 -9.93 26.95
CA THR D 64 -15.22 -11.32 27.28
C THR D 64 -16.41 -11.90 26.55
N THR D 65 -16.56 -13.21 26.62
CA THR D 65 -17.71 -13.88 26.03
C THR D 65 -18.32 -14.84 27.03
N THR D 66 -19.62 -15.04 26.90
CA THR D 66 -20.38 -15.96 27.73
C THR D 66 -21.55 -16.49 26.89
N LYS D 67 -22.40 -17.31 27.52
CA LYS D 67 -23.62 -17.82 26.87
C LYS D 67 -24.88 -17.24 27.49
N SER D 68 -25.91 -17.05 26.67
CA SER D 68 -27.19 -16.53 27.14
C SER D 68 -27.83 -17.50 28.14
N SER D 69 -27.64 -18.80 27.86
CA SER D 69 -28.01 -19.90 28.77
C SER D 69 -27.25 -21.16 28.35
N PRO D 70 -26.94 -22.08 29.30
CA PRO D 70 -26.10 -23.25 29.03
C PRO D 70 -26.56 -24.11 27.86
N SER D 71 -27.84 -23.98 27.49
CA SER D 71 -28.42 -24.69 26.34
C SER D 71 -28.07 -24.03 24.99
N VAL D 72 -27.02 -23.21 24.99
CA VAL D 72 -26.46 -22.62 23.77
C VAL D 72 -25.09 -23.25 23.49
N ALA D 73 -24.74 -23.36 22.21
CA ALA D 73 -23.59 -24.14 21.75
C ALA D 73 -22.24 -23.47 21.98
N LYS D 74 -22.11 -22.22 21.53
CA LYS D 74 -20.92 -21.39 21.78
C LYS D 74 -21.35 -20.10 22.47
N ASP D 75 -20.39 -19.44 23.10
CA ASP D 75 -20.62 -18.12 23.62
C ASP D 75 -21.29 -17.27 22.55
N ASP D 76 -22.46 -16.76 22.88
CA ASP D 76 -23.27 -15.97 21.96
C ASP D 76 -23.51 -14.58 22.52
N THR D 77 -22.73 -14.22 23.53
CA THR D 77 -22.92 -13.01 24.29
C THR D 77 -21.55 -12.41 24.56
N LEU D 78 -21.41 -11.13 24.21
CA LEU D 78 -20.21 -10.37 24.53
C LEU D 78 -20.44 -9.76 25.88
N VAL D 79 -19.34 -9.52 26.57
CA VAL D 79 -19.37 -8.89 27.86
C VAL D 79 -18.33 -7.81 27.74
N VAL D 80 -18.82 -6.59 27.66
CA VAL D 80 -17.94 -5.45 27.57
C VAL D 80 -18.15 -4.65 28.83
N ASN D 81 -17.06 -4.43 29.57
CA ASN D 81 -17.12 -3.63 30.78
C ASN D 81 -18.24 -4.09 31.70
N GLY D 82 -18.38 -5.41 31.85
CA GLY D 82 -19.45 -5.99 32.70
C GLY D 82 -20.79 -6.10 32.00
N HIS D 83 -21.02 -5.23 31.01
CA HIS D 83 -22.26 -5.20 30.24
C HIS D 83 -22.33 -6.34 29.22
N ARG D 84 -23.53 -6.89 29.05
CA ARG D 84 -23.76 -8.06 28.21
C ARG D 84 -24.51 -7.70 26.94
N ILE D 85 -23.93 -8.09 25.82
CA ILE D 85 -24.49 -7.86 24.51
C ILE D 85 -24.68 -9.22 23.86
N LEU D 86 -25.93 -9.53 23.55
CA LEU D 86 -26.28 -10.76 22.87
C LEU D 86 -25.95 -10.66 21.38
N CYS D 87 -25.38 -11.74 20.83
CA CYS D 87 -25.16 -11.86 19.40
C CYS D 87 -26.34 -12.60 18.82
N VAL D 88 -27.17 -11.83 18.14
CA VAL D 88 -28.34 -12.35 17.48
C VAL D 88 -27.96 -12.74 16.06
N LYS D 89 -28.76 -13.63 15.47
CA LYS D 89 -28.49 -14.15 14.14
C LYS D 89 -28.91 -13.13 13.10
N ALA D 90 -28.03 -12.91 12.12
CA ALA D 90 -28.34 -12.04 10.97
C ALA D 90 -29.67 -12.44 10.34
N GLN D 91 -30.31 -11.47 9.68
CA GLN D 91 -31.52 -11.75 8.92
C GLN D 91 -31.42 -11.11 7.54
N ARG D 92 -31.82 -11.84 6.52
CA ARG D 92 -31.94 -11.28 5.17
C ARG D 92 -32.98 -10.16 5.23
N ASN D 93 -33.92 -10.31 6.16
CA ASN D 93 -35.02 -9.36 6.34
C ASN D 93 -35.05 -8.80 7.76
N PRO D 94 -34.77 -7.48 7.90
CA PRO D 94 -34.79 -6.73 9.18
C PRO D 94 -36.06 -6.98 10.01
N ALA D 95 -37.18 -7.17 9.33
CA ALA D 95 -38.45 -7.49 9.99
C ALA D 95 -38.40 -8.74 10.88
N ASP D 96 -37.41 -9.60 10.63
CA ASP D 96 -37.29 -10.88 11.35
C ASP D 96 -36.35 -10.87 12.57
N LEU D 97 -35.82 -9.69 12.90
CA LEU D 97 -35.02 -9.52 14.09
C LEU D 97 -35.98 -9.32 15.26
N PRO D 98 -35.69 -9.95 16.42
CA PRO D 98 -36.60 -9.97 17.55
C PRO D 98 -36.42 -8.77 18.49
N TRP D 99 -36.55 -7.57 17.93
CA TRP D 99 -36.27 -6.33 18.66
C TRP D 99 -37.18 -6.11 19.85
N GLY D 100 -38.48 -6.30 19.64
CA GLY D 100 -39.46 -6.09 20.69
C GLY D 100 -39.20 -6.98 21.89
N LYS D 101 -39.04 -8.28 21.63
CA LYS D 101 -38.74 -9.26 22.67
C LYS D 101 -37.45 -8.87 23.42
N LEU D 102 -36.43 -8.47 22.67
CA LEU D 102 -35.21 -7.97 23.28
C LEU D 102 -35.40 -6.66 24.09
N GLY D 103 -36.39 -5.85 23.69
CA GLY D 103 -36.66 -4.60 24.37
C GLY D 103 -35.76 -3.50 23.85
N VAL D 104 -35.25 -3.70 22.64
CA VAL D 104 -34.48 -2.70 21.90
C VAL D 104 -35.43 -1.70 21.26
N GLU D 105 -35.36 -0.43 21.69
CA GLU D 105 -36.15 0.62 21.06
C GLU D 105 -35.43 1.37 19.92
N TYR D 106 -34.11 1.36 19.93
CA TYR D 106 -33.31 2.05 18.91
C TYR D 106 -32.43 1.09 18.14
N VAL D 107 -32.67 0.99 16.83
CA VAL D 107 -31.83 0.14 15.99
C VAL D 107 -30.87 0.97 15.15
N ILE D 108 -29.59 0.67 15.30
CA ILE D 108 -28.58 1.22 14.42
C ILE D 108 -28.43 0.24 13.27
N GLU D 109 -28.82 0.70 12.08
CA GLU D 109 -28.85 -0.09 10.88
C GLU D 109 -27.57 0.16 10.11
N SER D 110 -26.59 -0.73 10.32
CA SER D 110 -25.24 -0.56 9.79
C SER D 110 -24.77 -1.67 8.85
N THR D 111 -25.71 -2.44 8.29
CA THR D 111 -25.34 -3.54 7.39
C THR D 111 -24.85 -3.02 6.02
N GLY D 112 -25.45 -1.91 5.58
CA GLY D 112 -25.21 -1.34 4.27
C GLY D 112 -26.20 -1.91 3.29
N LEU D 113 -27.07 -2.76 3.81
CA LEU D 113 -27.99 -3.57 3.00
C LEU D 113 -29.42 -3.02 3.07
N PHE D 114 -29.72 -2.21 4.08
CA PHE D 114 -31.09 -1.78 4.32
C PHE D 114 -31.25 -0.27 4.36
N THR D 115 -30.52 0.39 3.45
CA THR D 115 -30.55 1.84 3.34
C THR D 115 -31.87 2.33 2.74
N ALA D 116 -32.51 1.47 1.95
CA ALA D 116 -33.90 1.70 1.51
C ALA D 116 -34.78 1.77 2.75
N LYS D 117 -35.44 2.91 2.97
CA LYS D 117 -36.25 3.11 4.18
C LYS D 117 -37.26 2.00 4.39
N ALA D 118 -37.92 1.57 3.31
CA ALA D 118 -38.87 0.46 3.33
C ALA D 118 -38.28 -0.78 4.02
N ALA D 119 -37.07 -1.16 3.62
CA ALA D 119 -36.34 -2.24 4.28
C ALA D 119 -36.08 -1.89 5.74
N ALA D 120 -35.53 -0.70 5.99
CA ALA D 120 -35.14 -0.26 7.35
C ALA D 120 -36.30 -0.11 8.36
N GLU D 121 -37.53 -0.04 7.87
CA GLU D 121 -38.70 -0.06 8.75
C GLU D 121 -39.01 -1.48 9.21
N GLY D 122 -38.33 -2.45 8.58
CA GLY D 122 -38.33 -3.84 9.02
C GLY D 122 -38.11 -3.96 10.52
N HIS D 123 -37.10 -3.25 11.02
CA HIS D 123 -36.81 -3.19 12.46
C HIS D 123 -38.00 -2.76 13.32
N LEU D 124 -38.74 -1.74 12.85
CA LEU D 124 -39.95 -1.28 13.54
C LEU D 124 -41.04 -2.36 13.53
N ARG D 125 -41.05 -3.17 12.47
CA ARG D 125 -41.88 -4.40 12.42
C ARG D 125 -41.44 -5.47 13.43
N GLY D 126 -40.15 -5.53 13.74
CA GLY D 126 -39.60 -6.44 14.75
C GLY D 126 -39.71 -5.96 16.19
N GLY D 127 -40.24 -4.76 16.39
CA GLY D 127 -40.50 -4.22 17.73
C GLY D 127 -39.78 -2.94 18.15
N ALA D 128 -38.78 -2.52 17.37
CA ALA D 128 -38.08 -1.27 17.64
C ALA D 128 -39.04 -0.07 17.51
N ARG D 129 -38.59 1.11 17.93
CA ARG D 129 -39.35 2.34 17.80
C ARG D 129 -38.68 3.26 16.80
N LYS D 130 -37.35 3.29 16.83
CA LYS D 130 -36.54 4.10 15.94
C LYS D 130 -35.46 3.27 15.27
N VAL D 131 -35.21 3.60 14.01
CA VAL D 131 -34.02 3.12 13.32
C VAL D 131 -33.18 4.34 12.91
N VAL D 132 -31.86 4.18 12.99
CA VAL D 132 -30.90 5.12 12.45
C VAL D 132 -30.06 4.40 11.41
N ILE D 133 -30.25 4.74 10.14
CA ILE D 133 -29.49 4.12 9.07
C ILE D 133 -28.12 4.77 8.97
N SER D 134 -27.10 3.94 9.12
CA SER D 134 -25.72 4.39 9.16
C SER D 134 -25.25 4.63 7.75
N ALA D 135 -26.13 5.21 6.93
CA ALA D 135 -25.87 5.44 5.52
C ALA D 135 -26.96 6.37 5.02
N PRO D 136 -26.75 6.98 3.84
CA PRO D 136 -27.86 7.67 3.19
C PRO D 136 -28.99 6.67 2.97
N ALA D 137 -30.22 7.10 3.24
CA ALA D 137 -31.40 6.28 3.07
C ALA D 137 -32.04 6.64 1.72
N SER D 138 -33.12 5.94 1.37
CA SER D 138 -33.91 6.27 0.18
C SER D 138 -35.34 5.95 0.52
N GLY D 139 -36.28 6.72 -0.02
CA GLY D 139 -37.68 6.53 0.30
C GLY D 139 -38.17 7.47 1.40
N GLY D 140 -37.55 8.63 1.48
CA GLY D 140 -38.08 9.71 2.30
C GLY D 140 -37.65 9.73 3.75
N ALA D 141 -36.79 8.80 4.16
CA ALA D 141 -36.24 8.82 5.52
C ALA D 141 -35.61 10.19 5.78
N LYS D 142 -35.98 10.77 6.91
CA LYS D 142 -35.39 12.02 7.32
C LYS D 142 -33.90 11.80 7.53
N THR D 143 -33.10 12.57 6.80
CA THR D 143 -31.66 12.58 6.94
C THR D 143 -31.26 13.66 7.94
N LEU D 144 -30.40 13.26 8.86
CA LEU D 144 -29.99 14.11 9.96
C LEU D 144 -28.46 14.12 10.05
N VAL D 145 -27.92 15.33 10.07
CA VAL D 145 -26.51 15.54 10.28
C VAL D 145 -26.31 16.34 11.55
N MET D 146 -25.71 15.68 12.54
CA MET D 146 -25.40 16.31 13.81
C MET D 146 -24.66 17.63 13.59
N GLY D 147 -25.14 18.67 14.25
CA GLY D 147 -24.53 19.99 14.19
C GLY D 147 -25.02 20.78 13.02
N VAL D 148 -25.80 20.14 12.14
CA VAL D 148 -26.32 20.85 10.97
C VAL D 148 -27.84 21.00 10.99
N ASN D 149 -28.55 19.90 11.16
CA ASN D 149 -30.00 19.89 11.05
C ASN D 149 -30.61 18.87 11.98
N HIS D 150 -29.79 18.27 12.85
CA HIS D 150 -30.29 17.20 13.71
C HIS D 150 -31.44 17.64 14.64
N HIS D 151 -31.54 18.93 14.94
CA HIS D 151 -32.68 19.44 15.70
C HIS D 151 -34.01 19.42 14.94
N GLU D 152 -33.96 19.14 13.64
CA GLU D 152 -35.18 18.97 12.87
C GLU D 152 -35.72 17.57 13.12
N TYR D 153 -35.14 16.89 14.11
CA TYR D 153 -35.62 15.57 14.46
C TYR D 153 -36.95 15.69 15.17
N ASN D 154 -37.95 15.12 14.54
CA ASN D 154 -39.32 15.13 15.00
C ASN D 154 -39.64 13.74 15.50
N PRO D 155 -39.63 13.54 16.83
CA PRO D 155 -39.95 12.26 17.46
C PRO D 155 -41.26 11.63 16.97
N SER D 156 -42.29 12.47 16.85
CA SER D 156 -43.61 12.02 16.43
C SER D 156 -43.68 11.65 14.93
N GLU D 157 -42.68 12.08 14.16
CA GLU D 157 -42.73 11.98 12.69
C GLU D 157 -41.60 11.15 12.12
N HIS D 158 -40.48 11.07 12.83
CA HIS D 158 -39.27 10.49 12.27
C HIS D 158 -38.92 9.25 13.07
N HIS D 159 -39.01 8.11 12.39
CA HIS D 159 -38.88 6.83 13.06
C HIS D 159 -37.76 6.05 12.44
N VAL D 160 -37.67 6.13 11.13
CA VAL D 160 -36.54 5.59 10.41
C VAL D 160 -35.78 6.75 9.82
N VAL D 161 -34.60 7.02 10.37
CA VAL D 161 -33.81 8.18 9.96
C VAL D 161 -32.49 7.74 9.36
N SER D 162 -31.95 8.58 8.50
CA SER D 162 -30.59 8.39 8.01
C SER D 162 -29.64 9.38 8.67
N ASN D 163 -28.47 8.89 9.06
CA ASN D 163 -27.39 9.73 9.55
C ASN D 163 -26.49 10.17 8.41
N ALA D 164 -27.01 10.12 7.17
CA ALA D 164 -26.25 10.54 6.00
C ALA D 164 -25.02 9.65 5.78
N SER D 165 -24.08 10.13 4.98
CA SER D 165 -22.84 9.41 4.77
C SER D 165 -21.76 10.06 5.60
N CYS D 166 -20.62 9.39 5.73
CA CYS D 166 -19.44 9.97 6.34
C CYS D 166 -19.03 11.28 5.63
N THR D 167 -19.12 11.26 4.31
CA THR D 167 -18.71 12.38 3.47
C THR D 167 -19.63 13.59 3.64
N THR D 168 -20.94 13.34 3.66
CA THR D 168 -21.94 14.38 3.92
C THR D 168 -21.69 14.94 5.33
N ASN D 169 -21.39 14.07 6.27
CA ASN D 169 -21.08 14.47 7.64
C ASN D 169 -19.80 15.30 7.75
N CYS D 170 -18.94 15.19 6.74
CA CYS D 170 -17.76 16.02 6.64
C CYS D 170 -18.07 17.33 5.91
N LEU D 171 -18.78 17.21 4.79
CA LEU D 171 -19.06 18.34 3.95
C LEU D 171 -20.09 19.28 4.57
N ALA D 172 -21.20 18.72 5.06
CA ALA D 172 -22.36 19.50 5.46
C ALA D 172 -22.02 20.54 6.54
N PRO D 173 -21.21 20.15 7.55
CA PRO D 173 -20.76 21.15 8.52
C PRO D 173 -20.02 22.33 7.89
N ILE D 174 -19.16 22.05 6.90
CA ILE D 174 -18.45 23.12 6.22
C ILE D 174 -19.49 24.02 5.55
N VAL D 175 -20.41 23.41 4.81
CA VAL D 175 -21.35 24.17 3.98
C VAL D 175 -22.30 24.95 4.89
N HIS D 176 -22.66 24.33 6.01
CA HIS D 176 -23.51 24.93 7.01
C HIS D 176 -22.91 26.22 7.58
N VAL D 177 -21.62 26.19 7.93
CA VAL D 177 -20.94 27.40 8.38
C VAL D 177 -20.88 28.45 7.28
N LEU D 178 -20.63 28.02 6.05
CA LEU D 178 -20.58 28.96 4.92
C LEU D 178 -21.89 29.71 4.77
N VAL D 179 -22.97 28.93 4.79
CA VAL D 179 -24.34 29.40 4.74
C VAL D 179 -24.67 30.26 5.95
N LYS D 180 -24.49 29.73 7.16
CA LYS D 180 -24.83 30.43 8.40
C LYS D 180 -24.05 31.74 8.59
N GLU D 181 -22.80 31.74 8.16
CA GLU D 181 -21.97 32.92 8.26
C GLU D 181 -22.30 33.98 7.21
N GLY D 182 -23.07 33.58 6.22
CA GLY D 182 -23.53 34.51 5.20
C GLY D 182 -22.60 34.64 4.01
N PHE D 183 -21.60 33.77 3.92
CA PHE D 183 -20.79 33.73 2.71
C PHE D 183 -21.70 33.30 1.58
N GLY D 184 -22.56 32.33 1.91
CA GLY D 184 -23.47 31.76 0.94
C GLY D 184 -22.73 30.82 0.00
N VAL D 185 -23.52 30.10 -0.79
CA VAL D 185 -23.00 29.16 -1.75
C VAL D 185 -23.83 29.31 -3.01
N GLN D 186 -23.23 29.93 -4.02
CA GLN D 186 -23.82 29.91 -5.35
C GLN D 186 -23.83 28.46 -5.88
N THR D 187 -22.63 27.91 -6.07
CA THR D 187 -22.46 26.53 -6.47
C THR D 187 -21.19 25.97 -5.82
N GLY D 188 -21.10 24.66 -5.77
CA GLY D 188 -19.94 23.98 -5.26
C GLY D 188 -19.75 22.62 -5.88
N LEU D 189 -18.50 22.22 -6.04
CA LEU D 189 -18.16 20.88 -6.45
C LEU D 189 -17.17 20.39 -5.45
N MET D 190 -17.43 19.22 -4.90
CA MET D 190 -16.48 18.64 -3.97
C MET D 190 -15.91 17.35 -4.52
N THR D 191 -14.67 17.13 -4.18
CA THR D 191 -14.05 15.88 -4.42
C THR D 191 -13.69 15.42 -3.06
N THR D 192 -14.01 14.16 -2.76
CA THR D 192 -13.44 13.55 -1.59
C THR D 192 -12.30 12.62 -2.01
N ILE D 193 -11.13 12.80 -1.39
CA ILE D 193 -10.07 11.80 -1.54
C ILE D 193 -10.35 10.83 -0.40
N HIS D 194 -10.74 9.64 -0.83
CA HIS D 194 -11.42 8.71 0.02
C HIS D 194 -10.60 7.46 0.21
N SER D 195 -10.41 7.07 1.46
CA SER D 195 -9.91 5.75 1.78
C SER D 195 -10.80 4.69 1.17
N TYR D 196 -10.21 3.54 0.83
CA TYR D 196 -11.02 2.43 0.33
C TYR D 196 -11.86 1.85 1.43
N THR D 197 -12.85 1.07 1.04
CA THR D 197 -13.85 0.58 1.99
C THR D 197 -14.20 -0.91 1.78
N ALA D 198 -15.09 -1.42 2.63
CA ALA D 198 -15.46 -2.83 2.62
C ALA D 198 -16.00 -3.29 1.27
N THR D 199 -16.62 -2.37 0.52
CA THR D 199 -17.27 -2.75 -0.74
C THR D 199 -16.27 -2.84 -1.88
N GLN D 200 -15.09 -2.28 -1.67
CA GLN D 200 -14.04 -2.38 -2.63
C GLN D 200 -13.32 -3.75 -2.64
N LYS D 201 -12.36 -3.90 -3.56
CA LYS D 201 -11.78 -5.18 -3.88
C LYS D 201 -10.28 -5.19 -3.75
N THR D 202 -9.76 -6.23 -3.11
CA THR D 202 -8.33 -6.42 -2.94
C THR D 202 -7.62 -6.40 -4.28
N VAL D 203 -8.13 -7.26 -5.15
CA VAL D 203 -7.65 -7.40 -6.50
C VAL D 203 -8.86 -7.22 -7.44
N ASP D 204 -8.59 -6.86 -8.70
CA ASP D 204 -9.63 -6.75 -9.72
C ASP D 204 -10.66 -7.86 -9.62
N GLY D 205 -11.88 -7.47 -9.27
CA GLY D 205 -12.98 -8.40 -9.14
C GLY D 205 -14.20 -7.87 -9.83
N VAL D 206 -15.30 -8.59 -9.67
CA VAL D 206 -16.55 -8.24 -10.30
C VAL D 206 -17.26 -7.17 -9.47
N SER D 207 -17.69 -6.12 -10.13
CA SER D 207 -18.39 -5.02 -9.50
C SER D 207 -19.25 -4.43 -10.63
N VAL D 208 -20.33 -5.16 -10.90
CA VAL D 208 -21.15 -4.99 -12.10
C VAL D 208 -21.75 -3.58 -12.17
N LYS D 209 -22.03 -3.01 -11.00
CA LYS D 209 -22.71 -1.73 -10.91
C LYS D 209 -21.74 -0.59 -10.65
N ASP D 210 -20.45 -0.93 -10.61
CA ASP D 210 -19.38 0.07 -10.52
C ASP D 210 -18.07 -0.55 -10.95
N TRP D 211 -17.71 -0.37 -12.21
CA TRP D 211 -16.61 -1.09 -12.81
C TRP D 211 -15.27 -0.68 -12.18
N ARG D 212 -15.10 0.61 -11.94
CA ARG D 212 -13.87 1.10 -11.34
C ARG D 212 -13.72 0.58 -9.93
N GLY D 213 -14.81 0.52 -9.18
CA GLY D 213 -14.77 0.07 -7.80
C GLY D 213 -14.48 -1.43 -7.67
N GLY D 214 -14.47 -2.14 -8.80
CA GLY D 214 -14.10 -3.56 -8.83
C GLY D 214 -12.60 -3.73 -8.94
N ARG D 215 -11.90 -2.63 -9.23
CA ARG D 215 -10.47 -2.64 -9.44
C ARG D 215 -9.70 -2.66 -8.12
N ALA D 216 -8.55 -3.33 -8.14
CA ALA D 216 -7.70 -3.44 -6.98
C ALA D 216 -7.58 -2.11 -6.25
N ALA D 217 -8.09 -2.13 -5.02
CA ALA D 217 -8.36 -0.94 -4.23
C ALA D 217 -7.11 -0.28 -3.68
N ALA D 218 -6.12 -1.09 -3.32
CA ALA D 218 -4.97 -0.57 -2.60
C ALA D 218 -3.79 -0.22 -3.51
N VAL D 219 -4.00 -0.30 -4.80
CA VAL D 219 -2.95 0.00 -5.74
C VAL D 219 -3.45 0.99 -6.81
N ASN D 220 -4.65 1.50 -6.65
CA ASN D 220 -5.25 2.41 -7.63
C ASN D 220 -5.84 3.67 -7.01
N ILE D 221 -5.83 4.76 -7.76
CA ILE D 221 -6.75 5.87 -7.51
C ILE D 221 -8.01 5.57 -8.29
N ILE D 222 -9.13 5.42 -7.60
CA ILE D 222 -10.32 4.88 -8.23
C ILE D 222 -11.45 5.89 -8.13
N PRO D 223 -11.75 6.58 -9.26
CA PRO D 223 -12.84 7.55 -9.26
C PRO D 223 -14.20 6.91 -8.98
N SER D 224 -15.09 7.68 -8.37
CA SER D 224 -16.45 7.26 -8.14
C SER D 224 -17.34 8.47 -7.98
N THR D 225 -18.55 8.36 -8.55
CA THR D 225 -19.67 9.22 -8.20
C THR D 225 -19.89 9.12 -6.69
N THR D 226 -20.49 10.15 -6.13
CA THR D 226 -20.94 10.14 -4.75
C THR D 226 -22.17 11.05 -4.65
N GLY D 227 -23.11 10.67 -3.79
CA GLY D 227 -24.31 11.47 -3.60
C GLY D 227 -24.16 12.38 -2.40
N ALA D 228 -22.96 12.42 -1.82
CA ALA D 228 -22.70 13.15 -0.59
C ALA D 228 -22.96 14.63 -0.65
N ALA D 229 -22.50 15.27 -1.73
CA ALA D 229 -22.65 16.71 -1.89
C ALA D 229 -24.07 17.06 -2.32
N LYS D 230 -24.65 16.23 -3.19
CA LYS D 230 -26.05 16.38 -3.54
C LYS D 230 -26.87 16.22 -2.26
N ALA D 231 -26.50 15.24 -1.44
CA ALA D 231 -27.20 14.94 -0.17
C ALA D 231 -27.20 16.08 0.85
N VAL D 232 -26.18 16.95 0.77
CA VAL D 232 -26.09 18.14 1.59
C VAL D 232 -27.29 19.07 1.32
N GLY D 233 -27.63 19.25 0.03
CA GLY D 233 -28.81 19.99 -0.39
C GLY D 233 -30.11 19.55 0.24
N MET D 234 -30.14 18.36 0.82
CA MET D 234 -31.27 17.85 1.57
C MET D 234 -31.14 18.12 3.07
N VAL D 235 -29.91 18.28 3.52
CA VAL D 235 -29.66 18.52 4.93
C VAL D 235 -29.62 20.04 5.16
N ILE D 236 -29.08 20.76 4.18
CA ILE D 236 -29.09 22.20 4.14
C ILE D 236 -29.87 22.58 2.87
N PRO D 237 -31.21 22.70 3.01
CA PRO D 237 -32.13 22.82 1.87
C PRO D 237 -31.84 23.96 0.89
N SER D 238 -31.14 25.02 1.33
CA SER D 238 -30.86 26.18 0.49
C SER D 238 -29.74 25.91 -0.49
N THR D 239 -29.10 24.75 -0.35
CA THR D 239 -28.02 24.36 -1.24
C THR D 239 -28.47 23.27 -2.23
N GLN D 240 -29.79 22.99 -2.25
CA GLN D 240 -30.34 21.99 -3.17
C GLN D 240 -30.02 22.34 -4.63
N GLY D 241 -29.50 21.36 -5.37
CA GLY D 241 -29.11 21.54 -6.75
C GLY D 241 -27.86 22.38 -6.97
N LYS D 242 -27.22 22.80 -5.89
CA LYS D 242 -26.09 23.73 -5.95
C LYS D 242 -24.74 23.04 -5.78
N LEU D 243 -24.78 21.80 -5.31
CA LEU D 243 -23.57 21.05 -4.99
C LEU D 243 -23.66 19.67 -5.58
N THR D 244 -22.59 19.28 -6.25
CA THR D 244 -22.34 17.87 -6.38
C THR D 244 -20.87 17.57 -6.17
N GLY D 245 -20.48 16.36 -6.53
CA GLY D 245 -19.11 15.98 -6.31
C GLY D 245 -18.81 14.56 -6.69
N MET D 246 -17.57 14.19 -6.46
CA MET D 246 -17.15 12.85 -6.72
C MET D 246 -16.20 12.40 -5.62
N SER D 247 -15.69 11.21 -5.84
CA SER D 247 -14.79 10.55 -4.95
C SER D 247 -13.65 10.05 -5.77
N PHE D 248 -12.45 10.11 -5.20
CA PHE D 248 -11.38 9.22 -5.65
C PHE D 248 -11.04 8.33 -4.48
N ARG D 249 -11.17 7.04 -4.68
CA ARG D 249 -10.87 6.10 -3.62
C ARG D 249 -9.40 5.78 -3.78
N VAL D 250 -8.65 5.90 -2.70
CA VAL D 250 -7.20 5.85 -2.79
C VAL D 250 -6.70 4.83 -1.78
N PRO D 251 -5.50 4.27 -2.04
CA PRO D 251 -4.94 3.22 -1.20
C PRO D 251 -4.59 3.66 0.23
N THR D 252 -5.63 4.00 1.01
CA THR D 252 -5.53 4.12 2.48
C THR D 252 -6.76 3.40 3.06
N PRO D 253 -6.59 2.65 4.16
CA PRO D 253 -7.72 1.89 4.72
C PRO D 253 -8.76 2.72 5.45
N ASP D 254 -8.37 3.90 5.92
CA ASP D 254 -9.29 4.78 6.64
C ASP D 254 -8.76 6.20 6.63
N VAL D 255 -9.69 7.15 6.84
CA VAL D 255 -9.47 8.59 6.83
C VAL D 255 -9.61 9.16 5.41
N SER D 256 -10.41 10.20 5.31
CA SER D 256 -10.68 10.80 4.03
C SER D 256 -10.62 12.32 4.15
N VAL D 257 -10.67 12.99 3.01
CA VAL D 257 -10.63 14.43 3.00
C VAL D 257 -11.63 14.95 1.98
N VAL D 258 -12.33 16.00 2.36
CA VAL D 258 -13.18 16.74 1.45
C VAL D 258 -12.35 17.88 0.85
N ASP D 259 -12.44 17.97 -0.46
CA ASP D 259 -11.87 19.07 -1.17
C ASP D 259 -13.07 19.81 -1.80
N LEU D 260 -13.53 20.86 -1.14
CA LEU D 260 -14.70 21.59 -1.62
C LEU D 260 -14.27 22.84 -2.37
N THR D 261 -14.66 22.91 -3.63
CA THR D 261 -14.51 24.14 -4.37
C THR D 261 -15.91 24.72 -4.56
N PHE D 262 -16.12 25.91 -4.05
CA PHE D 262 -17.41 26.56 -4.13
C PHE D 262 -17.28 28.03 -4.55
N THR D 263 -18.39 28.59 -5.05
CA THR D 263 -18.44 30.04 -5.23
C THR D 263 -19.35 30.66 -4.17
N ALA D 264 -18.83 31.69 -3.50
CA ALA D 264 -19.58 32.39 -2.48
C ALA D 264 -20.57 33.35 -3.11
N ALA D 265 -21.67 33.60 -2.41
CA ALA D 265 -22.78 34.40 -2.93
C ALA D 265 -22.40 35.87 -3.00
N ARG D 266 -21.59 36.32 -2.07
CA ARG D 266 -21.05 37.67 -2.12
C ARG D 266 -19.54 37.67 -1.82
N ASP D 267 -18.92 38.82 -2.02
CA ASP D 267 -17.49 38.99 -1.76
C ASP D 267 -17.10 38.59 -0.36
N THR D 268 -16.03 37.81 -0.28
CA THR D 268 -15.42 37.40 0.97
C THR D 268 -13.92 37.20 0.70
N SER D 269 -13.25 36.45 1.56
CA SER D 269 -11.86 36.13 1.35
C SER D 269 -11.68 34.79 2.04
N ILE D 270 -10.68 34.03 1.59
CA ILE D 270 -10.39 32.75 2.22
C ILE D 270 -10.07 32.90 3.70
N GLN D 271 -9.53 34.08 4.06
CA GLN D 271 -9.20 34.43 5.43
C GLN D 271 -10.46 34.50 6.30
N GLU D 272 -11.50 35.13 5.75
CA GLU D 272 -12.79 35.27 6.42
C GLU D 272 -13.41 33.89 6.61
N ILE D 273 -13.40 33.11 5.54
CA ILE D 273 -13.87 31.74 5.57
C ILE D 273 -13.10 30.94 6.59
N ASP D 274 -11.79 31.10 6.62
CA ASP D 274 -10.97 30.39 7.58
C ASP D 274 -11.22 30.86 9.01
N ALA D 275 -11.51 32.13 9.20
CA ALA D 275 -11.77 32.65 10.54
C ALA D 275 -13.14 32.17 11.03
N ALA D 276 -14.12 32.16 10.14
CA ALA D 276 -15.46 31.63 10.42
C ALA D 276 -15.42 30.18 10.84
N LEU D 277 -14.73 29.37 10.03
CA LEU D 277 -14.66 27.92 10.27
C LEU D 277 -14.05 27.62 11.61
N LYS D 278 -13.00 28.36 11.95
CA LYS D 278 -12.31 28.21 13.21
C LYS D 278 -13.16 28.59 14.41
N ARG D 279 -13.90 29.70 14.28
CA ARG D 279 -14.87 30.13 15.29
C ARG D 279 -16.05 29.19 15.40
N ALA D 280 -16.67 28.85 14.27
CA ALA D 280 -17.72 27.85 14.24
C ALA D 280 -17.32 26.61 15.02
N SER D 281 -16.15 26.07 14.68
CA SER D 281 -15.58 24.89 15.33
C SER D 281 -15.44 25.05 16.85
N LYS D 282 -15.07 26.24 17.29
CA LYS D 282 -14.94 26.53 18.72
C LYS D 282 -16.30 26.66 19.38
N THR D 283 -17.32 26.98 18.59
CA THR D 283 -18.63 27.34 19.12
C THR D 283 -19.71 26.39 18.60
N TYR D 284 -20.64 26.95 17.84
CA TYR D 284 -21.90 26.27 17.56
C TYR D 284 -21.70 25.02 16.73
N MET D 285 -20.46 24.80 16.29
CA MET D 285 -20.11 23.58 15.54
C MET D 285 -19.20 22.67 16.36
N LYS D 286 -19.08 22.98 17.64
CA LYS D 286 -18.13 22.33 18.53
C LYS D 286 -18.41 20.85 18.59
N GLY D 287 -17.35 20.04 18.49
CA GLY D 287 -17.44 18.58 18.46
C GLY D 287 -17.79 17.96 17.12
N ILE D 288 -18.30 18.78 16.21
CA ILE D 288 -18.73 18.35 14.90
C ILE D 288 -17.66 18.81 13.92
N LEU D 289 -17.35 20.10 14.01
CA LEU D 289 -16.36 20.70 13.16
C LEU D 289 -15.19 21.04 14.01
N GLY D 290 -14.03 20.56 13.59
CA GLY D 290 -12.78 20.92 14.20
C GLY D 290 -11.91 21.58 13.15
N TYR D 291 -10.72 22.00 13.54
CA TYR D 291 -9.76 22.42 12.56
C TYR D 291 -8.40 22.09 13.09
N THR D 292 -7.44 22.13 12.19
CA THR D 292 -6.05 22.01 12.52
C THR D 292 -5.35 23.11 11.74
N ASP D 293 -4.30 23.67 12.32
CA ASP D 293 -3.40 24.56 11.57
C ASP D 293 -2.03 23.89 11.53
N GLU D 294 -2.04 22.58 11.71
CA GLU D 294 -0.84 21.77 11.68
C GLU D 294 -0.72 20.99 10.38
N GLU D 295 0.49 20.51 10.15
CA GLU D 295 0.89 19.88 8.91
C GLU D 295 0.50 18.44 9.00
N LEU D 296 -0.79 18.19 9.02
CA LEU D 296 -1.25 16.82 9.24
C LEU D 296 -1.43 16.08 7.94
N VAL D 297 -1.27 14.78 8.02
CA VAL D 297 -1.58 13.89 6.93
C VAL D 297 -2.72 13.00 7.41
N SER D 298 -3.18 12.09 6.57
CA SER D 298 -4.39 11.31 6.87
C SER D 298 -4.34 10.51 8.17
N ALA D 299 -3.22 9.85 8.41
CA ALA D 299 -2.98 9.11 9.64
C ALA D 299 -3.22 9.93 10.90
N ASP D 300 -3.03 11.24 10.83
CA ASP D 300 -3.16 12.07 12.02
C ASP D 300 -4.60 12.24 12.45
N PHE D 301 -5.54 11.91 11.55
CA PHE D 301 -6.98 12.06 11.79
C PHE D 301 -7.64 10.73 12.16
N ILE D 302 -6.85 9.67 12.20
CA ILE D 302 -7.30 8.40 12.74
C ILE D 302 -7.81 8.61 14.16
N ASN D 303 -9.05 8.16 14.42
CA ASN D 303 -9.66 8.27 15.75
C ASN D 303 -10.06 9.71 16.13
N ASP D 304 -9.98 10.62 15.17
CA ASP D 304 -10.62 11.91 15.37
C ASP D 304 -12.14 11.70 15.32
N ASN D 305 -12.84 12.21 16.33
CA ASN D 305 -14.28 11.98 16.39
C ASN D 305 -15.12 13.13 15.89
N ARG D 306 -14.49 14.16 15.32
CA ARG D 306 -15.24 15.21 14.68
C ARG D 306 -15.68 14.68 13.33
N SER D 307 -16.78 15.20 12.80
CA SER D 307 -17.20 14.80 11.47
C SER D 307 -16.44 15.52 10.38
N SER D 308 -15.83 16.65 10.72
CA SER D 308 -15.14 17.45 9.74
C SER D 308 -14.01 18.12 10.47
N ILE D 309 -12.79 18.00 9.94
CA ILE D 309 -11.62 18.66 10.50
C ILE D 309 -11.03 19.58 9.48
N TYR D 310 -11.46 20.83 9.55
CA TYR D 310 -11.03 21.85 8.63
C TYR D 310 -9.51 21.94 8.63
N ASP D 311 -8.89 21.78 7.47
CA ASP D 311 -7.45 21.87 7.36
C ASP D 311 -7.18 23.30 6.99
N SER D 312 -6.75 24.09 7.97
CA SER D 312 -6.56 25.52 7.75
C SER D 312 -5.40 25.85 6.85
N LYS D 313 -4.26 25.20 7.06
CA LYS D 313 -3.06 25.42 6.29
C LYS D 313 -3.21 25.05 4.82
N ALA D 314 -3.76 23.86 4.57
CA ALA D 314 -4.01 23.40 3.21
C ALA D 314 -5.00 24.33 2.53
N THR D 315 -5.94 24.86 3.30
CA THR D 315 -6.94 25.77 2.73
C THR D 315 -6.32 27.15 2.45
N LEU D 316 -5.74 27.75 3.47
CA LEU D 316 -5.08 29.05 3.32
C LEU D 316 -4.00 29.09 2.24
N GLN D 317 -3.23 28.02 2.12
CA GLN D 317 -2.10 28.01 1.19
C GLN D 317 -2.48 27.76 -0.28
N ASN D 318 -3.66 27.19 -0.50
CA ASN D 318 -4.04 26.67 -1.82
C ASN D 318 -5.23 27.34 -2.49
N ASN D 319 -5.47 28.57 -2.08
CA ASN D 319 -6.49 29.40 -2.67
C ASN D 319 -5.88 30.55 -3.46
N LEU D 320 -6.71 31.18 -4.29
CA LEU D 320 -6.28 32.31 -5.08
C LEU D 320 -6.07 33.54 -4.19
N PRO D 321 -4.93 34.22 -4.36
CA PRO D 321 -4.71 35.46 -3.63
C PRO D 321 -5.80 36.45 -4.01
N LYS D 322 -6.33 37.17 -3.03
CA LYS D 322 -7.20 38.33 -3.26
C LYS D 322 -8.54 37.94 -3.86
N GLU D 323 -8.75 36.63 -4.02
CA GLU D 323 -10.01 36.09 -4.50
C GLU D 323 -11.18 36.39 -3.55
N ARG D 324 -12.35 36.70 -4.14
CA ARG D 324 -13.51 37.18 -3.41
C ARG D 324 -14.69 36.19 -3.41
N ARG D 325 -14.66 35.23 -4.33
CA ARG D 325 -15.83 34.37 -4.57
C ARG D 325 -15.52 32.90 -4.77
N PHE D 326 -14.36 32.59 -5.36
CA PHE D 326 -14.08 31.24 -5.82
C PHE D 326 -13.06 30.57 -4.93
N PHE D 327 -13.53 29.65 -4.08
CA PHE D 327 -12.71 29.10 -2.98
C PHE D 327 -12.68 27.60 -2.91
N LYS D 328 -11.57 27.10 -2.37
CA LYS D 328 -11.34 25.71 -2.05
C LYS D 328 -11.23 25.55 -0.53
N ILE D 329 -12.02 24.63 0.03
CA ILE D 329 -11.90 24.28 1.46
C ILE D 329 -11.54 22.82 1.60
N VAL D 330 -10.46 22.57 2.33
CA VAL D 330 -9.99 21.22 2.68
C VAL D 330 -10.39 20.92 4.14
N SER D 331 -11.10 19.81 4.29
CA SER D 331 -11.55 19.31 5.57
C SER D 331 -11.44 17.80 5.58
N TRP D 332 -10.90 17.29 6.68
CA TRP D 332 -10.60 15.88 6.82
C TRP D 332 -11.70 15.18 7.56
N TYR D 333 -11.73 13.87 7.46
CA TYR D 333 -12.57 13.09 8.34
C TYR D 333 -12.08 11.66 8.44
N ASP D 334 -12.09 11.15 9.66
CA ASP D 334 -11.95 9.73 9.82
C ASP D 334 -13.30 9.17 9.43
N ASN D 335 -13.41 8.69 8.19
CA ASN D 335 -14.68 8.23 7.65
C ASN D 335 -15.37 7.17 8.52
N GLU D 336 -14.58 6.31 9.14
CA GLU D 336 -15.10 5.32 10.05
C GLU D 336 -15.48 5.89 11.43
N TRP D 337 -14.57 6.63 12.02
CA TRP D 337 -14.66 7.02 13.43
C TRP D 337 -15.56 8.20 13.67
N GLY D 338 -15.42 9.21 12.82
CA GLY D 338 -16.14 10.45 13.00
C GLY D 338 -17.59 10.10 12.88
N TYR D 339 -17.90 9.48 11.75
CA TYR D 339 -19.24 9.02 11.45
C TYR D 339 -19.91 8.14 12.52
N SER D 340 -19.14 7.20 13.05
CA SER D 340 -19.64 6.28 14.04
C SER D 340 -19.98 7.00 15.31
N HIS D 341 -19.18 7.99 15.64
CA HIS D 341 -19.47 8.89 16.74
C HIS D 341 -20.73 9.68 16.53
N ARG D 342 -20.93 10.18 15.31
CA ARG D 342 -22.15 10.89 14.93
C ARG D 342 -23.40 10.02 15.07
N VAL D 343 -23.28 8.73 14.75
CA VAL D 343 -24.41 7.80 14.85
C VAL D 343 -24.89 7.78 16.30
N VAL D 344 -23.95 7.59 17.21
CA VAL D 344 -24.20 7.64 18.64
C VAL D 344 -24.78 9.00 19.05
N ASP D 345 -24.19 10.10 18.57
CA ASP D 345 -24.71 11.43 18.90
C ASP D 345 -26.16 11.52 18.46
N LEU D 346 -26.45 11.01 17.27
CA LEU D 346 -27.79 11.05 16.69
C LEU D 346 -28.76 10.26 17.54
N VAL D 347 -28.45 8.99 17.74
CA VAL D 347 -29.19 8.11 18.63
C VAL D 347 -29.47 8.76 20.00
N ARG D 348 -28.43 9.33 20.60
CA ARG D 348 -28.57 10.01 21.88
C ARG D 348 -29.46 11.24 21.80
N HIS D 349 -29.36 11.96 20.69
CA HIS D 349 -30.13 13.19 20.53
C HIS D 349 -31.59 12.84 20.36
N MET D 350 -31.83 11.79 19.59
CA MET D 350 -33.15 11.26 19.37
C MET D 350 -33.76 10.76 20.67
N ALA D 351 -32.96 10.17 21.55
CA ALA D 351 -33.48 9.62 22.78
C ALA D 351 -33.91 10.71 23.77
N SER D 352 -33.08 11.75 23.93
CA SER D 352 -33.47 12.92 24.73
C SER D 352 -34.75 13.55 24.19
N LYS D 353 -34.87 13.67 22.87
CA LYS D 353 -36.05 14.24 22.22
C LYS D 353 -37.26 13.32 22.31
N ASP D 354 -37.03 12.01 22.27
CA ASP D 354 -38.12 11.06 22.48
C ASP D 354 -38.60 11.10 23.94
N ARG D 355 -37.69 11.33 24.88
CA ARG D 355 -38.01 11.55 26.31
C ARG D 355 -38.88 12.81 26.49
N SER D 356 -38.41 13.92 25.93
CA SER D 356 -39.09 15.21 26.01
C SER D 356 -40.52 15.14 25.50
N ALA D 357 -40.68 14.55 24.31
CA ALA D 357 -41.97 14.40 23.64
C ALA D 357 -42.94 13.38 24.29
N ARG D 358 -42.44 12.62 25.27
CA ARG D 358 -43.26 11.62 25.97
C ARG D 358 -43.69 12.14 27.35
N LEU D 359 -42.71 12.52 28.16
CA LEU D 359 -42.94 13.13 29.47
C LEU D 359 -42.31 14.51 29.51
PA NAD E . -11.45 -14.69 -8.16
O1A NAD E . -12.43 -14.45 -7.07
O2A NAD E . -10.65 -13.58 -8.71
O5B NAD E . -12.13 -15.54 -9.41
C5B NAD E . -13.34 -16.32 -9.25
C4B NAD E . -14.46 -15.77 -10.12
O4B NAD E . -15.54 -16.73 -10.07
C3B NAD E . -15.06 -14.42 -9.68
O3B NAD E . -14.84 -13.47 -10.72
C2B NAD E . -16.56 -14.71 -9.46
O2B NAD E . -17.44 -13.70 -10.01
C1B NAD E . -16.76 -16.01 -10.24
N9A NAD E . -17.80 -16.87 -9.66
C8A NAD E . -18.15 -16.99 -8.36
N7A NAD E . -19.13 -17.88 -8.25
C5A NAD E . -19.42 -18.35 -9.46
C6A NAD E . -20.34 -19.28 -9.98
N6A NAD E . -21.18 -19.92 -9.17
N1A NAD E . -20.36 -19.50 -11.31
C2A NAD E . -19.53 -18.85 -12.13
N3A NAD E . -18.65 -17.96 -11.69
C4A NAD E . -18.58 -17.70 -10.37
O3 NAD E . -10.43 -15.79 -7.59
PN NAD E . -9.17 -16.24 -8.42
O1N NAD E . -9.44 -16.16 -9.88
O2N NAD E . -8.00 -15.52 -7.85
O5D NAD E . -9.09 -17.77 -8.00
C5D NAD E . -10.13 -18.71 -8.31
C4D NAD E . -9.62 -20.11 -7.95
O4D NAD E . -8.25 -20.15 -8.44
C3D NAD E . -9.56 -20.34 -6.44
O3D NAD E . -9.90 -21.70 -6.20
C2D NAD E . -8.08 -20.08 -6.11
O2D NAD E . -7.62 -20.84 -4.99
C1D NAD E . -7.39 -20.58 -7.36
N1N NAD E . -6.08 -19.90 -7.59
C2N NAD E . -5.94 -18.53 -7.44
C3N NAD E . -4.71 -17.93 -7.67
C7N NAD E . -4.52 -16.43 -7.51
O7N NAD E . -3.45 -15.99 -7.17
N7N NAD E . -5.58 -15.66 -7.75
C4N NAD E . -3.62 -18.71 -8.02
C5N NAD E . -3.75 -20.07 -8.17
C6N NAD E . -4.98 -20.68 -7.95
PA NAD F . 15.72 7.12 10.51
O1A NAD F . 16.34 7.59 9.24
O2A NAD F . 14.27 7.22 10.72
O5B NAD F . 16.43 7.88 11.77
C5B NAD F . 17.77 8.39 11.66
C4B NAD F . 17.81 9.85 12.09
O4B NAD F . 19.18 10.28 12.24
C3B NAD F . 17.18 10.66 10.95
O3B NAD F . 16.10 11.45 11.48
C2B NAD F . 18.35 11.51 10.45
O2B NAD F . 17.93 12.81 10.09
C1B NAD F . 19.25 11.59 11.67
N9A NAD F . 20.69 11.85 11.38
C8A NAD F . 21.40 11.53 10.28
N7A NAD F . 22.65 11.96 10.42
C5A NAD F . 22.77 12.56 11.60
C6A NAD F . 23.82 13.19 12.30
N6A NAD F . 25.06 13.30 11.80
N1A NAD F . 23.54 13.69 13.52
C2A NAD F . 22.33 13.60 14.05
N3A NAD F . 21.32 13.02 13.43
C4A NAD F . 21.51 12.49 12.21
O3 NAD F . 16.25 5.60 10.66
PN NAD F . 15.87 4.66 11.90
O1N NAD F . 15.56 5.47 13.09
O2N NAD F . 14.88 3.65 11.41
O5D NAD F . 17.30 3.98 12.10
C5D NAD F . 18.30 4.49 12.97
C4D NAD F . 19.24 3.33 13.38
O4D NAD F . 18.43 2.42 14.19
C3D NAD F . 19.73 2.52 12.18
O3D NAD F . 21.03 1.99 12.43
C2D NAD F . 18.71 1.39 12.11
O2D NAD F . 19.28 0.26 11.49
C1D NAD F . 18.48 1.10 13.59
N1N NAD F . 17.23 0.38 13.88
C2N NAD F . 16.06 0.70 13.19
C3N NAD F . 14.89 0.00 13.48
C7N NAD F . 13.60 0.30 12.72
O7N NAD F . 12.70 -0.53 12.63
N7N NAD F . 13.58 1.50 12.15
C4N NAD F . 14.91 -1.00 14.45
C5N NAD F . 16.08 -1.31 15.14
C6N NAD F . 17.23 -0.61 14.85
PA NAD G . 14.64 10.80 -8.99
O1A NAD G . 15.14 11.00 -7.60
O2A NAD G . 14.10 9.49 -9.40
O5B NAD G . 15.76 11.23 -10.06
C5B NAD G . 16.82 12.11 -9.72
C4B NAD G . 18.11 11.42 -10.07
O4B NAD G . 19.21 12.36 -10.02
C3B NAD G . 18.38 10.36 -9.01
O3B NAD G . 18.66 9.14 -9.69
C2B NAD G . 19.64 10.87 -8.31
O2B NAD G . 20.43 9.74 -7.92
C1B NAD G . 20.31 11.67 -9.43
N9A NAD G . 21.21 12.74 -8.98
C8A NAD G . 21.20 13.34 -7.79
N7A NAD G . 22.15 14.26 -7.76
C5A NAD G . 22.78 14.25 -8.94
C6A NAD G . 23.84 14.99 -9.49
N6A NAD G . 24.44 15.92 -8.76
N1A NAD G . 24.22 14.72 -10.75
C2A NAD G . 23.62 13.78 -11.48
N3A NAD G . 22.62 13.08 -10.99
C4A NAD G . 22.17 13.28 -9.73
O3 NAD G . 13.51 11.93 -9.20
PN NAD G . 12.56 12.02 -10.48
O1N NAD G . 13.20 11.40 -11.64
O2N NAD G . 11.19 11.59 -10.10
O5D NAD G . 12.53 13.58 -10.69
C5D NAD G . 13.64 14.23 -11.31
C4D NAD G . 13.21 15.62 -11.70
O4D NAD G . 12.02 15.36 -12.49
C3D NAD G . 12.75 16.41 -10.49
O3D NAD G . 13.20 17.77 -10.68
C2D NAD G . 11.23 16.21 -10.54
O2D NAD G . 10.48 17.28 -9.98
C1D NAD G . 11.01 16.20 -12.03
N1N NAD G . 9.85 15.44 -12.49
C2N NAD G . 9.49 14.27 -11.82
C3N NAD G . 8.37 13.58 -12.26
C7N NAD G . 7.94 12.30 -11.57
O7N NAD G . 6.79 11.89 -11.70
N7N NAD G . 8.87 11.68 -10.85
C4N NAD G . 7.65 14.05 -13.37
C5N NAD G . 7.99 15.21 -14.03
C6N NAD G . 9.09 15.92 -13.58
C1 GOL H . 7.85 15.20 -6.96
O1 GOL H . 6.98 16.13 -7.56
C2 GOL H . 9.14 15.09 -7.77
O2 GOL H . 9.79 16.34 -7.71
C3 GOL H . 10.04 14.00 -7.19
O3 GOL H . 10.82 13.41 -8.20
PA NAD I . -19.00 -3.33 6.60
O1A NAD I . -19.21 -4.25 5.45
O2A NAD I . -17.72 -3.34 7.34
O5B NAD I . -20.24 -3.52 7.67
C5B NAD I . -21.39 -4.28 7.37
C4B NAD I . -21.47 -5.50 8.27
O4B NAD I . -22.82 -6.04 8.18
C3B NAD I . -20.51 -6.61 7.81
O3B NAD I . -19.71 -7.04 8.93
C2B NAD I . -21.46 -7.72 7.31
O2B NAD I . -20.95 -9.04 7.57
C1B NAD I . -22.72 -7.50 8.16
N9A NAD I . -23.98 -8.01 7.56
C8A NAD I . -24.20 -8.35 6.27
N7A NAD I . -25.46 -8.78 6.13
C5A NAD I . -26.05 -8.69 7.32
C6A NAD I . -27.32 -8.97 7.80
N6A NAD I . -28.28 -9.44 7.00
N1A NAD I . -27.58 -8.77 9.11
C2A NAD I . -26.65 -8.30 9.94
N3A NAD I . -25.43 -8.03 9.50
C4A NAD I . -25.10 -8.21 8.22
O3 NAD I . -19.24 -1.87 5.98
PN NAD I . -19.15 -0.49 6.79
O1N NAD I . -19.20 -0.68 8.27
O2N NAD I . -18.06 0.30 6.16
O5D NAD I . -20.46 0.23 6.31
C5D NAD I . -21.78 -0.26 6.51
C4D NAD I . -22.73 0.89 6.18
O4D NAD I . -22.15 2.11 6.77
C3D NAD I . -22.81 1.12 4.66
O3D NAD I . -24.10 1.60 4.33
C2D NAD I . -21.78 2.24 4.45
O2D NAD I . -22.07 2.98 3.25
C1D NAD I . -22.04 3.08 5.70
N1N NAD I . -20.95 3.97 6.11
C2N NAD I . -19.65 3.50 6.09
C3N NAD I . -18.61 4.33 6.46
C7N NAD I . -17.18 3.79 6.46
O7N NAD I . -16.21 4.54 6.31
N7N NAD I . -17.09 2.48 6.63
C4N NAD I . -18.90 5.64 6.86
C5N NAD I . -20.20 6.11 6.89
C6N NAD I . -21.24 5.28 6.50
#